data_7TM1
# 
_entry.id   7TM1 
# 
_audit_conform.dict_name       mmcif_pdbx.dic 
_audit_conform.dict_version    5.396 
_audit_conform.dict_location   http://mmcif.pdb.org/dictionaries/ascii/mmcif_pdbx.dic 
# 
loop_
_database_2.database_id 
_database_2.database_code 
_database_2.pdbx_database_accession 
_database_2.pdbx_DOI 
PDB   7TM1         pdb_00007tm1 10.2210/pdb7tm1/pdb 
WWPDB D_1000262534 ?            ?                   
# 
loop_
_pdbx_audit_revision_history.ordinal 
_pdbx_audit_revision_history.data_content_type 
_pdbx_audit_revision_history.major_revision 
_pdbx_audit_revision_history.minor_revision 
_pdbx_audit_revision_history.revision_date 
1 'Structure model' 1 0 2022-04-20 
2 'Structure model' 1 1 2022-04-27 
3 'Structure model' 1 2 2024-04-03 
4 'Structure model' 2 0 2024-09-25 
# 
_pdbx_audit_revision_details.ordinal             1 
_pdbx_audit_revision_details.revision_ordinal    1 
_pdbx_audit_revision_details.data_content_type   'Structure model' 
_pdbx_audit_revision_details.provider            repository 
_pdbx_audit_revision_details.type                'Initial release' 
_pdbx_audit_revision_details.description         ? 
_pdbx_audit_revision_details.details             ? 
# 
loop_
_pdbx_audit_revision_group.ordinal 
_pdbx_audit_revision_group.revision_ordinal 
_pdbx_audit_revision_group.data_content_type 
_pdbx_audit_revision_group.group 
1  2 'Structure model' 'Database references'    
2  3 'Structure model' 'Data collection'        
3  3 'Structure model' 'Refinement description' 
4  4 'Structure model' Advisory                 
5  4 'Structure model' 'Atomic model'           
6  4 'Structure model' 'Data collection'        
7  4 'Structure model' 'Database references'    
8  4 'Structure model' 'Derived calculations'   
9  4 'Structure model' 'Polymer sequence'       
10 4 'Structure model' 'Source and taxonomy'    
11 4 'Structure model' 'Structure summary'      
# 
loop_
_pdbx_audit_revision_category.ordinal 
_pdbx_audit_revision_category.revision_ordinal 
_pdbx_audit_revision_category.data_content_type 
_pdbx_audit_revision_category.category 
1  2 'Structure model' citation                      
2  3 'Structure model' chem_comp_atom                
3  3 'Structure model' chem_comp_bond                
4  3 'Structure model' pdbx_initial_refinement_model 
5  4 'Structure model' atom_site                     
6  4 'Structure model' atom_site_anisotrop           
7  4 'Structure model' entity                        
8  4 'Structure model' entity_poly                   
9  4 'Structure model' entity_poly_seq               
10 4 'Structure model' pdbx_entity_nonpoly           
11 4 'Structure model' pdbx_entity_src_syn           
12 4 'Structure model' pdbx_nonpoly_scheme           
13 4 'Structure model' pdbx_poly_seq_scheme          
14 4 'Structure model' pdbx_struct_assembly_gen      
15 4 'Structure model' pdbx_validate_symm_contact    
16 4 'Structure model' struct_asym                   
17 4 'Structure model' struct_conf                   
18 4 'Structure model' struct_conn                   
19 4 'Structure model' struct_ref                    
20 4 'Structure model' struct_ref_seq                
# 
loop_
_pdbx_audit_revision_item.ordinal 
_pdbx_audit_revision_item.revision_ordinal 
_pdbx_audit_revision_item.data_content_type 
_pdbx_audit_revision_item.item 
1  2 'Structure model' '_citation.journal_volume'                    
2  2 'Structure model' '_citation.page_first'                        
3  2 'Structure model' '_citation.page_last'                         
4  4 'Structure model' '_atom_site.B_iso_or_equiv'                   
5  4 'Structure model' '_atom_site.Cartn_x'                          
6  4 'Structure model' '_atom_site.Cartn_y'                          
7  4 'Structure model' '_atom_site.Cartn_z'                          
8  4 'Structure model' '_atom_site.auth_asym_id'                     
9  4 'Structure model' '_atom_site.auth_atom_id'                     
10 4 'Structure model' '_atom_site.auth_comp_id'                     
11 4 'Structure model' '_atom_site.auth_seq_id'                      
12 4 'Structure model' '_atom_site.group_PDB'                        
13 4 'Structure model' '_atom_site.label_alt_id'                     
14 4 'Structure model' '_atom_site.label_asym_id'                    
15 4 'Structure model' '_atom_site.label_atom_id'                    
16 4 'Structure model' '_atom_site.label_comp_id'                    
17 4 'Structure model' '_atom_site.label_entity_id'                  
18 4 'Structure model' '_atom_site.label_seq_id'                     
19 4 'Structure model' '_atom_site.occupancy'                        
20 4 'Structure model' '_atom_site.type_symbol'                      
21 4 'Structure model' '_atom_site_anisotrop.U[1][1]'                
22 4 'Structure model' '_atom_site_anisotrop.U[1][2]'                
23 4 'Structure model' '_atom_site_anisotrop.U[1][3]'                
24 4 'Structure model' '_atom_site_anisotrop.U[2][2]'                
25 4 'Structure model' '_atom_site_anisotrop.U[2][3]'                
26 4 'Structure model' '_atom_site_anisotrop.U[3][3]'                
27 4 'Structure model' '_atom_site_anisotrop.id'                     
28 4 'Structure model' '_atom_site_anisotrop.pdbx_auth_asym_id'      
29 4 'Structure model' '_atom_site_anisotrop.pdbx_auth_atom_id'      
30 4 'Structure model' '_atom_site_anisotrop.pdbx_auth_comp_id'      
31 4 'Structure model' '_atom_site_anisotrop.pdbx_auth_seq_id'       
32 4 'Structure model' '_atom_site_anisotrop.pdbx_label_alt_id'      
33 4 'Structure model' '_atom_site_anisotrop.pdbx_label_asym_id'     
34 4 'Structure model' '_atom_site_anisotrop.pdbx_label_atom_id'     
35 4 'Structure model' '_atom_site_anisotrop.pdbx_label_comp_id'     
36 4 'Structure model' '_atom_site_anisotrop.pdbx_label_seq_id'      
37 4 'Structure model' '_atom_site_anisotrop.type_symbol'            
38 4 'Structure model' '_entity_poly.pdbx_seq_one_letter_code'       
39 4 'Structure model' '_entity_poly.pdbx_seq_one_letter_code_can'   
40 4 'Structure model' '_pdbx_entity_src_syn.pdbx_end_seq_num'       
41 4 'Structure model' '_pdbx_struct_assembly_gen.asym_id_list'      
42 4 'Structure model' '_pdbx_validate_symm_contact.auth_atom_id_1'  
43 4 'Structure model' '_pdbx_validate_symm_contact.auth_atom_id_2'  
44 4 'Structure model' '_pdbx_validate_symm_contact.auth_comp_id_1'  
45 4 'Structure model' '_pdbx_validate_symm_contact.auth_comp_id_2'  
46 4 'Structure model' '_pdbx_validate_symm_contact.auth_seq_id_1'   
47 4 'Structure model' '_pdbx_validate_symm_contact.auth_seq_id_2'   
48 4 'Structure model' '_pdbx_validate_symm_contact.label_alt_id_1'  
49 4 'Structure model' '_pdbx_validate_symm_contact.label_alt_id_2'  
50 4 'Structure model' '_pdbx_validate_symm_contact.site_symmetry_2' 
51 4 'Structure model' '_struct_conf.beg_label_seq_id'               
52 4 'Structure model' '_struct_conf.end_label_seq_id'               
53 4 'Structure model' '_struct_conn.pdbx_dist_value'                
54 4 'Structure model' '_struct_conn.pdbx_leaving_atom_flag'         
55 4 'Structure model' '_struct_conn.pdbx_ptnr1_label_alt_id'        
56 4 'Structure model' '_struct_conn.pdbx_ptnr2_label_alt_id'        
57 4 'Structure model' '_struct_conn.ptnr1_auth_comp_id'             
58 4 'Structure model' '_struct_conn.ptnr1_auth_seq_id'              
59 4 'Structure model' '_struct_conn.ptnr1_label_asym_id'            
60 4 'Structure model' '_struct_conn.ptnr1_label_atom_id'            
61 4 'Structure model' '_struct_conn.ptnr1_label_comp_id'            
62 4 'Structure model' '_struct_conn.ptnr1_label_seq_id'             
63 4 'Structure model' '_struct_conn.ptnr2_auth_comp_id'             
64 4 'Structure model' '_struct_conn.ptnr2_auth_seq_id'              
65 4 'Structure model' '_struct_conn.ptnr2_label_asym_id'            
66 4 'Structure model' '_struct_conn.ptnr2_label_atom_id'            
67 4 'Structure model' '_struct_conn.ptnr2_label_comp_id'            
68 4 'Structure model' '_struct_conn.ptnr2_label_seq_id'             
69 4 'Structure model' '_struct_conn.ptnr2_symmetry'                 
70 4 'Structure model' '_struct_ref.entity_id'                       
71 4 'Structure model' '_struct_ref_seq.seq_align_beg'               
72 4 'Structure model' '_struct_ref_seq.seq_align_end'               
# 
_pdbx_database_status.status_code                     REL 
_pdbx_database_status.status_code_sf                  REL 
_pdbx_database_status.status_code_mr                  ? 
_pdbx_database_status.entry_id                        7TM1 
_pdbx_database_status.recvd_initial_deposition_date   2022-01-19 
_pdbx_database_status.SG_entry                        N 
_pdbx_database_status.deposit_site                    RCSB 
_pdbx_database_status.process_site                    RCSB 
_pdbx_database_status.status_code_cs                  ? 
_pdbx_database_status.status_code_nmr_data            ? 
_pdbx_database_status.methods_development_category    ? 
_pdbx_database_status.pdb_format_compatible           Y 
# 
_pdbx_contact_author.id                 2 
_pdbx_contact_author.email              andyn@uic.edu 
_pdbx_contact_author.name_first         Andy 
_pdbx_contact_author.name_last          Nguyen 
_pdbx_contact_author.name_mi            I. 
_pdbx_contact_author.role               'principal investigator/group leader' 
_pdbx_contact_author.identifier_ORCID   0000-0003-4137-6453 
# 
_audit_author.name               'Nguyen, A.I.' 
_audit_author.pdbx_ordinal       1 
_audit_author.identifier_ORCID   0000-0003-4137-6453 
# 
_citation.abstract                  ? 
_citation.abstract_id_CAS           ? 
_citation.book_id_ISBN              ? 
_citation.book_publisher            ? 
_citation.book_publisher_city       ? 
_citation.book_title                ? 
_citation.coordinate_linkage        ? 
_citation.country                   US 
_citation.database_id_Medline       ? 
_citation.details                   ? 
_citation.id                        primary 
_citation.journal_abbrev            J.Am.Chem.Soc. 
_citation.journal_id_ASTM           JACSAT 
_citation.journal_id_CSD            ? 
_citation.journal_id_ISSN           1520-5126 
_citation.journal_full              ? 
_citation.journal_issue             ? 
_citation.journal_volume            144 
_citation.language                  ? 
_citation.page_first                7001 
_citation.page_last                 7009 
_citation.title                     
'Assembly of pi-Stacking Helical Peptides into a Porous and Multivariable Proteomimetic Framework.' 
_citation.year                      2022 
_citation.database_id_CSD           ? 
_citation.pdbx_database_id_DOI      10.1021/jacs.2c02146 
_citation.pdbx_database_id_PubMed   35390261 
_citation.pdbx_database_id_patent   ? 
_citation.unpublished_flag          ? 
# 
loop_
_citation_author.citation_id 
_citation_author.name 
_citation_author.ordinal 
_citation_author.identifier_ORCID 
primary 'Heinz-Kunert, S.L.' 1 ?                   
primary 'Pandya, A.'         2 0000-0003-3303-1009 
primary 'Dang, V.T.'         3 ?                   
primary 'Tran, P.N.'         4 ?                   
primary 'Ghosh, S.'          5 ?                   
primary 'McElheny, D.'       6 ?                   
primary 'Santarsiero, B.D.'  7 0000-0002-9032-9699 
primary 'Ren, Z.'            8 0000-0001-7098-3127 
primary 'Nguyen, A.I.'       9 0000-0003-4137-6453 
# 
loop_
_entity.id 
_entity.type 
_entity.src_method 
_entity.pdbx_description 
_entity.formula_weight 
_entity.pdbx_number_of_molecules 
_entity.pdbx_ec 
_entity.pdbx_mutation 
_entity.pdbx_fragment 
_entity.details 
1 polymer     syn 'bipyridyl-conjugated helical peptide' 1434.707 3 ? ? ? ? 
2 non-polymer syn ACETONITRILE                           41.052   1 ? ? ? ? 
3 water       nat water                                  18.015   5 ? ? ? ? 
# 
_entity_poly.entity_id                      1 
_entity_poly.type                           'polypeptide(L)' 
_entity_poly.nstd_linkage                   no 
_entity_poly.nstd_monomer                   yes 
_entity_poly.pdbx_seq_one_letter_code       '(I6W)L(AIB)M(AIB)L(AIB)Q(AIB)L(I77)' 
_entity_poly.pdbx_seq_one_letter_code_can   XLAMALAQALX 
_entity_poly.pdbx_strand_id                 A,B,C 
_entity_poly.pdbx_target_identifier         ? 
# 
loop_
_pdbx_entity_nonpoly.entity_id 
_pdbx_entity_nonpoly.name 
_pdbx_entity_nonpoly.comp_id 
2 ACETONITRILE CCN 
3 water        HOH 
# 
loop_
_entity_poly_seq.entity_id 
_entity_poly_seq.num 
_entity_poly_seq.mon_id 
_entity_poly_seq.hetero 
1 1  I6W n 
1 2  LEU n 
1 3  AIB n 
1 4  MET n 
1 5  AIB n 
1 6  LEU n 
1 7  AIB n 
1 8  GLN n 
1 9  AIB n 
1 10 LEU n 
1 11 I77 n 
# 
_pdbx_entity_src_syn.entity_id              1 
_pdbx_entity_src_syn.pdbx_src_id            1 
_pdbx_entity_src_syn.pdbx_alt_source_flag   sample 
_pdbx_entity_src_syn.pdbx_beg_seq_num       1 
_pdbx_entity_src_syn.pdbx_end_seq_num       11 
_pdbx_entity_src_syn.organism_scientific    'synthetic construct' 
_pdbx_entity_src_syn.organism_common_name   ? 
_pdbx_entity_src_syn.ncbi_taxonomy_id       32630 
_pdbx_entity_src_syn.details                ? 
# 
loop_
_chem_comp.id 
_chem_comp.type 
_chem_comp.mon_nstd_flag 
_chem_comp.name 
_chem_comp.pdbx_synonyms 
_chem_comp.formula 
_chem_comp.formula_weight 
AIB 'L-peptide linking' n 'ALPHA-AMINOISOBUTYRIC ACID'                            ? 'C4 H9 N O2'    103.120 
CCN non-polymer         . ACETONITRILE                                            ? 'C2 H3 N'       41.052  
GLN 'L-peptide linking' y GLUTAMINE                                               ? 'C5 H10 N2 O3'  146.144 
HOH non-polymer         . WATER                                                   ? 'H2 O'          18.015  
I6W non-polymer         . 
;ethyl 5'-formyl[2,2'-bipyridine]-5-carboxylate
;
? 'C14 H12 N2 O3' 256.257 
I77 non-polymer         . "5'-(hydrazinecarbonyl)[2,2'-bipyridine]-5-carboxamide" ? 'C12 H11 N5 O2' 257.248 
LEU 'L-peptide linking' y LEUCINE                                                 ? 'C6 H13 N O2'   131.173 
MET 'L-peptide linking' y METHIONINE                                              ? 'C5 H11 N O2 S' 149.211 
# 
loop_
_pdbx_poly_seq_scheme.asym_id 
_pdbx_poly_seq_scheme.entity_id 
_pdbx_poly_seq_scheme.seq_id 
_pdbx_poly_seq_scheme.mon_id 
_pdbx_poly_seq_scheme.ndb_seq_num 
_pdbx_poly_seq_scheme.pdb_seq_num 
_pdbx_poly_seq_scheme.auth_seq_num 
_pdbx_poly_seq_scheme.pdb_mon_id 
_pdbx_poly_seq_scheme.auth_mon_id 
_pdbx_poly_seq_scheme.pdb_strand_id 
_pdbx_poly_seq_scheme.pdb_ins_code 
_pdbx_poly_seq_scheme.hetero 
A 1 1  I6W 1  1  1  I6W BPE A . n 
A 1 2  LEU 2  2  2  LEU LEU A . n 
A 1 3  AIB 3  3  3  AIB AIB A . n 
A 1 4  MET 4  4  4  MET MET A . n 
A 1 5  AIB 5  5  5  AIB AIB A . n 
A 1 6  LEU 6  6  6  LEU LEU A . n 
A 1 7  AIB 7  7  7  AIB AIB A . n 
A 1 8  GLN 8  8  8  GLN GLN A . n 
A 1 9  AIB 9  9  9  AIB AIB A . n 
A 1 10 LEU 10 10 10 LEU LEU A . n 
A 1 11 I77 11 11 11 I77 BPH A . n 
B 1 1  I6W 1  1  1  I6W BPE B . n 
B 1 2  LEU 2  2  2  LEU LEU B . n 
B 1 3  AIB 3  3  3  AIB AIB B . n 
B 1 4  MET 4  4  4  MET MET B . n 
B 1 5  AIB 5  5  5  AIB AIB B . n 
B 1 6  LEU 6  6  6  LEU LEU B . n 
B 1 7  AIB 7  7  7  AIB AIB B . n 
B 1 8  GLN 8  8  8  GLN GLN B . n 
B 1 9  AIB 9  9  9  AIB AIB B . n 
B 1 10 LEU 10 10 10 LEU LEU B . n 
B 1 11 I77 11 11 11 I77 BPH B . n 
C 1 1  I6W 1  1  1  I6W BPE C . n 
C 1 2  LEU 2  2  2  LEU LEU C . n 
C 1 3  AIB 3  3  3  AIB AIB C . n 
C 1 4  MET 4  4  4  MET MET C . n 
C 1 5  AIB 5  5  5  AIB AIB C . n 
C 1 6  LEU 6  6  6  LEU LEU C . n 
C 1 7  AIB 7  7  7  AIB AIB C . n 
C 1 8  GLN 8  8  8  GLN GLN C . n 
C 1 9  AIB 9  9  9  AIB AIB C . n 
C 1 10 LEU 10 10 10 LEU LEU C . n 
C 1 11 I77 11 11 11 I77 BPH C . n 
# 
loop_
_pdbx_nonpoly_scheme.asym_id 
_pdbx_nonpoly_scheme.entity_id 
_pdbx_nonpoly_scheme.mon_id 
_pdbx_nonpoly_scheme.ndb_seq_num 
_pdbx_nonpoly_scheme.pdb_seq_num 
_pdbx_nonpoly_scheme.auth_seq_num 
_pdbx_nonpoly_scheme.pdb_mon_id 
_pdbx_nonpoly_scheme.auth_mon_id 
_pdbx_nonpoly_scheme.pdb_strand_id 
_pdbx_nonpoly_scheme.pdb_ins_code 
D 2 CCN 1 201 1 CCN ACN A . 
E 3 HOH 1 201 3 HOH HOH B . 
F 3 HOH 1 201 2 HOH HOH C . 
F 3 HOH 2 202 1 HOH HOH C . 
F 3 HOH 3 203 4 HOH HOH C . 
F 3 HOH 4 204 5 HOH HOH C . 
# 
loop_
_software.citation_id 
_software.classification 
_software.compiler_name 
_software.compiler_version 
_software.contact_author 
_software.contact_author_email 
_software.date 
_software.description 
_software.dependencies 
_software.hardware 
_software.language 
_software.location 
_software.mods 
_software.name 
_software.os 
_software.os_version 
_software.type 
_software.version 
_software.pdbx_ordinal 
? refinement       ? ? ? ? ? ? ? ? ? ? ? PHENIX ? ? ? 1.19.2_4158 1 
? 'data reduction' ? ? ? ? ? ? ? ? ? ? ? XDS    ? ? ? .           2 
? 'data scaling'   ? ? ? ? ? ? ? ? ? ? ? XDS    ? ? ? .           3 
? phasing          ? ? ? ? ? ? ? ? ? ? ? PHASER ? ? ? .           4 
# 
_cell.angle_alpha                  90.000 
_cell.angle_alpha_esd              ? 
_cell.angle_beta                   107.416 
_cell.angle_beta_esd               ? 
_cell.angle_gamma                  90.000 
_cell.angle_gamma_esd              ? 
_cell.entry_id                     7TM1 
_cell.details                      ? 
_cell.formula_units_Z              ? 
_cell.length_a                     78.749 
_cell.length_a_esd                 ? 
_cell.length_b                     11.566 
_cell.length_b_esd                 ? 
_cell.length_c                     27.904 
_cell.length_c_esd                 ? 
_cell.volume                       24250.151 
_cell.volume_esd                   ? 
_cell.Z_PDB                        12 
_cell.reciprocal_angle_alpha       ? 
_cell.reciprocal_angle_beta        ? 
_cell.reciprocal_angle_gamma       ? 
_cell.reciprocal_angle_alpha_esd   ? 
_cell.reciprocal_angle_beta_esd    ? 
_cell.reciprocal_angle_gamma_esd   ? 
_cell.reciprocal_length_a          ? 
_cell.reciprocal_length_b          ? 
_cell.reciprocal_length_c          ? 
_cell.reciprocal_length_a_esd      ? 
_cell.reciprocal_length_b_esd      ? 
_cell.reciprocal_length_c_esd      ? 
_cell.pdbx_unique_axis             ? 
# 
_symmetry.entry_id                         7TM1 
_symmetry.cell_setting                     ? 
_symmetry.Int_Tables_number                5 
_symmetry.space_group_name_Hall            'C 2y' 
_symmetry.space_group_name_H-M             'C 1 2 1' 
_symmetry.pdbx_full_space_group_name_H-M   ? 
# 
_exptl.absorpt_coefficient_mu     ? 
_exptl.absorpt_correction_T_max   ? 
_exptl.absorpt_correction_T_min   ? 
_exptl.absorpt_correction_type    ? 
_exptl.absorpt_process_details    ? 
_exptl.entry_id                   7TM1 
_exptl.crystals_number            1 
_exptl.details                    ? 
_exptl.method                     'X-RAY DIFFRACTION' 
_exptl.method_details             ? 
# 
_exptl_crystal.colour                      ? 
_exptl_crystal.density_diffrn              ? 
_exptl_crystal.density_Matthews            2.11 
_exptl_crystal.density_method              ? 
_exptl_crystal.density_percent_sol         41.73 
_exptl_crystal.description                 ? 
_exptl_crystal.F_000                       ? 
_exptl_crystal.id                          1 
_exptl_crystal.preparation                 ? 
_exptl_crystal.size_max                    ? 
_exptl_crystal.size_mid                    ? 
_exptl_crystal.size_min                    ? 
_exptl_crystal.size_rad                    ? 
_exptl_crystal.colour_lustre               ? 
_exptl_crystal.colour_modifier             ? 
_exptl_crystal.colour_primary              ? 
_exptl_crystal.density_meas                ? 
_exptl_crystal.density_meas_esd            ? 
_exptl_crystal.density_meas_gt             ? 
_exptl_crystal.density_meas_lt             ? 
_exptl_crystal.density_meas_temp           ? 
_exptl_crystal.density_meas_temp_esd       ? 
_exptl_crystal.density_meas_temp_gt        ? 
_exptl_crystal.density_meas_temp_lt        ? 
_exptl_crystal.pdbx_crystal_image_url      ? 
_exptl_crystal.pdbx_crystal_image_format   ? 
_exptl_crystal.pdbx_mosaicity              ? 
_exptl_crystal.pdbx_mosaicity_esd          ? 
# 
_exptl_crystal_grow.apparatus       ? 
_exptl_crystal_grow.atmosphere      ? 
_exptl_crystal_grow.crystal_id      1 
_exptl_crystal_grow.details         ? 
_exptl_crystal_grow.method          'SLOW COOLING' 
_exptl_crystal_grow.method_ref      ? 
_exptl_crystal_grow.pH              ? 
_exptl_crystal_grow.pressure        ? 
_exptl_crystal_grow.pressure_esd    ? 
_exptl_crystal_grow.seeding         ? 
_exptl_crystal_grow.seeding_ref     ? 
_exptl_crystal_grow.temp            298 
_exptl_crystal_grow.temp_details    ? 
_exptl_crystal_grow.temp_esd        ? 
_exptl_crystal_grow.time            ? 
_exptl_crystal_grow.pdbx_details    'water and acetonitrile' 
_exptl_crystal_grow.pdbx_pH_range   ? 
# 
_diffrn.ambient_environment              ? 
_diffrn.ambient_temp                     100 
_diffrn.ambient_temp_details             ? 
_diffrn.ambient_temp_esd                 ? 
_diffrn.crystal_id                       1 
_diffrn.crystal_support                  ? 
_diffrn.crystal_treatment                ? 
_diffrn.details                          ? 
_diffrn.id                               1 
_diffrn.ambient_pressure                 ? 
_diffrn.ambient_pressure_esd             ? 
_diffrn.ambient_pressure_gt              ? 
_diffrn.ambient_pressure_lt              ? 
_diffrn.ambient_temp_gt                  ? 
_diffrn.ambient_temp_lt                  ? 
_diffrn.pdbx_serial_crystal_experiment   N 
# 
_diffrn_detector.details                      ? 
_diffrn_detector.detector                     PIXEL 
_diffrn_detector.diffrn_id                    1 
_diffrn_detector.type                         'DECTRIS EIGER X 9M' 
_diffrn_detector.area_resol_mean              ? 
_diffrn_detector.dtime                        ? 
_diffrn_detector.pdbx_frames_total            ? 
_diffrn_detector.pdbx_collection_time_total   ? 
_diffrn_detector.pdbx_collection_date         2021-06-28 
_diffrn_detector.pdbx_frequency               ? 
# 
_diffrn_radiation.collimation                      ? 
_diffrn_radiation.diffrn_id                        1 
_diffrn_radiation.filter_edge                      ? 
_diffrn_radiation.inhomogeneity                    ? 
_diffrn_radiation.monochromator                    ? 
_diffrn_radiation.polarisn_norm                    ? 
_diffrn_radiation.polarisn_ratio                   ? 
_diffrn_radiation.probe                            ? 
_diffrn_radiation.type                             ? 
_diffrn_radiation.xray_symbol                      ? 
_diffrn_radiation.wavelength_id                    1 
_diffrn_radiation.pdbx_monochromatic_or_laue_m_l   M 
_diffrn_radiation.pdbx_wavelength_list             ? 
_diffrn_radiation.pdbx_wavelength                  ? 
_diffrn_radiation.pdbx_diffrn_protocol             'SINGLE WAVELENGTH' 
_diffrn_radiation.pdbx_analyzer                    ? 
_diffrn_radiation.pdbx_scattering_type             x-ray 
# 
_diffrn_radiation_wavelength.id           1 
_diffrn_radiation_wavelength.wavelength   0.976 
_diffrn_radiation_wavelength.wt           1.0 
# 
_diffrn_source.current                     ? 
_diffrn_source.details                     ? 
_diffrn_source.diffrn_id                   1 
_diffrn_source.power                       ? 
_diffrn_source.size                        ? 
_diffrn_source.source                      SYNCHROTRON 
_diffrn_source.target                      ? 
_diffrn_source.type                        'APS BEAMLINE 21-ID-D' 
_diffrn_source.voltage                     ? 
_diffrn_source.take-off_angle              ? 
_diffrn_source.pdbx_wavelength_list        0.976 
_diffrn_source.pdbx_wavelength             ? 
_diffrn_source.pdbx_synchrotron_beamline   21-ID-D 
_diffrn_source.pdbx_synchrotron_site       APS 
# 
_reflns.B_iso_Wilson_estimate                          6.94 
_reflns.entry_id                                       7TM1 
_reflns.data_reduction_details                         ? 
_reflns.data_reduction_method                          ? 
_reflns.d_resolution_high                              1.1 
_reflns.d_resolution_low                               26.62 
_reflns.details                                        ? 
_reflns.limit_h_max                                    ? 
_reflns.limit_h_min                                    ? 
_reflns.limit_k_max                                    ? 
_reflns.limit_k_min                                    ? 
_reflns.limit_l_max                                    ? 
_reflns.limit_l_min                                    ? 
_reflns.number_all                                     ? 
_reflns.number_obs                                     17817 
_reflns.observed_criterion                             ? 
_reflns.observed_criterion_F_max                       ? 
_reflns.observed_criterion_F_min                       ? 
_reflns.observed_criterion_I_max                       ? 
_reflns.observed_criterion_I_min                       ? 
_reflns.observed_criterion_sigma_F                     ? 
_reflns.observed_criterion_sigma_I                     ? 
_reflns.percent_possible_obs                           95.64 
_reflns.R_free_details                                 ? 
_reflns.Rmerge_F_all                                   ? 
_reflns.Rmerge_F_obs                                   ? 
_reflns.Friedel_coverage                               ? 
_reflns.number_gt                                      ? 
_reflns.threshold_expression                           ? 
_reflns.pdbx_redundancy                                3.9 
_reflns.pdbx_Rmerge_I_obs                              .228 
_reflns.pdbx_Rmerge_I_all                              ? 
_reflns.pdbx_Rsym_value                                ? 
_reflns.pdbx_netI_over_av_sigmaI                       ? 
_reflns.pdbx_netI_over_sigmaI                          9.55 
_reflns.pdbx_res_netI_over_av_sigmaI_2                 ? 
_reflns.pdbx_res_netI_over_sigmaI_2                    ? 
_reflns.pdbx_chi_squared                               ? 
_reflns.pdbx_scaling_rejects                           ? 
_reflns.pdbx_d_res_high_opt                            ? 
_reflns.pdbx_d_res_low_opt                             ? 
_reflns.pdbx_d_res_opt_method                          ? 
_reflns.phase_calculation_details                      ? 
_reflns.pdbx_Rrim_I_all                                ? 
_reflns.pdbx_Rpim_I_all                                ? 
_reflns.pdbx_d_opt                                     ? 
_reflns.pdbx_number_measured_all                       ? 
_reflns.pdbx_diffrn_id                                 1 
_reflns.pdbx_ordinal                                   1 
_reflns.pdbx_CC_half                                   .97 
_reflns.pdbx_CC_star                                   ? 
_reflns.pdbx_R_split                                   ? 
_reflns.pdbx_aniso_diffraction_limit_axis_1_ortho[1]   ? 
_reflns.pdbx_aniso_diffraction_limit_axis_1_ortho[2]   ? 
_reflns.pdbx_aniso_diffraction_limit_axis_1_ortho[3]   ? 
_reflns.pdbx_aniso_diffraction_limit_axis_2_ortho[1]   ? 
_reflns.pdbx_aniso_diffraction_limit_axis_2_ortho[2]   ? 
_reflns.pdbx_aniso_diffraction_limit_axis_2_ortho[3]   ? 
_reflns.pdbx_aniso_diffraction_limit_axis_3_ortho[1]   ? 
_reflns.pdbx_aniso_diffraction_limit_axis_3_ortho[2]   ? 
_reflns.pdbx_aniso_diffraction_limit_axis_3_ortho[3]   ? 
_reflns.pdbx_aniso_diffraction_limit_1                 ? 
_reflns.pdbx_aniso_diffraction_limit_2                 ? 
_reflns.pdbx_aniso_diffraction_limit_3                 ? 
_reflns.pdbx_aniso_B_tensor_eigenvector_1_ortho[1]     ? 
_reflns.pdbx_aniso_B_tensor_eigenvector_1_ortho[2]     ? 
_reflns.pdbx_aniso_B_tensor_eigenvector_1_ortho[3]     ? 
_reflns.pdbx_aniso_B_tensor_eigenvector_2_ortho[1]     ? 
_reflns.pdbx_aniso_B_tensor_eigenvector_2_ortho[2]     ? 
_reflns.pdbx_aniso_B_tensor_eigenvector_2_ortho[3]     ? 
_reflns.pdbx_aniso_B_tensor_eigenvector_3_ortho[1]     ? 
_reflns.pdbx_aniso_B_tensor_eigenvector_3_ortho[2]     ? 
_reflns.pdbx_aniso_B_tensor_eigenvector_3_ortho[3]     ? 
_reflns.pdbx_aniso_B_tensor_eigenvalue_1               ? 
_reflns.pdbx_aniso_B_tensor_eigenvalue_2               ? 
_reflns.pdbx_aniso_B_tensor_eigenvalue_3               ? 
_reflns.pdbx_orthogonalization_convention              ? 
_reflns.pdbx_percent_possible_ellipsoidal              ? 
_reflns.pdbx_percent_possible_spherical                ? 
_reflns.pdbx_percent_possible_ellipsoidal_anomalous    ? 
_reflns.pdbx_percent_possible_spherical_anomalous      ? 
_reflns.pdbx_redundancy_anomalous                      ? 
_reflns.pdbx_CC_half_anomalous                         ? 
_reflns.pdbx_absDiff_over_sigma_anomalous              ? 
_reflns.pdbx_percent_possible_anomalous                ? 
_reflns.pdbx_observed_signal_threshold                 ? 
_reflns.pdbx_signal_type                               ? 
_reflns.pdbx_signal_details                            ? 
_reflns.pdbx_signal_software_id                        ? 
# 
_reflns_shell.d_res_high                                    1.1 
_reflns_shell.d_res_low                                     1.139 
_reflns_shell.meanI_over_sigI_all                           ? 
_reflns_shell.meanI_over_sigI_obs                           ? 
_reflns_shell.number_measured_all                           ? 
_reflns_shell.number_measured_obs                           ? 
_reflns_shell.number_possible                               ? 
_reflns_shell.number_unique_all                             ? 
_reflns_shell.number_unique_obs                             849 
_reflns_shell.percent_possible_all                          ? 
_reflns_shell.percent_possible_obs                          ? 
_reflns_shell.Rmerge_F_all                                  ? 
_reflns_shell.Rmerge_F_obs                                  ? 
_reflns_shell.Rmerge_I_all                                  ? 
_reflns_shell.Rmerge_I_obs                                  .78 
_reflns_shell.meanI_over_sigI_gt                            ? 
_reflns_shell.meanI_over_uI_all                             ? 
_reflns_shell.meanI_over_uI_gt                              ? 
_reflns_shell.number_measured_gt                            ? 
_reflns_shell.number_unique_gt                              ? 
_reflns_shell.percent_possible_gt                           ? 
_reflns_shell.Rmerge_F_gt                                   ? 
_reflns_shell.Rmerge_I_gt                                   ? 
_reflns_shell.pdbx_redundancy                               ? 
_reflns_shell.pdbx_Rsym_value                               ? 
_reflns_shell.pdbx_chi_squared                              ? 
_reflns_shell.pdbx_netI_over_sigmaI_all                     ? 
_reflns_shell.pdbx_netI_over_sigmaI_obs                     ? 
_reflns_shell.pdbx_Rrim_I_all                               ? 
_reflns_shell.pdbx_Rpim_I_all                               ? 
_reflns_shell.pdbx_rejects                                  ? 
_reflns_shell.pdbx_ordinal                                  1 
_reflns_shell.pdbx_diffrn_id                                1 
_reflns_shell.pdbx_CC_half                                  .792 
_reflns_shell.pdbx_CC_star                                  ? 
_reflns_shell.pdbx_R_split                                  ? 
_reflns_shell.pdbx_percent_possible_ellipsoidal             ? 
_reflns_shell.pdbx_percent_possible_spherical               ? 
_reflns_shell.pdbx_percent_possible_ellipsoidal_anomalous   ? 
_reflns_shell.pdbx_percent_possible_spherical_anomalous     ? 
_reflns_shell.pdbx_redundancy_anomalous                     ? 
_reflns_shell.pdbx_CC_half_anomalous                        ? 
_reflns_shell.pdbx_absDiff_over_sigma_anomalous             ? 
_reflns_shell.pdbx_percent_possible_anomalous               ? 
# 
_refine.aniso_B[1][1]                            ? 
_refine.aniso_B[1][2]                            ? 
_refine.aniso_B[1][3]                            ? 
_refine.aniso_B[2][2]                            ? 
_refine.aniso_B[2][3]                            ? 
_refine.aniso_B[3][3]                            ? 
_refine.B_iso_max                                ? 
_refine.B_iso_mean                               9.75 
_refine.B_iso_min                                ? 
_refine.correlation_coeff_Fo_to_Fc               ? 
_refine.correlation_coeff_Fo_to_Fc_free          ? 
_refine.details                                  ? 
_refine.diff_density_max                         ? 
_refine.diff_density_max_esd                     ? 
_refine.diff_density_min                         ? 
_refine.diff_density_min_esd                     ? 
_refine.diff_density_rms                         ? 
_refine.diff_density_rms_esd                     ? 
_refine.entry_id                                 7TM1 
_refine.pdbx_refine_id                           'X-RAY DIFFRACTION' 
_refine.ls_abs_structure_details                 ? 
_refine.ls_abs_structure_Flack                   ? 
_refine.ls_abs_structure_Flack_esd               ? 
_refine.ls_abs_structure_Rogers                  ? 
_refine.ls_abs_structure_Rogers_esd              ? 
_refine.ls_d_res_high                            1.10 
_refine.ls_d_res_low                             26.62 
_refine.ls_extinction_coef                       ? 
_refine.ls_extinction_coef_esd                   ? 
_refine.ls_extinction_expression                 ? 
_refine.ls_extinction_method                     ? 
_refine.ls_goodness_of_fit_all                   ? 
_refine.ls_goodness_of_fit_all_esd               ? 
_refine.ls_goodness_of_fit_obs                   ? 
_refine.ls_goodness_of_fit_obs_esd               ? 
_refine.ls_hydrogen_treatment                    ? 
_refine.ls_matrix_type                           ? 
_refine.ls_number_constraints                    ? 
_refine.ls_number_parameters                     ? 
_refine.ls_number_reflns_all                     ? 
_refine.ls_number_reflns_obs                     17817 
_refine.ls_number_reflns_R_free                  1749 
_refine.ls_number_reflns_R_work                  16068 
_refine.ls_number_restraints                     ? 
_refine.ls_percent_reflns_obs                    93.25 
_refine.ls_percent_reflns_R_free                 9.82 
_refine.ls_R_factor_all                          ? 
_refine.ls_R_factor_obs                          0.1467 
_refine.ls_R_factor_R_free                       0.1628 
_refine.ls_R_factor_R_free_error                 ? 
_refine.ls_R_factor_R_free_error_details         ? 
_refine.ls_R_factor_R_work                       0.1448 
_refine.ls_R_Fsqd_factor_obs                     ? 
_refine.ls_R_I_factor_obs                        ? 
_refine.ls_redundancy_reflns_all                 ? 
_refine.ls_redundancy_reflns_obs                 ? 
_refine.ls_restrained_S_all                      ? 
_refine.ls_restrained_S_obs                      ? 
_refine.ls_shift_over_esd_max                    ? 
_refine.ls_shift_over_esd_mean                   ? 
_refine.ls_structure_factor_coef                 ? 
_refine.ls_weighting_details                     ? 
_refine.ls_weighting_scheme                      ? 
_refine.ls_wR_factor_all                         ? 
_refine.ls_wR_factor_obs                         ? 
_refine.ls_wR_factor_R_free                      ? 
_refine.ls_wR_factor_R_work                      ? 
_refine.occupancy_max                            ? 
_refine.occupancy_min                            ? 
_refine.solvent_model_details                    'FLAT BULK SOLVENT MODEL' 
_refine.solvent_model_param_bsol                 ? 
_refine.solvent_model_param_ksol                 ? 
_refine.pdbx_R_complete                          ? 
_refine.ls_R_factor_gt                           ? 
_refine.ls_goodness_of_fit_gt                    ? 
_refine.ls_goodness_of_fit_ref                   ? 
_refine.ls_shift_over_su_max                     ? 
_refine.ls_shift_over_su_max_lt                  ? 
_refine.ls_shift_over_su_mean                    ? 
_refine.ls_shift_over_su_mean_lt                 ? 
_refine.pdbx_ls_sigma_I                          ? 
_refine.pdbx_ls_sigma_F                          1.34 
_refine.pdbx_ls_sigma_Fsqd                       ? 
_refine.pdbx_data_cutoff_high_absF               ? 
_refine.pdbx_data_cutoff_high_rms_absF           ? 
_refine.pdbx_data_cutoff_low_absF                ? 
_refine.pdbx_isotropic_thermal_model             ? 
_refine.pdbx_ls_cross_valid_method               'FREE R-VALUE' 
_refine.pdbx_method_to_determine_struct          'MOLECULAR REPLACEMENT' 
_refine.pdbx_starting_model                      'energy minimized helix' 
_refine.pdbx_stereochemistry_target_values       'GeoStd + Monomer Library + CDL v1.2' 
_refine.pdbx_R_Free_selection_details            ? 
_refine.pdbx_stereochem_target_val_spec_case     ? 
_refine.pdbx_overall_ESU_R                       ? 
_refine.pdbx_overall_ESU_R_Free                  ? 
_refine.pdbx_solvent_vdw_probe_radii             1.1100 
_refine.pdbx_solvent_ion_probe_radii             ? 
_refine.pdbx_solvent_shrinkage_radii             0.9000 
_refine.pdbx_real_space_R                        ? 
_refine.pdbx_density_correlation                 ? 
_refine.pdbx_pd_number_of_powder_patterns        ? 
_refine.pdbx_pd_number_of_points                 ? 
_refine.pdbx_pd_meas_number_of_points            ? 
_refine.pdbx_pd_proc_ls_prof_R_factor            ? 
_refine.pdbx_pd_proc_ls_prof_wR_factor           ? 
_refine.pdbx_pd_Marquardt_correlation_coeff      ? 
_refine.pdbx_pd_Fsqrd_R_factor                   ? 
_refine.pdbx_pd_ls_matrix_band_width             ? 
_refine.pdbx_overall_phase_error                 21.1770 
_refine.pdbx_overall_SU_R_free_Cruickshank_DPI   ? 
_refine.pdbx_overall_SU_R_free_Blow_DPI          ? 
_refine.pdbx_overall_SU_R_Blow_DPI               ? 
_refine.pdbx_TLS_residual_ADP_flag               ? 
_refine.pdbx_diffrn_id                           1 
_refine.overall_SU_B                             ? 
_refine.overall_SU_ML                            0.0898 
_refine.overall_SU_R_Cruickshank_DPI             ? 
_refine.overall_SU_R_free                        ? 
_refine.overall_FOM_free_R_set                   ? 
_refine.overall_FOM_work_R_set                   ? 
_refine.pdbx_average_fsc_overall                 ? 
_refine.pdbx_average_fsc_work                    ? 
_refine.pdbx_average_fsc_free                    ? 
# 
_refine_hist.pdbx_refine_id                   'X-RAY DIFFRACTION' 
_refine_hist.cycle_id                         LAST 
_refine_hist.details                          ? 
_refine_hist.d_res_high                       1.10 
_refine_hist.d_res_low                        26.62 
_refine_hist.number_atoms_solvent             5 
_refine_hist.number_atoms_total               317 
_refine_hist.number_reflns_all                ? 
_refine_hist.number_reflns_obs                ? 
_refine_hist.number_reflns_R_free             ? 
_refine_hist.number_reflns_R_work             ? 
_refine_hist.R_factor_all                     ? 
_refine_hist.R_factor_obs                     ? 
_refine_hist.R_factor_R_free                  ? 
_refine_hist.R_factor_R_work                  ? 
_refine_hist.pdbx_number_residues_total       ? 
_refine_hist.pdbx_B_iso_mean_ligand           ? 
_refine_hist.pdbx_B_iso_mean_solvent          ? 
_refine_hist.pdbx_number_atoms_protein        252 
_refine_hist.pdbx_number_atoms_nucleic_acid   0 
_refine_hist.pdbx_number_atoms_ligand         60 
_refine_hist.pdbx_number_atoms_lipid          ? 
_refine_hist.pdbx_number_atoms_carb           ? 
_refine_hist.pdbx_pseudo_atom_details         ? 
# 
loop_
_refine_ls_restr.pdbx_refine_id 
_refine_ls_restr.criterion 
_refine_ls_restr.dev_ideal 
_refine_ls_restr.dev_ideal_target 
_refine_ls_restr.number 
_refine_ls_restr.rejects 
_refine_ls_restr.type 
_refine_ls_restr.weight 
_refine_ls_restr.pdbx_restraint_function 
'X-RAY DIFFRACTION' ? 0.0124  ? 383 ? f_bond_d           ? ? 
'X-RAY DIFFRACTION' ? 2.2411  ? 530 ? f_angle_d          ? ? 
'X-RAY DIFFRACTION' ? 0.0451  ? 25  ? f_chiral_restr     ? ? 
'X-RAY DIFFRACTION' ? 0.0132  ? 62  ? f_plane_restr      ? ? 
'X-RAY DIFFRACTION' ? 43.1742 ? 68  ? f_dihedral_angle_d ? ? 
# 
loop_
_refine_ls_shell.pdbx_refine_id 
_refine_ls_shell.d_res_high 
_refine_ls_shell.d_res_low 
_refine_ls_shell.number_reflns_all 
_refine_ls_shell.number_reflns_obs 
_refine_ls_shell.number_reflns_R_free 
_refine_ls_shell.number_reflns_R_work 
_refine_ls_shell.percent_reflns_obs 
_refine_ls_shell.percent_reflns_R_free 
_refine_ls_shell.R_factor_all 
_refine_ls_shell.R_factor_obs 
_refine_ls_shell.R_factor_R_free 
_refine_ls_shell.R_factor_R_free_error 
_refine_ls_shell.R_factor_R_work 
_refine_ls_shell.redundancy_reflns_all 
_refine_ls_shell.redundancy_reflns_obs 
_refine_ls_shell.wR_factor_all 
_refine_ls_shell.wR_factor_obs 
_refine_ls_shell.wR_factor_R_free 
_refine_ls_shell.wR_factor_R_work 
_refine_ls_shell.pdbx_R_complete 
_refine_ls_shell.pdbx_total_number_of_bins_used 
_refine_ls_shell.pdbx_phase_error 
_refine_ls_shell.pdbx_fsc_work 
_refine_ls_shell.pdbx_fsc_free 
'X-RAY DIFFRACTION' 1.10 1.13  . . 111 1150 77.98 . . . 0.2354 . 0.2196 . . . . . . . . . . . 
'X-RAY DIFFRACTION' 1.13 1.17  . . 144 1371 92.21 . . . 0.2536 . 0.1957 . . . . . . . . . . . 
'X-RAY DIFFRACTION' 1.17 1.21  . . 140 1365 97.66 . . . 0.2135 . 0.2049 . . . . . . . . . . . 
'X-RAY DIFFRACTION' 1.21 1.26  . . 160 1375 96.12 . . . 0.2553 . 0.1941 . . . . . . . . . . . 
'X-RAY DIFFRACTION' 1.26 1.32  . . 150 1373 95.67 . . . 0.2279 . 0.1951 . . . . . . . . . . . 
'X-RAY DIFFRACTION' 1.32 1.39  . . 136 1353 93.94 . . . 0.1865 . 0.1839 . . . . . . . . . . . 
'X-RAY DIFFRACTION' 1.39 1.47  . . 153 1299 91.49 . . . 0.2097 . 0.1536 . . . . . . . . . . . 
'X-RAY DIFFRACTION' 1.47 1.59  . . 151 1395 96.81 . . . 0.1589 . 0.1364 . . . . . . . . . . . 
'X-RAY DIFFRACTION' 1.59 1.75  . . 155 1343 95.84 . . . 0.1581 . 0.1297 . . . . . . . . . . . 
'X-RAY DIFFRACTION' 1.75 2.00  . . 162 1386 95.91 . . . 0.1529 . 0.1343 . . . . . . . . . . . 
'X-RAY DIFFRACTION' 2.00 2.52  . . 145 1282 90.32 . . . 0.1481 . 0.1165 . . . . . . . . . . . 
'X-RAY DIFFRACTION' 2.52 26.62 . . 142 1376 95.41 . . . 0.1012 . 0.1162 . . . . . . . . . . . 
# 
_struct.entry_id                     7TM1 
_struct.title                        'Porous framework formed by assembly of a bipyridyl-conjugated helical peptide' 
_struct.pdbx_model_details           ? 
_struct.pdbx_formula_weight          ? 
_struct.pdbx_formula_weight_method   ? 
_struct.pdbx_model_type_details      ? 
_struct.pdbx_CASP_flag               N 
# 
_struct_keywords.entry_id        7TM1 
_struct_keywords.text            'porous, framework, helix, 310, alpha, assembly, bipyridine, UIC-1, DE NOVO PROTEIN' 
_struct_keywords.pdbx_keywords   'DE NOVO PROTEIN' 
# 
loop_
_struct_asym.id 
_struct_asym.pdbx_blank_PDB_chainid_flag 
_struct_asym.pdbx_modified 
_struct_asym.entity_id 
_struct_asym.details 
A N N 1 ? 
B N N 1 ? 
C N N 1 ? 
D N N 2 ? 
E N N 3 ? 
F N N 3 ? 
# 
_struct_ref.id                         1 
_struct_ref.db_name                    PDB 
_struct_ref.db_code                    7TM1 
_struct_ref.pdbx_db_accession          7TM1 
_struct_ref.pdbx_db_isoform            ? 
_struct_ref.entity_id                  2 
_struct_ref.pdbx_seq_one_letter_code   ? 
_struct_ref.pdbx_align_begin           1 
# 
loop_
_struct_ref_seq.align_id 
_struct_ref_seq.ref_id 
_struct_ref_seq.pdbx_PDB_id_code 
_struct_ref_seq.pdbx_strand_id 
_struct_ref_seq.seq_align_beg 
_struct_ref_seq.pdbx_seq_align_beg_ins_code 
_struct_ref_seq.seq_align_end 
_struct_ref_seq.pdbx_seq_align_end_ins_code 
_struct_ref_seq.pdbx_db_accession 
_struct_ref_seq.db_align_beg 
_struct_ref_seq.pdbx_db_align_beg_ins_code 
_struct_ref_seq.db_align_end 
_struct_ref_seq.pdbx_db_align_end_ins_code 
_struct_ref_seq.pdbx_auth_seq_align_beg 
_struct_ref_seq.pdbx_auth_seq_align_end 
1 1 7TM1 A 2 ? 10 ? 7TM1 2 ? 10 ? 2 10 
2 1 7TM1 B 2 ? 10 ? 7TM1 2 ? 10 ? 2 10 
3 1 7TM1 C 2 ? 10 ? 7TM1 2 ? 10 ? 2 10 
# 
loop_
_pdbx_struct_assembly.id 
_pdbx_struct_assembly.details 
_pdbx_struct_assembly.method_details 
_pdbx_struct_assembly.oligomeric_details 
_pdbx_struct_assembly.oligomeric_count 
1 software_defined_assembly PISA monomeric 1 
2 software_defined_assembly PISA monomeric 1 
3 software_defined_assembly PISA monomeric 1 
# 
loop_
_pdbx_struct_assembly_gen.assembly_id 
_pdbx_struct_assembly_gen.oper_expression 
_pdbx_struct_assembly_gen.asym_id_list 
1 1 A,D 
2 1 B,E 
3 1 C,F 
# 
_pdbx_struct_assembly_auth_evidence.id                     1 
_pdbx_struct_assembly_auth_evidence.assembly_id            1 
_pdbx_struct_assembly_auth_evidence.experimental_support   none 
_pdbx_struct_assembly_auth_evidence.details                ? 
# 
_pdbx_struct_oper_list.id                   1 
_pdbx_struct_oper_list.type                 'identity operation' 
_pdbx_struct_oper_list.name                 1_555 
_pdbx_struct_oper_list.symmetry_operation   x,y,z 
_pdbx_struct_oper_list.matrix[1][1]         1.0000000000 
_pdbx_struct_oper_list.matrix[1][2]         0.0000000000 
_pdbx_struct_oper_list.matrix[1][3]         0.0000000000 
_pdbx_struct_oper_list.vector[1]            0.0000000000 
_pdbx_struct_oper_list.matrix[2][1]         0.0000000000 
_pdbx_struct_oper_list.matrix[2][2]         1.0000000000 
_pdbx_struct_oper_list.matrix[2][3]         0.0000000000 
_pdbx_struct_oper_list.vector[2]            0.0000000000 
_pdbx_struct_oper_list.matrix[3][1]         0.0000000000 
_pdbx_struct_oper_list.matrix[3][2]         0.0000000000 
_pdbx_struct_oper_list.matrix[3][3]         1.0000000000 
_pdbx_struct_oper_list.vector[3]            0.0000000000 
# 
loop_
_struct_conf.conf_type_id 
_struct_conf.id 
_struct_conf.pdbx_PDB_helix_id 
_struct_conf.beg_label_comp_id 
_struct_conf.beg_label_asym_id 
_struct_conf.beg_label_seq_id 
_struct_conf.pdbx_beg_PDB_ins_code 
_struct_conf.end_label_comp_id 
_struct_conf.end_label_asym_id 
_struct_conf.end_label_seq_id 
_struct_conf.pdbx_end_PDB_ins_code 
_struct_conf.beg_auth_comp_id 
_struct_conf.beg_auth_asym_id 
_struct_conf.beg_auth_seq_id 
_struct_conf.end_auth_comp_id 
_struct_conf.end_auth_asym_id 
_struct_conf.end_auth_seq_id 
_struct_conf.pdbx_PDB_helix_class 
_struct_conf.details 
_struct_conf.pdbx_PDB_helix_length 
HELX_P HELX_P1 AA1 LEU A 2 ? LEU A 10 ? LEU A 2 LEU A 10 1 ? 9 
HELX_P HELX_P2 AA2 AIB B 3 ? LEU B 10 ? AIB B 3 LEU B 10 1 ? 8 
HELX_P HELX_P3 AA3 AIB C 3 ? LEU C 10 ? AIB C 3 LEU C 10 1 ? 8 
# 
_struct_conf_type.id          HELX_P 
_struct_conf_type.criteria    ? 
_struct_conf_type.reference   ? 
# 
loop_
_struct_conn.id 
_struct_conn.conn_type_id 
_struct_conn.pdbx_leaving_atom_flag 
_struct_conn.pdbx_PDB_id 
_struct_conn.ptnr1_label_asym_id 
_struct_conn.ptnr1_label_comp_id 
_struct_conn.ptnr1_label_seq_id 
_struct_conn.ptnr1_label_atom_id 
_struct_conn.pdbx_ptnr1_label_alt_id 
_struct_conn.pdbx_ptnr1_PDB_ins_code 
_struct_conn.pdbx_ptnr1_standard_comp_id 
_struct_conn.ptnr1_symmetry 
_struct_conn.ptnr2_label_asym_id 
_struct_conn.ptnr2_label_comp_id 
_struct_conn.ptnr2_label_seq_id 
_struct_conn.ptnr2_label_atom_id 
_struct_conn.pdbx_ptnr2_label_alt_id 
_struct_conn.pdbx_ptnr2_PDB_ins_code 
_struct_conn.ptnr1_auth_asym_id 
_struct_conn.ptnr1_auth_comp_id 
_struct_conn.ptnr1_auth_seq_id 
_struct_conn.ptnr2_auth_asym_id 
_struct_conn.ptnr2_auth_comp_id 
_struct_conn.ptnr2_auth_seq_id 
_struct_conn.ptnr2_symmetry 
_struct_conn.pdbx_ptnr3_label_atom_id 
_struct_conn.pdbx_ptnr3_label_seq_id 
_struct_conn.pdbx_ptnr3_label_comp_id 
_struct_conn.pdbx_ptnr3_label_asym_id 
_struct_conn.pdbx_ptnr3_label_alt_id 
_struct_conn.pdbx_ptnr3_PDB_ins_code 
_struct_conn.details 
_struct_conn.pdbx_dist_value 
_struct_conn.pdbx_value_order 
_struct_conn.pdbx_role 
covale1  covale one  ? A I6W 1  C02 ? ? ? 1_555 A LEU 2  N   ? ? A I6W 1  A LEU 2  1_555 ? ? ? ? ? ? ? 1.425 ? ? 
covale2  covale both ? A LEU 2  C   ? ? ? 1_555 A AIB 3  N   ? ? A LEU 2  A AIB 3  1_555 ? ? ? ? ? ? ? 1.326 ? ? 
covale3  covale both ? A AIB 3  C   ? ? ? 1_555 A MET 4  N   ? ? A AIB 3  A MET 4  1_555 ? ? ? ? ? ? ? 1.336 ? ? 
covale4  covale both ? A MET 4  C   ? ? ? 1_555 A AIB 5  N   ? ? A MET 4  A AIB 5  1_555 ? ? ? ? ? ? ? 1.328 ? ? 
covale5  covale both ? A AIB 5  C   ? ? ? 1_555 A LEU 6  N   ? ? A AIB 5  A LEU 6  1_555 ? ? ? ? ? ? ? 1.329 ? ? 
covale6  covale both ? A LEU 6  C   ? ? ? 1_555 A AIB 7  N   ? ? A LEU 6  A AIB 7  1_555 ? ? ? ? ? ? ? 1.326 ? ? 
covale7  covale both ? A AIB 7  C   ? ? ? 1_555 A GLN 8  N   ? ? A AIB 7  A GLN 8  1_555 ? ? ? ? ? ? ? 1.335 ? ? 
covale8  covale both ? A GLN 8  C   ? ? ? 1_555 A AIB 9  N   ? ? A GLN 8  A AIB 9  1_555 ? ? ? ? ? ? ? 1.332 ? ? 
covale9  covale both ? A AIB 9  C   ? ? ? 1_555 A LEU 10 N   ? ? A AIB 9  A LEU 10 1_555 ? ? ? ? ? ? ? 1.332 ? ? 
covale10 covale one  ? A LEU 10 C   ? ? ? 1_555 A I77 11 N15 A ? A LEU 10 A I77 11 1_555 ? ? ? ? ? ? ? 1.425 ? ? 
covale11 covale one  ? A LEU 10 C   ? ? ? 1_555 A I77 11 N15 B ? A LEU 10 A I77 11 1_555 ? ? ? ? ? ? ? 1.426 ? ? 
covale12 covale one  ? A LEU 10 C   ? ? ? 1_555 A I77 11 N15 C ? A LEU 10 A I77 11 1_555 ? ? ? ? ? ? ? 1.427 ? ? 
covale13 covale none ? A I77 11 N01 B ? ? 1_555 B I6W 1  N07 ? ? A I77 11 B I6W 1  2_565 ? ? ? ? ? ? ? 1.374 ? ? 
covale14 covale one  ? B I6W 1  C02 ? ? ? 1_555 B LEU 2  N   ? ? B I6W 1  B LEU 2  1_555 ? ? ? ? ? ? ? 1.424 ? ? 
covale15 covale both ? B LEU 2  C   ? ? ? 1_555 B AIB 3  N   ? ? B LEU 2  B AIB 3  1_555 ? ? ? ? ? ? ? 1.329 ? ? 
covale16 covale both ? B AIB 3  C   ? ? ? 1_555 B MET 4  N   ? ? B AIB 3  B MET 4  1_555 ? ? ? ? ? ? ? 1.336 ? ? 
covale17 covale both ? B MET 4  C   ? ? ? 1_555 B AIB 5  N   ? ? B MET 4  B AIB 5  1_555 ? ? ? ? ? ? ? 1.330 ? ? 
covale18 covale both ? B AIB 5  C   ? ? ? 1_555 B LEU 6  N   ? ? B AIB 5  B LEU 6  1_555 ? ? ? ? ? ? ? 1.330 ? ? 
covale19 covale both ? B LEU 6  C   ? ? ? 1_555 B AIB 7  N   ? ? B LEU 6  B AIB 7  1_555 ? ? ? ? ? ? ? 1.330 ? ? 
covale20 covale both ? B AIB 7  C   ? ? ? 1_555 B GLN 8  N   ? ? B AIB 7  B GLN 8  1_555 ? ? ? ? ? ? ? 1.328 ? ? 
covale21 covale both ? B GLN 8  C   ? ? ? 1_555 B AIB 9  N   ? ? B GLN 8  B AIB 9  1_555 ? ? ? ? ? ? ? 1.326 ? ? 
covale22 covale both ? B AIB 9  C   ? ? ? 1_555 B LEU 10 N   ? ? B AIB 9  B LEU 10 1_555 ? ? ? ? ? ? ? 1.327 ? ? 
covale23 covale one  ? B LEU 10 C   ? ? ? 1_555 B I77 11 N15 ? ? B LEU 10 B I77 11 1_555 ? ? ? ? ? ? ? 1.421 ? ? 
covale24 covale one  ? C I6W 1  C02 ? ? ? 1_555 C LEU 2  N   ? ? C I6W 1  C LEU 2  1_555 ? ? ? ? ? ? ? 1.421 ? ? 
covale25 covale none ? C I6W 1  N07 ? ? ? 1_555 C I77 11 N01 B ? C I6W 1  C I77 11 4_546 ? ? ? ? ? ? ? 1.361 ? ? 
covale26 covale both ? C LEU 2  C   ? ? ? 1_555 C AIB 3  N   ? ? C LEU 2  C AIB 3  1_555 ? ? ? ? ? ? ? 1.338 ? ? 
covale27 covale both ? C AIB 3  C   ? ? ? 1_555 C MET 4  N   A ? C AIB 3  C MET 4  1_555 ? ? ? ? ? ? ? 1.328 ? ? 
covale28 covale both ? C AIB 3  C   ? ? ? 1_555 C MET 4  N   B ? C AIB 3  C MET 4  1_555 ? ? ? ? ? ? ? 1.327 ? ? 
covale29 covale both ? C MET 4  C   A ? ? 1_555 C AIB 5  N   ? ? C MET 4  C AIB 5  1_555 ? ? ? ? ? ? ? 1.329 ? ? 
covale30 covale both ? C MET 4  C   B ? ? 1_555 C AIB 5  N   ? ? C MET 4  C AIB 5  1_555 ? ? ? ? ? ? ? 1.328 ? ? 
covale31 covale both ? C AIB 5  C   ? ? ? 1_555 C LEU 6  N   ? ? C AIB 5  C LEU 6  1_555 ? ? ? ? ? ? ? 1.324 ? ? 
covale32 covale both ? C LEU 6  C   ? ? ? 1_555 C AIB 7  N   ? ? C LEU 6  C AIB 7  1_555 ? ? ? ? ? ? ? 1.327 ? ? 
covale33 covale both ? C AIB 7  C   ? ? ? 1_555 C GLN 8  N   ? ? C AIB 7  C GLN 8  1_555 ? ? ? ? ? ? ? 1.328 ? ? 
covale34 covale both ? C GLN 8  C   ? ? ? 1_555 C AIB 9  N   ? ? C GLN 8  C AIB 9  1_555 ? ? ? ? ? ? ? 1.330 ? ? 
covale35 covale both ? C AIB 9  C   ? ? ? 1_555 C LEU 10 N   ? ? C AIB 9  C LEU 10 1_555 ? ? ? ? ? ? ? 1.334 ? ? 
covale36 covale one  ? C LEU 10 C   ? ? ? 1_555 C I77 11 N15 B ? C LEU 10 C I77 11 1_555 ? ? ? ? ? ? ? 1.428 ? ? 
covale37 covale one  ? C LEU 10 C   ? ? ? 1_555 C I77 11 N15 A ? C LEU 10 C I77 11 1_555 ? ? ? ? ? ? ? 1.420 ? ? 
# 
_struct_conn_type.id          covale 
_struct_conn_type.criteria    ? 
_struct_conn_type.reference   ? 
# 
_pdbx_entry_details.entry_id                   7TM1 
_pdbx_entry_details.nonpolymer_details         ? 
_pdbx_entry_details.sequence_details           ? 
_pdbx_entry_details.compound_details           ? 
_pdbx_entry_details.source_details             ? 
_pdbx_entry_details.has_ligand_of_interest     N 
_pdbx_entry_details.has_protein_modification   ? 
# 
_pdbx_validate_close_contact.id               1 
_pdbx_validate_close_contact.PDB_model_num    1 
_pdbx_validate_close_contact.auth_atom_id_1   O 
_pdbx_validate_close_contact.auth_asym_id_1   C 
_pdbx_validate_close_contact.auth_comp_id_1   HOH 
_pdbx_validate_close_contact.auth_seq_id_1    203 
_pdbx_validate_close_contact.PDB_ins_code_1   ? 
_pdbx_validate_close_contact.label_alt_id_1   ? 
_pdbx_validate_close_contact.auth_atom_id_2   O 
_pdbx_validate_close_contact.auth_asym_id_2   C 
_pdbx_validate_close_contact.auth_comp_id_2   HOH 
_pdbx_validate_close_contact.auth_seq_id_2    204 
_pdbx_validate_close_contact.PDB_ins_code_2   ? 
_pdbx_validate_close_contact.label_alt_id_2   ? 
_pdbx_validate_close_contact.dist             2.14 
# 
loop_
_pdbx_validate_symm_contact.id 
_pdbx_validate_symm_contact.PDB_model_num 
_pdbx_validate_symm_contact.auth_atom_id_1 
_pdbx_validate_symm_contact.auth_asym_id_1 
_pdbx_validate_symm_contact.auth_comp_id_1 
_pdbx_validate_symm_contact.auth_seq_id_1 
_pdbx_validate_symm_contact.PDB_ins_code_1 
_pdbx_validate_symm_contact.label_alt_id_1 
_pdbx_validate_symm_contact.site_symmetry_1 
_pdbx_validate_symm_contact.auth_atom_id_2 
_pdbx_validate_symm_contact.auth_asym_id_2 
_pdbx_validate_symm_contact.auth_comp_id_2 
_pdbx_validate_symm_contact.auth_seq_id_2 
_pdbx_validate_symm_contact.PDB_ins_code_2 
_pdbx_validate_symm_contact.label_alt_id_2 
_pdbx_validate_symm_contact.site_symmetry_2 
_pdbx_validate_symm_contact.dist 
1 1 N07  C I6W 1  ? ? 1_555 H011 C I77 11 ? B 4_546 1.07 
2 1 H012 A I77 11 ? B 1_555 N07  B I6W 1  ? ? 2_565 1.28 
3 1 H011 A I77 11 ? B 1_555 N07  B I6W 1  ? ? 2_565 1.46 
4 1 N07  C I6W 1  ? ? 1_555 H012 C I77 11 ? B 4_546 1.46 
5 1 C06  C I6W 1  ? ? 1_555 N01  C I77 11 ? B 4_546 2.00 
6 1 N01  A I77 11 ? B 1_555 C06  B I6W 1  ? ? 2_565 2.16 
# 
loop_
_space_group_symop.id 
_space_group_symop.operation_xyz 
1 x,y,z           
2 -x,y,-z         
3 x+1/2,y+1/2,z   
4 -x+1/2,y+1/2,-z 
# 
loop_
_chem_comp_atom.comp_id 
_chem_comp_atom.atom_id 
_chem_comp_atom.type_symbol 
_chem_comp_atom.pdbx_aromatic_flag 
_chem_comp_atom.pdbx_stereo_config 
_chem_comp_atom.pdbx_ordinal 
AIB N    N N N 1   
AIB CA   C N N 2   
AIB C    C N N 3   
AIB O    O N N 4   
AIB OXT  O N N 5   
AIB CB1  C N N 6   
AIB CB2  C N N 7   
AIB H    H N N 8   
AIB H2   H N N 9   
AIB HXT  H N N 10  
AIB HB11 H N N 11  
AIB HB12 H N N 12  
AIB HB13 H N N 13  
AIB HB21 H N N 14  
AIB HB22 H N N 15  
AIB HB23 H N N 16  
CCN N    N N N 17  
CCN C1   C N N 18  
CCN C2   C N N 19  
CCN H21  H N N 20  
CCN H22  H N N 21  
CCN H23  H N N 22  
GLN N    N N N 23  
GLN CA   C N S 24  
GLN C    C N N 25  
GLN O    O N N 26  
GLN CB   C N N 27  
GLN CG   C N N 28  
GLN CD   C N N 29  
GLN OE1  O N N 30  
GLN NE2  N N N 31  
GLN OXT  O N N 32  
GLN H    H N N 33  
GLN H2   H N N 34  
GLN HA   H N N 35  
GLN HB2  H N N 36  
GLN HB3  H N N 37  
GLN HG2  H N N 38  
GLN HG3  H N N 39  
GLN HE21 H N N 40  
GLN HE22 H N N 41  
GLN HXT  H N N 42  
HOH O    O N N 43  
HOH H1   H N N 44  
HOH H2   H N N 45  
I6W C05  C Y N 46  
I6W C08  C Y N 47  
I6W C09  C Y N 48  
I6W N10  N Y N 49  
I6W C02  C N N 50  
I6W C03  C Y N 51  
I6W C04  C Y N 52  
I6W C06  C Y N 53  
I6W C11  C Y N 54  
I6W C12  C Y N 55  
I6W C13  C N N 56  
I6W C15  C N N 57  
I6W C16  C N N 58  
I6W C18  C Y N 59  
I6W C19  C Y N 60  
I6W N07  N Y N 61  
I6W O01  O N N 62  
I6W O14  O N N 63  
I6W O17  O N N 64  
I6W H051 H N N 65  
I6W H1   H N N 66  
I6W H041 H N N 67  
I6W H061 H N N 68  
I6W H111 H N N 69  
I6W H152 H N N 70  
I6W H151 H N N 71  
I6W H162 H N N 72  
I6W H163 H N N 73  
I6W H161 H N N 74  
I6W H181 H N N 75  
I6W H191 H N N 76  
I77 C11  C Y N 77  
I77 C12  C Y N 78  
I77 C13  C N N 79  
I77 C17  C Y N 80  
I77 C18  C Y N 81  
I77 C02  C N N 82  
I77 C03  C Y N 83  
I77 C04  C Y N 84  
I77 C05  C Y N 85  
I77 C06  C Y N 86  
I77 C08  C Y N 87  
I77 C09  C Y N 88  
I77 N01  N N N 89  
I77 N07  N Y N 90  
I77 N10  N Y N 91  
I77 N14  N N N 92  
I77 N15  N N N 93  
I77 O16  O N N 94  
I77 O19  O N N 95  
I77 H111 H N N 96  
I77 H171 H N N 97  
I77 H181 H N N 98  
I77 H041 H N N 99  
I77 H051 H N N 100 
I77 H061 H N N 101 
I77 H011 H N N 102 
I77 H012 H N N 103 
I77 H141 H N N 104 
I77 H1   H N N 105 
I77 H2   H N N 106 
LEU N    N N N 107 
LEU CA   C N S 108 
LEU C    C N N 109 
LEU O    O N N 110 
LEU CB   C N N 111 
LEU CG   C N N 112 
LEU CD1  C N N 113 
LEU CD2  C N N 114 
LEU OXT  O N N 115 
LEU H    H N N 116 
LEU H2   H N N 117 
LEU HA   H N N 118 
LEU HB2  H N N 119 
LEU HB3  H N N 120 
LEU HG   H N N 121 
LEU HD11 H N N 122 
LEU HD12 H N N 123 
LEU HD13 H N N 124 
LEU HD21 H N N 125 
LEU HD22 H N N 126 
LEU HD23 H N N 127 
LEU HXT  H N N 128 
MET N    N N N 129 
MET CA   C N S 130 
MET C    C N N 131 
MET O    O N N 132 
MET CB   C N N 133 
MET CG   C N N 134 
MET SD   S N N 135 
MET CE   C N N 136 
MET OXT  O N N 137 
MET H    H N N 138 
MET H2   H N N 139 
MET HA   H N N 140 
MET HB2  H N N 141 
MET HB3  H N N 142 
MET HG2  H N N 143 
MET HG3  H N N 144 
MET HE1  H N N 145 
MET HE2  H N N 146 
MET HE3  H N N 147 
MET HXT  H N N 148 
# 
loop_
_chem_comp_bond.comp_id 
_chem_comp_bond.atom_id_1 
_chem_comp_bond.atom_id_2 
_chem_comp_bond.value_order 
_chem_comp_bond.pdbx_aromatic_flag 
_chem_comp_bond.pdbx_stereo_config 
_chem_comp_bond.pdbx_ordinal 
AIB N   CA   sing N N 1   
AIB N   H    sing N N 2   
AIB N   H2   sing N N 3   
AIB CA  C    sing N N 4   
AIB CA  CB1  sing N N 5   
AIB CA  CB2  sing N N 6   
AIB C   O    doub N N 7   
AIB C   OXT  sing N N 8   
AIB OXT HXT  sing N N 9   
AIB CB1 HB11 sing N N 10  
AIB CB1 HB12 sing N N 11  
AIB CB1 HB13 sing N N 12  
AIB CB2 HB21 sing N N 13  
AIB CB2 HB22 sing N N 14  
AIB CB2 HB23 sing N N 15  
CCN N   C1   trip N N 16  
CCN C1  C2   sing N N 17  
CCN C2  H21  sing N N 18  
CCN C2  H22  sing N N 19  
CCN C2  H23  sing N N 20  
GLN N   CA   sing N N 21  
GLN N   H    sing N N 22  
GLN N   H2   sing N N 23  
GLN CA  C    sing N N 24  
GLN CA  CB   sing N N 25  
GLN CA  HA   sing N N 26  
GLN C   O    doub N N 27  
GLN C   OXT  sing N N 28  
GLN CB  CG   sing N N 29  
GLN CB  HB2  sing N N 30  
GLN CB  HB3  sing N N 31  
GLN CG  CD   sing N N 32  
GLN CG  HG2  sing N N 33  
GLN CG  HG3  sing N N 34  
GLN CD  OE1  doub N N 35  
GLN CD  NE2  sing N N 36  
GLN NE2 HE21 sing N N 37  
GLN NE2 HE22 sing N N 38  
GLN OXT HXT  sing N N 39  
HOH O   H1   sing N N 40  
HOH O   H2   sing N N 41  
I6W O01 C02  doub N N 42  
I6W C02 C03  sing N N 43  
I6W C03 C06  doub Y N 44  
I6W C03 C04  sing Y N 45  
I6W C06 N07  sing Y N 46  
I6W C04 C05  doub Y N 47  
I6W N07 C08  doub Y N 48  
I6W C05 C08  sing Y N 49  
I6W C08 C09  sing N N 50  
I6W C09 C19  doub Y N 51  
I6W C09 N10  sing Y N 52  
I6W C19 C18  sing Y N 53  
I6W N10 C11  doub Y N 54  
I6W C18 C12  doub Y N 55  
I6W C11 C12  sing Y N 56  
I6W C12 C13  sing N N 57  
I6W C13 O17  doub N N 58  
I6W C13 O14  sing N N 59  
I6W O14 C15  sing N N 60  
I6W C15 C16  sing N N 61  
I6W C05 H051 sing N N 62  
I6W C02 H1   sing N N 63  
I6W C04 H041 sing N N 64  
I6W C06 H061 sing N N 65  
I6W C11 H111 sing N N 66  
I6W C15 H152 sing N N 67  
I6W C15 H151 sing N N 68  
I6W C16 H162 sing N N 69  
I6W C16 H163 sing N N 70  
I6W C16 H161 sing N N 71  
I6W C18 H181 sing N N 72  
I6W C19 H191 sing N N 73  
I77 N15 N14  sing N N 74  
I77 O16 C13  doub N N 75  
I77 N14 C13  sing N N 76  
I77 C13 C12  sing N N 77  
I77 C12 C17  doub Y N 78  
I77 C12 C11  sing Y N 79  
I77 C17 C18  sing Y N 80  
I77 C11 N10  doub Y N 81  
I77 C18 C09  doub Y N 82  
I77 N10 C09  sing Y N 83  
I77 C09 C08  sing N N 84  
I77 C08 N07  doub Y N 85  
I77 C08 C05  sing Y N 86  
I77 N07 C06  sing Y N 87  
I77 C05 C04  doub Y N 88  
I77 C06 C03  doub Y N 89  
I77 C04 C03  sing Y N 90  
I77 C03 C02  sing N N 91  
I77 C02 N01  sing N N 92  
I77 C02 O19  doub N N 93  
I77 C11 H111 sing N N 94  
I77 C17 H171 sing N N 95  
I77 C18 H181 sing N N 96  
I77 C04 H041 sing N N 97  
I77 C05 H051 sing N N 98  
I77 C06 H061 sing N N 99  
I77 N01 H011 sing N N 100 
I77 N01 H012 sing N N 101 
I77 N14 H141 sing N N 102 
I77 N15 H1   sing N N 103 
I77 N15 H2   sing N N 104 
LEU N   CA   sing N N 105 
LEU N   H    sing N N 106 
LEU N   H2   sing N N 107 
LEU CA  C    sing N N 108 
LEU CA  CB   sing N N 109 
LEU CA  HA   sing N N 110 
LEU C   O    doub N N 111 
LEU C   OXT  sing N N 112 
LEU CB  CG   sing N N 113 
LEU CB  HB2  sing N N 114 
LEU CB  HB3  sing N N 115 
LEU CG  CD1  sing N N 116 
LEU CG  CD2  sing N N 117 
LEU CG  HG   sing N N 118 
LEU CD1 HD11 sing N N 119 
LEU CD1 HD12 sing N N 120 
LEU CD1 HD13 sing N N 121 
LEU CD2 HD21 sing N N 122 
LEU CD2 HD22 sing N N 123 
LEU CD2 HD23 sing N N 124 
LEU OXT HXT  sing N N 125 
MET N   CA   sing N N 126 
MET N   H    sing N N 127 
MET N   H2   sing N N 128 
MET CA  C    sing N N 129 
MET CA  CB   sing N N 130 
MET CA  HA   sing N N 131 
MET C   O    doub N N 132 
MET C   OXT  sing N N 133 
MET CB  CG   sing N N 134 
MET CB  HB2  sing N N 135 
MET CB  HB3  sing N N 136 
MET CG  SD   sing N N 137 
MET CG  HG2  sing N N 138 
MET CG  HG3  sing N N 139 
MET SD  CE   sing N N 140 
MET CE  HE1  sing N N 141 
MET CE  HE2  sing N N 142 
MET CE  HE3  sing N N 143 
MET OXT HXT  sing N N 144 
# 
_pdbx_audit_support.funding_organization   'Department of Energy (DOE, United States)' 
_pdbx_audit_support.country                'United States' 
_pdbx_audit_support.grant_number           DE-AC02-06CH11357 
_pdbx_audit_support.ordinal                1 
# 
_pdbx_initial_refinement_model.accession_code   ? 
_pdbx_initial_refinement_model.id               1 
_pdbx_initial_refinement_model.entity_id_list   ? 
_pdbx_initial_refinement_model.type             'in silico model' 
_pdbx_initial_refinement_model.source_name      Other 
_pdbx_initial_refinement_model.details          'energy minimized helix' 
# 
_space_group.name_H-M_alt     'C 1 2 1' 
_space_group.name_Hall        'C 2y' 
_space_group.IT_number        5 
_space_group.crystal_system   monoclinic 
_space_group.id               1 
# 
_atom_sites.entry_id                    7TM1 
_atom_sites.Cartn_transf_matrix[1][1]   ? 
_atom_sites.Cartn_transf_matrix[1][2]   ? 
_atom_sites.Cartn_transf_matrix[1][3]   ? 
_atom_sites.Cartn_transf_matrix[2][1]   ? 
_atom_sites.Cartn_transf_matrix[2][2]   ? 
_atom_sites.Cartn_transf_matrix[2][3]   ? 
_atom_sites.Cartn_transf_matrix[3][1]   ? 
_atom_sites.Cartn_transf_matrix[3][2]   ? 
_atom_sites.Cartn_transf_matrix[3][3]   ? 
_atom_sites.Cartn_transf_vector[1]      ? 
_atom_sites.Cartn_transf_vector[2]      ? 
_atom_sites.Cartn_transf_vector[3]      ? 
_atom_sites.fract_transf_matrix[1][1]   -0.01225798 
_atom_sites.fract_transf_matrix[1][2]   -0.00159389 
_atom_sites.fract_transf_matrix[1][3]   0.00493259 
_atom_sites.fract_transf_matrix[2][1]   0.02494357 
_atom_sites.fract_transf_matrix[2][2]   0.03713573 
_atom_sites.fract_transf_matrix[2][3]   0.07398708 
_atom_sites.fract_transf_matrix[3][1]   -0.01973033 
_atom_sites.fract_transf_matrix[3][2]   0.03073152 
_atom_sites.fract_transf_matrix[3][3]   -0.00877305 
_atom_sites.fract_transf_vector[1]      0.161922 
_atom_sites.fract_transf_vector[2]      -0.003744 
_atom_sites.fract_transf_vector[3]      0.017396 
_atom_sites.solution_primary            ? 
_atom_sites.solution_secondary          ? 
_atom_sites.solution_hydrogens          ? 
_atom_sites.special_details             ? 
# 
loop_
_atom_type.symbol 
_atom_type.scat_dispersion_real 
_atom_type.scat_dispersion_imag 
_atom_type.scat_Cromer_Mann_a1 
_atom_type.scat_Cromer_Mann_a2 
_atom_type.scat_Cromer_Mann_a3 
_atom_type.scat_Cromer_Mann_a4 
_atom_type.scat_Cromer_Mann_b1 
_atom_type.scat_Cromer_Mann_b2 
_atom_type.scat_Cromer_Mann_b3 
_atom_type.scat_Cromer_Mann_b4 
_atom_type.scat_Cromer_Mann_c 
_atom_type.scat_source 
_atom_type.scat_dispersion_source 
C ? ? 3.54356 2.42580 ? ? 25.62398 1.50364  ? ? 0.0 
;2-Gaussian fit: Grosse-Kunstleve RW, Sauter NK, Adams PD: Newsletter of the IUCr Commission on Crystallographic Computing 2004, 3, 22-31.
;
? 
H ? ? 0.51345 0.48472 ? ? 24.73122 6.32584  ? ? 0.0 
;2-Gaussian fit: Grosse-Kunstleve RW, Sauter NK, Adams PD: Newsletter of the IUCr Commission on Crystallographic Computing 2004, 3, 22-31.
;
? 
N ? ? 4.01032 2.96436 ? ? 19.97189 1.75589  ? ? 0.0 
;2-Gaussian fit: Grosse-Kunstleve RW, Sauter NK, Adams PD: Newsletter of the IUCr Commission on Crystallographic Computing 2004, 3, 22-31.
;
? 
O ? ? 4.49882 3.47563 ? ? 15.80542 1.70748  ? ? 0.0 
;2-Gaussian fit: Grosse-Kunstleve RW, Sauter NK, Adams PD: Newsletter of the IUCr Commission on Crystallographic Computing 2004, 3, 22-31.
;
? 
S ? ? 9.55732 6.39887 ? ? 1.23737  29.19336 ? ? 0.0 
;2-Gaussian fit: Grosse-Kunstleve RW, Sauter NK, Adams PD: Newsletter of the IUCr Commission on Crystallographic Computing 2004, 3, 22-31.
;
? 
# 
loop_
_atom_site.group_PDB 
_atom_site.id 
_atom_site.type_symbol 
_atom_site.label_atom_id 
_atom_site.label_alt_id 
_atom_site.label_comp_id 
_atom_site.label_asym_id 
_atom_site.label_entity_id 
_atom_site.label_seq_id 
_atom_site.pdbx_PDB_ins_code 
_atom_site.Cartn_x 
_atom_site.Cartn_y 
_atom_site.Cartn_z 
_atom_site.occupancy 
_atom_site.B_iso_or_equiv 
_atom_site.pdbx_formal_charge 
_atom_site.auth_seq_id 
_atom_site.auth_comp_id 
_atom_site.auth_asym_id 
_atom_site.auth_atom_id 
_atom_site.pdbx_PDB_model_num 
HETATM 1   C C05  . I6W A 1 1  ? -6.89100  4.53243  -1.82652  1.000 7.43501  ? 1   I6W A C05  1 
HETATM 2   C C08  . I6W A 1 1  ? -8.08160  4.41801  -2.43142  1.000 7.66098  ? 1   I6W A C08  1 
HETATM 3   C C09  . I6W A 1 1  ? -8.81828  5.72063  -2.68528  1.000 8.78825  ? 1   I6W A C09  1 
HETATM 4   N N10  . I6W A 1 1  ? -8.19954  6.88241  -2.76349  1.000 10.72254 ? 1   I6W A N10  1 
HETATM 5   C C02  . I6W A 1 1  ? -5.88185  0.95969  -1.35397  1.000 7.35958  ? 1   I6W A C02  1 
HETATM 6   C C03  . I6W A 1 1  ? -6.73248  2.15669  -1.78006  1.000 8.03566  ? 1   I6W A C03  1 
HETATM 7   C C04  . I6W A 1 1  ? -6.19179  3.37923  -1.48872  1.000 8.83224  ? 1   I6W A C04  1 
HETATM 8   C C06  . I6W A 1 1  ? -7.96320  2.07473  -2.39591  1.000 8.28068  ? 1   I6W A C06  1 
HETATM 9   C C11  . I6W A 1 1  ? -8.88685  8.01377  -2.93950  1.000 8.67146  ? 1   I6W A C11  1 
HETATM 10  C C12  . I6W A 1 1  ? -10.26950 7.96918  -3.01895  1.000 9.72138  ? 1   I6W A C12  1 
HETATM 11  C C13  . I6W A 1 1  ? -11.11263 9.25585  -3.19464  1.000 10.19188 ? 1   I6W A C13  1 
HETATM 12  C C15  . I6W A 1 1  ? -11.24918 11.62290 -2.91177  1.000 13.79256 ? 1   I6W A C15  1 
HETATM 13  C C16  . I6W A 1 1  ? -11.70186 11.88776 -1.44868  1.000 13.39528 ? 1   I6W A C16  1 
HETATM 14  C C18  . I6W A 1 1  ? -10.92259 6.78999  -2.89839  1.000 11.65267 ? 1   I6W A C18  1 
HETATM 15  C C19  . I6W A 1 1  ? -10.18151 5.63821  -2.71840  1.000 8.64767  ? 1   I6W A C19  1 
HETATM 16  N N07  . I6W A 1 1  ? -8.61283  3.20894  -2.69751  1.000 10.13536 ? 1   I6W A N07  1 
HETATM 17  O O01  . I6W A 1 1  ? -4.76816  1.14967  -0.91566  1.000 8.95196  ? 1   I6W A O01  1 
HETATM 18  O O14  . I6W A 1 1  ? -10.42488 10.44852 -2.93955  1.000 11.80434 ? 1   I6W A O14  1 
HETATM 19  O O17  . I6W A 1 1  ? -12.25543 9.21717  -3.47172  1.000 13.84036 ? 1   I6W A O17  1 
HETATM 20  H H051 . I6W A 1 1  ? -6.48554  5.49586  -1.60731  1.000 8.94459  ? 1   I6W A H051 1 
HETATM 21  H H041 . I6W A 1 1  ? -5.19507  3.44966  -0.98277  1.000 10.62127 ? 1   I6W A H041 1 
HETATM 22  H H061 . I6W A 1 1  ? -8.39880  1.10847  -2.63256  1.000 9.95940  ? 1   I6W A H061 1 
HETATM 23  H H111 . I6W A 1 1  ? -8.37558  8.94470  -3.01834  1.000 10.42834 ? 1   I6W A H111 1 
HETATM 24  H H152 . I6W A 1 1  ? -12.11930 11.46996 -3.53819  1.000 16.57366 ? 1   I6W A H152 1 
HETATM 25  H H151 . I6W A 1 1  ? -10.68322 12.47172 -3.27522  1.000 16.57366 ? 1   I6W A H151 1 
HETATM 26  H H162 . I6W A 1 1  ? -12.57177 11.24749 -1.21090  1.000 16.09692 ? 1   I6W A H162 1 
HETATM 27  H H163 . I6W A 1 1  ? -11.98477 12.95118 -1.33768  1.000 16.09692 ? 1   I6W A H163 1 
HETATM 28  H H161 . I6W A 1 1  ? -10.87065 11.65278 -0.75794  1.000 16.09692 ? 1   I6W A H161 1 
HETATM 29  H H181 . I6W A 1 1  ? -12.01092 6.74878  -2.94226  1.000 14.00579 ? 1   I6W A H181 1 
HETATM 30  H H191 . I6W A 1 1  ? -10.67779 4.67671  -2.60436  1.000 10.39979 ? 1   I6W A H191 1 
ATOM   31  N N    . LEU A 1 2  ? -6.49753  -0.31847 -1.22307  1.000 8.00839  ? 2   LEU A N    1 
ATOM   32  C CA   . LEU A 1 2  ? -5.72666  -1.33164 -0.51608  1.000 8.19217  ? 2   LEU A CA   1 
ATOM   33  C C    . LEU A 1 2  ? -4.37927  -1.63522 -1.15379  1.000 7.30041  ? 2   LEU A C    1 
ATOM   34  O O    . LEU A 1 2  ? -3.37004  -1.71933 -0.45526  1.000 7.63027  ? 2   LEU A O    1 
ATOM   35  C CB   . LEU A 1 2  ? -6.52046  -2.63440 -0.34882  1.000 10.15072 ? 2   LEU A CB   1 
ATOM   36  C CG   . LEU A 1 2  ? -7.50765  -2.74591 0.81596   1.000 17.30045 ? 2   LEU A CG   1 
ATOM   37  C CD1  . LEU A 1 2  ? -8.24133  -1.47229 1.10523   1.000 19.82722 ? 2   LEU A CD1  1 
ATOM   38  C CD2  . LEU A 1 2  ? -8.49298  -3.87386 0.55294   1.000 21.42448 ? 2   LEU A CD2  1 
ATOM   39  H HA   . LEU A 1 2  ? -5.54513  -0.96378 0.36291   1.000 9.85319  ? 2   LEU A HA   1 
ATOM   40  H HB2  . LEU A 1 2  ? -7.03450  -2.76961 -1.16023  1.000 12.20344 ? 2   LEU A HB2  1 
ATOM   41  H HB3  . LEU A 1 2  ? -5.88016  -3.35455 -0.23786  1.000 12.20344 ? 2   LEU A HB3  1 
ATOM   42  H HG   . LEU A 1 2  ? -6.98980  -2.93974 1.61292   1.000 20.78313 ? 2   LEU A HG   1 
ATOM   43  H HD11 . LEU A 1 2  ? -8.84781  -1.61890 1.84794   1.000 23.81524 ? 2   LEU A HD11 1 
ATOM   44  H HD12 . LEU A 1 2  ? -7.59873  -0.78266 1.33410   1.000 23.81524 ? 2   LEU A HD12 1 
ATOM   45  H HD13 . LEU A 1 2  ? -8.74146  -1.20983 0.31664   1.000 23.81524 ? 2   LEU A HD13 1 
ATOM   46  H HD21 . LEU A 1 2  ? -9.11352  -3.93087 1.29630   1.000 25.73196 ? 2   LEU A HD21 1 
ATOM   47  H HD22 . LEU A 1 2  ? -8.97573  -3.68663 -0.26731  1.000 25.73196 ? 2   LEU A HD22 1 
ATOM   48  H HD23 . LEU A 1 2  ? -8.00360  -4.70683 0.46595   1.000 25.73196 ? 2   LEU A HD23 1 
HETATM 49  N N    . AIB A 1 3  ? -4.36539  -1.85096 -2.46253  1.000 7.82037  ? 3   AIB A N    1 
HETATM 50  C CA   . AIB A 1 3  ? -3.12070  -2.15663 -3.14606  1.000 7.92623  ? 3   AIB A CA   1 
HETATM 51  C C    . AIB A 1 3  ? -2.08037  -1.05219 -2.90522  1.000 8.28792  ? 3   AIB A C    1 
HETATM 52  O O    . AIB A 1 3  ? -0.90011  -1.27625 -2.62694  1.000 8.01683  ? 3   AIB A O    1 
HETATM 53  C CB1  . AIB A 1 3  ? -2.51480  -3.49497 -2.66890  1.000 8.17239  ? 3   AIB A CB1  1 
HETATM 54  C CB2  . AIB A 1 3  ? -3.38649  -2.24791 -4.65349  1.000 7.91870  ? 3   AIB A CB2  1 
HETATM 55  H HB11 . AIB A 1 3  ? -1.54053  -3.67182 -3.18368  1.000 9.82945  ? 3   AIB A HB11 1 
HETATM 56  H HB12 . AIB A 1 3  ? -2.34689  -3.46019 -1.56615  1.000 9.82945  ? 3   AIB A HB12 1 
HETATM 57  H HB13 . AIB A 1 3  ? -3.21403  -4.33121 -2.90807  1.000 9.82945  ? 3   AIB A HB13 1 
HETATM 58  H HB21 . AIB A 1 3  ? -2.41049  -2.31514 -5.19255  1.000 9.52502  ? 3   AIB A HB21 1 
HETATM 59  H HB22 . AIB A 1 3  ? -3.99877  -3.15871 -4.86143  1.000 9.52502  ? 3   AIB A HB22 1 
HETATM 60  H HB23 . AIB A 1 3  ? -3.93988  -1.33502 -4.98224  1.000 9.52502  ? 3   AIB A HB23 1 
ATOM   61  N N    . MET A 1 4  ? -2.56205  0.18913  -3.00860  1.000 8.19439  ? 4   MET A N    1 
ATOM   62  C CA   . MET A 1 4  ? -1.69940  1.36640  -2.86871  1.000 9.19833  ? 4   MET A CA   1 
ATOM   63  C C    . MET A 1 4  ? -1.13986  1.49422  -1.45856  1.000 7.77003  ? 4   MET A C    1 
ATOM   64  O O    . MET A 1 4  ? 0.05016   1.76174  -1.26906  1.000 8.27189  ? 4   MET A O    1 
ATOM   65  C CB   . MET A 1 4  ? -2.48415  2.63053  -3.23886  1.000 10.31716 ? 4   MET A CB   1 
ATOM   66  C CG   . MET A 1 4  ? -1.72878  3.91228  -2.94414  1.000 12.20298 ? 4   MET A CG   1 
ATOM   67  S SD   . MET A 1 4  ? -0.42101  4.29358  -4.10240  1.000 15.23615 ? 4   MET A SD   1 
ATOM   68  C CE   . MET A 1 4  ? -1.44573  4.87630  -5.44952  1.000 17.22078 ? 4   MET A CE   1 
ATOM   69  H HA   . MET A 1 4  ? -0.95111  1.27608  -3.47928  1.000 11.06058 ? 4   MET A HA   1 
ATOM   70  H HB2  . MET A 1 4  ? -2.67990  2.61137  -4.18870  1.000 12.40317 ? 4   MET A HB2  1 
ATOM   71  H HB3  . MET A 1 4  ? -3.30992  2.64731  -2.73021  1.000 12.40317 ? 4   MET A HB3  1 
ATOM   72  H HG2  . MET A 1 4  ? -2.35703  4.65116  -2.96031  1.000 14.66616 ? 4   MET A HG2  1 
ATOM   73  H HG3  . MET A 1 4  ? -1.32661  3.83795  -2.06457  1.000 14.66616 ? 4   MET A HG3  1 
ATOM   74  H HE1  . MET A 1 4  ? -0.87505  5.15511  -6.18266  1.000 20.68751 ? 4   MET A HE1  1 
ATOM   75  H HE2  . MET A 1 4  ? -2.02722  4.15572  -5.73854  1.000 20.68751 ? 4   MET A HE2  1 
ATOM   76  H HE3  . MET A 1 4  ? -1.97726  5.62649  -5.14033  1.000 20.68751 ? 4   MET A HE3  1 
HETATM 77  N N    . AIB A 1 5  ? -2.01336  1.32282  -0.47266  1.000 7.77110  ? 5   AIB A N    1 
HETATM 78  C CA   . AIB A 1 5  ? -1.61725  1.37283  0.92002   1.000 8.73196  ? 5   AIB A CA   1 
HETATM 79  C C    . AIB A 1 5  ? -0.43689  0.42428  1.19878   1.000 8.10687  ? 5   AIB A C    1 
HETATM 80  O O    . AIB A 1 5  ? 0.58723   0.74488  1.81009   1.000 7.90089  ? 5   AIB A O    1 
HETATM 81  C CB1  . AIB A 1 5  ? -1.22076  2.80440  1.33598   1.000 9.45697  ? 5   AIB A CB1  1 
HETATM 82  C CB2  . AIB A 1 5  ? -2.76551  0.89244  1.82391   1.000 9.85845  ? 5   AIB A CB2  1 
HETATM 83  H HB11 . AIB A 1 5  ? -0.74031  2.78428  2.34307   1.000 11.37095 ? 5   AIB A HB11 1 
HETATM 84  H HB12 . AIB A 1 5  ? -0.50179  3.22642  0.59407   1.000 11.37095 ? 5   AIB A HB12 1 
HETATM 85  H HB13 . AIB A 1 5  ? -2.12996  3.45036  1.37530   1.000 11.37095 ? 5   AIB A HB13 1 
HETATM 86  H HB21 . AIB A 1 5  ? -2.45362  0.98887  2.89215   1.000 11.85272 ? 5   AIB A HB21 1 
HETATM 87  H HB22 . AIB A 1 5  ? -3.66785  1.52263  1.63333   1.000 11.85272 ? 5   AIB A HB22 1 
HETATM 88  H HB23 . AIB A 1 5  ? -2.99190  -0.17592 1.58929   1.000 11.85272 ? 5   AIB A HB23 1 
ATOM   89  N N    . LEU A 1 6  ? -0.58262  -0.79942 0.70158   1.000 7.79678  ? 6   LEU A N    1 
ATOM   90  C CA   . LEU A 1 6  ? 0.47141   -1.79438 0.90591   1.000 7.49148  ? 6   LEU A CA   1 
ATOM   91  C C    . LEU A 1 6  ? 1.75986   -1.40143 0.18378   1.000 6.91286  ? 6   LEU A C    1 
ATOM   92  O O    . LEU A 1 6  ? 2.84237   -1.45226 0.76062   1.000 6.83062  ? 6   LEU A O    1 
ATOM   93  C CB   . LEU A 1 6  ? 0.01452   -3.16075 0.40226   1.000 7.72600  ? 6   LEU A CB   1 
ATOM   94  C CG   . LEU A 1 6  ? 1.07028   -4.26108 0.50740   1.000 8.28107  ? 6   LEU A CG   1 
ATOM   95  C CD1  . LEU A 1 6  ? 1.51722   -4.47873 1.95085   1.000 9.02597  ? 6   LEU A CD1  1 
ATOM   96  C CD2  . LEU A 1 6  ? 0.52520   -5.52760 -0.10768  1.000 9.48556  ? 6   LEU A CD2  1 
ATOM   97  H HA   . LEU A 1 6  ? 0.65883   -1.85264 1.85584   1.000 9.01236  ? 6   LEU A HA   1 
ATOM   98  H HB2  . LEU A 1 6  ? -0.75388  -3.44039 0.92403   1.000 9.29379  ? 6   LEU A HB2  1 
ATOM   99  H HB3  . LEU A 1 6  ? -0.23139  -3.07824 -0.53241  1.000 9.29379  ? 6   LEU A HB3  1 
ATOM   100 H HG   . LEU A 1 6  ? 1.86643   -3.99684 0.02034   1.000 9.95987  ? 6   LEU A HG   1 
ATOM   101 H HD11 . LEU A 1 6  ? 2.12045   -5.23764 1.98364   1.000 10.85375 ? 6   LEU A HD11 1 
ATOM   102 H HD12 . LEU A 1 6  ? 1.97166   -3.68119 2.26439   1.000 10.85375 ? 6   LEU A HD12 1 
ATOM   103 H HD13 . LEU A 1 6  ? 0.73693   -4.65243 2.50027   1.000 10.85375 ? 6   LEU A HD13 1 
ATOM   104 H HD21 . LEU A 1 6  ? 1.20271   -6.21996 -0.05764  1.000 11.40525 ? 6   LEU A HD21 1 
ATOM   105 H HD22 . LEU A 1 6  ? -0.26521  -5.80219 0.38300   1.000 11.40525 ? 6   LEU A HD22 1 
ATOM   106 H HD23 . LEU A 1 6  ? 0.29604   -5.35540 -1.03435  1.000 11.40525 ? 6   LEU A HD23 1 
HETATM 107 N N    . AIB A 1 7  ? 1.63019   -1.04472 -1.08655  1.000 7.17314  ? 7   AIB A N    1 
HETATM 108 C CA   . AIB A 1 7  ? 2.79437   -0.64469 -1.87182  1.000 7.31517  ? 7   AIB A CA   1 
HETATM 109 C C    . AIB A 1 7  ? 3.61051   0.44032  -1.15159  1.000 8.04554  ? 7   AIB A C    1 
HETATM 110 O O    . AIB A 1 7  ? 4.83786   0.40130  -1.03154  1.000 8.72988  ? 7   AIB A O    1 
HETATM 111 C CB1  . AIB A 1 7  ? 3.73819   -1.84181 -2.11960  1.000 8.51764  ? 7   AIB A CB1  1 
HETATM 112 C CB2  . AIB A 1 7  ? 2.34252   -0.04208 -3.21759  1.000 8.08052  ? 7   AIB A CB2  1 
HETATM 113 H HB11 . AIB A 1 7  ? 4.69211   -1.48144 -2.57305  1.000 10.24375 ? 7   AIB A HB11 1 
HETATM 114 H HB12 . AIB A 1 7  ? 3.96070   -2.35215 -1.15239  1.000 10.24375 ? 7   AIB A HB12 1 
HETATM 115 H HB13 . AIB A 1 7  ? 3.25179   -2.56704 -2.81450  1.000 10.24375 ? 7   AIB A HB13 1 
HETATM 116 H HB21 . AIB A 1 7  ? 3.22602   0.41086  -3.72941  1.000 9.71920  ? 7   AIB A HB21 1 
HETATM 117 H HB22 . AIB A 1 7  ? 1.90956   -0.85230 -3.85304  1.000 9.71920  ? 7   AIB A HB22 1 
HETATM 118 H HB23 . AIB A 1 7  ? 1.57138   0.74279  -3.02523  1.000 9.71920  ? 7   AIB A HB23 1 
ATOM   119 N N    . GLN A 1 8  ? 2.89067   1.44586  -0.64818  1.000 8.55380  ? 8   GLN A N    1 
ATOM   120 C CA   . GLN A 1 8  ? 3.55013   2.55394  0.03416   1.000 8.04705  ? 8   GLN A CA   1 
ATOM   121 C C    . GLN A 1 8  ? 4.19489   2.09605  1.34410   1.000 7.16397  ? 8   GLN A C    1 
ATOM   122 O O    . GLN A 1 8  ? 5.34589   2.44686  1.64282   1.000 7.88694  ? 8   GLN A O    1 
ATOM   123 C CB   . GLN A 1 8  ? 2.54161   3.66921  0.29941   1.000 10.90886 ? 8   GLN A CB   1 
ATOM   124 C CG   . GLN A 1 8  ? 2.09569   4.44291  -0.94811  1.000 13.20922 ? 8   GLN A CG   1 
ATOM   125 C CD   . GLN A 1 8  ? 3.19611   5.25410  -1.59315  1.000 13.12747 ? 8   GLN A CD   1 
ATOM   126 O OE1  . GLN A 1 8  ? 4.10969   5.72370  -0.92814  1.000 11.84508 ? 8   GLN A OE1  1 
ATOM   127 N NE2  . GLN A 1 8  ? 3.10331   5.43307  -2.90069  1.000 18.15216 ? 8   GLN A NE2  1 
ATOM   128 H HA   . GLN A 1 8  ? 4.25705   2.90507  -0.52964  1.000 9.67904  ? 8   GLN A HA   1 
ATOM   129 H HB2  . GLN A 1 8  ? 1.74889   3.27867  0.69939   1.000 13.11322 ? 8   GLN A HB2  1 
ATOM   130 H HB3  . GLN A 1 8  ? 2.94180   4.30711  0.91082   1.000 13.11322 ? 8   GLN A HB3  1 
ATOM   131 H HG2  . GLN A 1 8  ? 1.77069   3.81006  -1.60748  1.000 15.87365 ? 8   GLN A HG2  1 
ATOM   132 H HG3  . GLN A 1 8  ? 1.38610   5.05508  -0.69786  1.000 15.87365 ? 8   GLN A HG3  1 
ATOM   133 H HE21 . GLN A 1 8  ? 2.44246   5.09519  -3.33512  1.000 21.80517 ? 8   GLN A HE21 1 
ATOM   134 H HE22 . GLN A 1 8  ? 3.70382   5.88728  -3.31623  1.000 21.80517 ? 8   GLN A HE22 1 
HETATM 135 N N    . AIB A 1 9  ? 3.44805   1.32767  2.13544   1.000 6.74004  ? 9   AIB A N    1 
HETATM 136 C CA   . AIB A 1 9  ? 3.96093   0.83003  3.39839   1.000 6.55299  ? 9   AIB A CA   1 
HETATM 137 C C    . AIB A 1 9  ? 5.30230   0.08469  3.23132   1.000 6.29830  ? 9   AIB A C    1 
HETATM 138 O O    . AIB A 1 9  ? 6.25550   0.26247  3.99129   1.000 6.81743  ? 9   AIB A O    1 
HETATM 139 C CB1  . AIB A 1 9  ? 4.16897   1.98035  4.41794   1.000 7.99903  ? 9   AIB A CB1  1 
HETATM 140 C CB2  . AIB A 1 9  ? 2.98333   -0.20274 3.99938   1.000 7.63406  ? 9   AIB A CB2  1 
HETATM 141 H HB11 . AIB A 1 9  ? 4.34817   1.55492  5.43398   1.000 9.62142  ? 9   AIB A HB11 1 
HETATM 142 H HB12 . AIB A 1 9  ? 5.04981   2.59574  4.11649   1.000 9.62142  ? 9   AIB A HB12 1 
HETATM 143 H HB13 . AIB A 1 9  ? 3.26036   2.62776  4.44550   1.000 9.62142  ? 9   AIB A HB13 1 
HETATM 144 H HB21 . AIB A 1 9  ? 3.40215   -0.58429 4.96203   1.000 9.18346  ? 9   AIB A HB21 1 
HETATM 145 H HB22 . AIB A 1 9  ? 1.99838   0.29110  4.18291   1.000 9.18346  ? 9   AIB A HB22 1 
HETATM 146 H HB23 . AIB A 1 9  ? 2.85652   -1.04709 3.27917   1.000 9.18346  ? 9   AIB A HB23 1 
ATOM   147 N N    . LEU A 1 10 ? 5.34855   -0.79168 2.22913   1.000 7.09044  ? 10  LEU A N    1 
ATOM   148 C CA   . LEU A 1 10 ? 6.54282   -1.61477 2.01801   1.000 7.41909  ? 10  LEU A CA   1 
ATOM   149 C C    . LEU A 1 10 ? 7.72141   -0.81371 1.49161   1.000 8.88676  ? 10  LEU A C    1 
ATOM   150 O O    . LEU A 1 10 ? 8.87858   -1.18843 1.63220   1.000 13.37054 ? 10  LEU A O    1 
ATOM   151 C CB   . LEU A 1 10 ? 6.25333   -2.76003 1.05502   1.000 8.77922  ? 10  LEU A CB   1 
ATOM   152 C CG   . LEU A 1 10 ? 5.30278   -3.84560 1.57192   1.000 9.67540  ? 10  LEU A CG   1 
ATOM   153 C CD1  . LEU A 1 10 ? 5.09866   -4.92263 0.53720   1.000 10.89608 ? 10  LEU A CD1  1 
ATOM   154 C CD2  . LEU A 1 10 ? 5.84983   -4.45444 2.82897   1.000 14.03731 ? 10  LEU A CD2  1 
ATOM   155 H HA   . LEU A 1 10 ? 6.79348   -1.98034 2.88080   1.000 8.92549  ? 10  LEU A HA   1 
ATOM   156 H HB2  . LEU A 1 10 ? 5.85539   -2.38764 0.25261   1.000 10.55764 ? 10  LEU A HB2  1 
ATOM   157 H HB3  . LEU A 1 10 ? 7.09378   -3.19312 0.83828   1.000 10.55764 ? 10  LEU A HB3  1 
ATOM   158 H HG   . LEU A 1 10 ? 4.44294   -3.43878 1.76191   1.000 11.63306 ? 10  LEU A HG   1 
ATOM   159 H HD11 . LEU A 1 10 ? 4.35950   -5.48781 0.81123   1.000 13.09788 ? 10  LEU A HD11 1 
ATOM   160 H HD12 . LEU A 1 10 ? 4.89856   -4.50695 -0.31608  1.000 13.09788 ? 10  LEU A HD12 1 
ATOM   161 H HD13 . LEU A 1 10 ? 5.90964   -5.45003 0.46611   1.000 13.09788 ? 10  LEU A HD13 1 
ATOM   162 H HD21 . LEU A 1 10 ? 5.39389   -5.29382 2.99769   1.000 16.86736 ? 10  LEU A HD21 1 
ATOM   163 H HD22 . LEU A 1 10 ? 6.80041   -4.61119 2.71621   1.000 16.86736 ? 10  LEU A HD22 1 
ATOM   164 H HD23 . LEU A 1 10 ? 5.70070   -3.84284 3.56695   1.000 16.86736 ? 10  LEU A HD23 1 
HETATM 165 C C11  A I77 A 1 11 ? 9.31749   2.06499  -3.52465  0.408 8.32220  ? 11  I77 A C11  1 
HETATM 166 C C11  B I77 A 1 11 ? 10.53721  3.88902  0.38458   0.302 6.71829  ? 11  I77 A C11  1 
HETATM 167 C C11  C I77 A 1 11 ? 10.93098  3.85061  0.15201   0.290 13.72068 ? 11  I77 A C11  1 
HETATM 168 C C12  A I77 A 1 11 ? 9.38073   1.75766  -2.17907  0.408 7.64825  ? 11  I77 A C12  1 
HETATM 169 C C12  B I77 A 1 11 ? 10.30853  2.60041  -0.06742  0.302 6.06811  ? 11  I77 A C12  1 
HETATM 170 C C12  C I77 A 1 11 ? 10.51665  2.55365  -0.06653  0.290 11.68908 ? 11  I77 A C12  1 
HETATM 171 C C13  A I77 A 1 11 ? 8.32796   0.87793  -1.52513  0.408 8.17384  ? 11  I77 A C13  1 
HETATM 172 C C13  B I77 A 1 11 ? 9.41509   1.64095  0.71304   0.302 6.95682  ? 11  I77 A C13  1 
HETATM 173 C C13  C I77 A 1 11 ? 9.69473   1.80716  0.96350   0.290 9.43844  ? 11  I77 A C13  1 
HETATM 174 C C17  A I77 A 1 11 ? 10.40603  2.25512  -1.38263  0.408 5.72593  ? 11  I77 A C17  1 
HETATM 175 C C17  B I77 A 1 11 ? 10.88363  2.18170  -1.26622  0.302 7.97425  ? 11  I77 A C17  1 
HETATM 176 C C17  C I77 A 1 11 ? 10.82233  1.90915  -1.25690  0.290 12.40656 ? 11  I77 A C17  1 
HETATM 177 C C18  A I77 A 1 11 ? 11.35575  3.04750  -1.97247  0.408 6.27657  ? 11  I77 A C18  1 
HETATM 178 C C18  B I77 A 1 11 ? 11.68496  3.06443  -1.96786  0.302 7.10530  ? 11  I77 A C18  1 
HETATM 179 C C18  C I77 A 1 11 ? 11.55869  2.58984  -2.19743  0.290 12.51806 ? 11  I77 A C18  1 
HETATM 180 C C02  A I77 A 1 11 ? 15.15651  6.73851  -5.78587  0.408 13.94092 ? 11  I77 A C02  1 
HETATM 181 C C02  B I77 A 1 11 ? 15.26914  8.29440  -4.24167  0.302 9.21180  ? 11  I77 A C02  1 
HETATM 182 C C02  C I77 A 1 11 ? 14.99078  6.93603  -5.74598  0.290 16.24041 ? 11  I77 A C02  1 
HETATM 183 C C03  A I77 A 1 11 ? 14.13012  5.82434  -5.08025  0.408 14.29328 ? 11  I77 A C03  1 
HETATM 184 C C03  B I77 A 1 11 ? 14.33850  7.22920  -3.53971  0.302 8.17759  ? 11  I77 A C03  1 
HETATM 185 C C03  C I77 A 1 11 ? 14.16947  6.09314  -4.74217  0.290 15.30211 ? 11  I77 A C03  1 
HETATM 186 C C04  A I77 A 1 11 ? 14.01581  5.85227  -3.70152  0.408 12.63873 ? 11  I77 A C04  1 
HETATM 187 C C04  B I77 A 1 11 ? 14.29933  5.91427  -4.01449  0.302 8.32850  ? 11  I77 A C04  1 
HETATM 188 C C04  C I77 A 1 11 ? 13.50625  4.95923  -5.18468  0.290 16.07059 ? 11  I77 A C04  1 
HETATM 189 C C05  A I77 A 1 11 ? 13.06692  5.01977  -3.12603  0.408 10.43325 ? 11  I77 A C05  1 
HETATM 190 C C05  B I77 A 1 11 ? 13.50369  4.97005  -3.35483  0.302 7.40033  ? 11  I77 A C05  1 
HETATM 191 C C05  C I77 A 1 11 ? 12.78531  4.23745  -4.24940  0.290 15.81882 ? 11  I77 A C05  1 
HETATM 192 C C06  A I77 A 1 11 ? 13.31944  4.99710  -5.83891  0.408 14.80576 ? 11  I77 A C06  1 
HETATM 193 C C06  B I77 A 1 11 ? 13.60123  7.51119  -2.39710  0.302 7.43545  ? 11  I77 A C06  1 
HETATM 194 C C06  C I77 A 1 11 ? 14.09723  6.46988  -3.41220  0.290 13.61371 ? 11  I77 A C06  1 
HETATM 195 C C08  A I77 A 1 11 ? 12.29090  4.20513  -3.94108  0.408 10.12576 ? 11  I77 A C08  1 
HETATM 196 C C08  B I77 A 1 11 ? 12.77456  5.33384  -2.22760  0.302 6.72867  ? 11  I77 A C08  1 
HETATM 197 C C08  C I77 A 1 11 ? 12.75864  4.66237  -2.93134  0.290 13.94045 ? 11  I77 A C08  1 
HETATM 198 C C09  A I77 A 1 11 ? 11.24414  3.31243  -3.32077  0.408 8.28984  ? 11  I77 A C09  1 
HETATM 199 C C09  B I77 A 1 11 ? 11.88845  4.34446  -1.46817  0.302 6.73504  ? 11  I77 A C09  1 
HETATM 200 C C09  C I77 A 1 11 ? 11.95914  3.88401  -1.91263  0.290 13.11478 ? 11  I77 A C09  1 
HETATM 201 N N01  A I77 A 1 11 ? 15.11249  6.82146  -7.25033  0.408 15.86566 ? 11  I77 A N01  1 
HETATM 202 N N01  B I77 A 1 11 ? 15.75698  9.60403  -3.68667  0.302 15.53126 ? 11  I77 A N01  1 
HETATM 203 N N01  C I77 A 1 11 ? 15.84742  8.01499  -5.25971  0.290 14.22952 ? 11  I77 A N01  1 
HETATM 204 N N07  A I77 A 1 11 ? 12.43419  4.22199  -5.24979  0.408 13.01821 ? 11  I77 A N07  1 
HETATM 205 N N07  B I77 A 1 11 ? 12.86039  6.57817  -1.80195  0.302 6.58324  ? 11  I77 A N07  1 
HETATM 206 N N07  C I77 A 1 11 ? 13.39691  5.74904  -2.55813  0.290 14.42122 ? 11  I77 A N07  1 
HETATM 207 N N10  A I77 A 1 11 ? 10.24459  2.83355  -4.05345  0.408 10.51114 ? 11  I77 A N10  1 
HETATM 208 N N10  B I77 A 1 11 ? 11.31295  4.69997  -0.31868  0.302 9.51064  ? 11  I77 A N10  1 
HETATM 209 N N10  C I77 A 1 11 ? 11.63592  4.46355  -0.77055  0.290 14.73456 ? 11  I77 A N10  1 
HETATM 210 N N14  A I77 A 1 11 ? 8.21101   0.99138  -0.06398  0.408 8.54633  ? 11  I77 A N14  1 
HETATM 211 N N14  B I77 A 1 11 ? 8.32487   1.03700  -0.07168  0.302 8.70051  ? 11  I77 A N14  1 
HETATM 212 N N14  C I77 A 1 11 ? 8.42290   1.28885  0.44937   0.290 9.44754  ? 11  I77 A N14  1 
HETATM 213 N N15  A I77 A 1 11 ? 7.25353   0.23301  0.64474   0.408 7.65491  ? 11  I77 A N15  1 
HETATM 214 N N15  B I77 A 1 11 ? 7.38253   0.14478  0.49233   0.302 8.73710  ? 11  I77 A N15  1 
HETATM 215 N N15  C I77 A 1 11 ? 7.51882   0.57981  1.26280   0.290 9.11940  ? 11  I77 A N15  1 
HETATM 216 O O16  A I77 A 1 11 ? 7.67383   0.14474  -2.19339  0.408 8.20096  ? 11  I77 A O16  1 
HETATM 217 O O16  B I77 A 1 11 ? 9.61880   1.41539  1.87372   0.302 7.04163  ? 11  I77 A O16  1 
HETATM 218 O O16  C I77 A 1 11 ? 10.08747  1.66548  2.07972   0.290 4.15393  ? 11  I77 A O16  1 
HETATM 219 O O19  A I77 A 1 11 ? 15.94026  7.37527  -5.14950  0.408 9.75050  ? 11  I77 A O19  1 
HETATM 220 O O19  B I77 A 1 11 ? 15.79976  7.96118  -5.23905  0.302 8.25307  ? 11  I77 A O19  1 
HETATM 221 O O19  C I77 A 1 11 ? 14.92786  6.70210  -6.90593  0.290 18.09358 ? 11  I77 A O19  1 
HETATM 222 H H111 A I77 A 1 11 ? 8.51611   1.67864  -4.13519  0.408 10.00923 ? 11  I77 A H111 1 
HETATM 223 H H111 B I77 A 1 11 ? 10.08646  4.23031  1.30360   0.302 8.08453  ? 11  I77 A H111 1 
HETATM 224 H H111 C I77 A 1 11 ? 10.67863  4.35629  1.07118   0.290 16.48740 ? 11  I77 A H111 1 
HETATM 225 H H171 A I77 A 1 11 ? 10.45308  2.02141  -0.31902  0.408 6.89369  ? 11  I77 A H171 1 
HETATM 226 H H171 B I77 A 1 11 ? 10.70484  1.17522  -1.64456  0.302 9.59169  ? 11  I77 A H171 1 
HETATM 227 H H171 C I77 A 1 11 ? 10.48697  0.88861  -1.44163  0.290 14.91045 ? 11  I77 A H171 1 
HETATM 228 H H181 A I77 A 1 11 ? 12.17841  3.45787  -1.39059  0.408 7.55447  ? 11  I77 A H181 1 
HETATM 229 H H181 B I77 A 1 11 ? 12.15142  2.75912  -2.90218  0.302 8.54895  ? 11  I77 A H181 1 
HETATM 230 H H181 C I77 A 1 11 ? 11.82080  2.12207  -3.14412  0.290 15.04425 ? 11  I77 A H181 1 
HETATM 231 H H041 A I77 A 1 11 ? 14.63603  6.49198  -3.10186  0.408 15.18906 ? 11  I77 A H041 1 
HETATM 232 H H041 B I77 A 1 11 ? 14.87404  5.63176  -4.87668  0.302 10.01678 ? 11  I77 A H041 1 
HETATM 233 H H041 C I77 A 1 11 ? 13.55019  4.65283  -6.21310  0.290 19.30729 ? 11  I77 A H041 1 
HETATM 234 H H051 A I77 A 1 11 ? 12.93222  5.00494  -2.05154  0.408 12.54249 ? 11  I77 A H051 1 
HETATM 235 H H051 B I77 A 1 11 ? 13.45561  3.95280  -3.72331  0.302 8.90298  ? 11  I77 A H051 1 
HETATM 236 H H051 C I77 A 1 11 ? 12.24565  3.34652  -4.54588  0.290 19.00517 ? 11  I77 A H051 1 
HETATM 237 H H061 A I77 A 1 11 ? 13.41380  4.98800  -6.91576  0.408 17.78949 ? 11  I77 A H061 1 
HETATM 238 H H061 B I77 A 1 11 ? 13.62927  8.50896  -1.98209  0.302 8.94513  ? 11  I77 A H061 1 
HETATM 239 H H061 C I77 A 1 11 ? 14.61542  7.35596  -3.07317  0.290 16.35904 ? 11  I77 A H061 1 
HETATM 240 H H011 A I77 A 1 11 ? 14.44439  6.28666  -7.76249  0.408 19.06138 ? 11  I77 A H011 1 
HETATM 241 H H011 B I77 A 1 11 ? 15.36957  9.96930  -2.84926  0.302 18.66010 ? 11  I77 A H011 1 
HETATM 242 H H011 C I77 A 1 11 ? 15.88735  8.21095  -4.28661  0.290 17.09801 ? 11  I77 A H011 1 
HETATM 243 H H012 A I77 A 1 11 ? 15.75650  7.40928  -7.74773  0.408 19.06138 ? 11  I77 A H012 1 
HETATM 244 H H012 B I77 A 1 11 ? 16.37384  10.13107 -4.27282  0.302 18.66010 ? 11  I77 A H012 1 
HETATM 245 H H012 C I77 A 1 11 ? 16.38249  8.56999  -5.90617  0.290 17.09801 ? 11  I77 A H012 1 
HETATM 246 H H141 A I77 A 1 11 ? 8.81987   1.61627  0.43684   0.408 10.27818 ? 11  I77 A H141 1 
HETATM 247 H H141 B I77 A 1 11 ? 8.24683   1.26787  -1.04771  0.302 10.46319 ? 11  I77 A H141 1 
HETATM 248 H H141 C I77 A 1 11 ? 8.18854   1.44498  -0.51640  0.290 11.35963 ? 11  I77 A H141 1 
HETATM 249 H H1   A I77 A 1 11 ? 6.77955   -0.38032 0.00257   0.408 9.20848  ? 11  I77 A H1   1 
HETATM 250 H H1   B I77 A 1 11 ? 6.51183   0.63641  0.61644   0.302 10.50711 ? 11  I77 A H1   1 
HETATM 251 H H1   C I77 A 1 11 ? 6.62548   0.58732  0.79659   0.290 10.96587 ? 11  I77 A H1   1 
HETATM 252 C C05  . I6W B 1 1  ? 6.03276   0.45092  -5.61377  1.000 9.82106  ? 1   I6W B C05  1 
HETATM 253 C C08  . I6W B 1 1  ? 5.02870   0.44268  -6.51890  1.000 10.59918 ? 1   I6W B C08  1 
HETATM 254 C C09  . I6W B 1 1  ? 4.88045   1.74709  -7.25484  1.000 12.35604 ? 1   I6W B C09  1 
HETATM 255 N N10  . I6W B 1 1  ? 5.61669   2.75483  -6.91291  1.000 17.32242 ? 1   I6W B N10  1 
HETATM 256 C C02  . I6W B 1 1  ? 6.12266   -3.05121 -4.48545  1.000 8.58673  ? 1   I6W B C02  1 
HETATM 257 C C03  . I6W B 1 1  ? 5.63915   -1.82771 -5.26431  1.000 7.76267  ? 1   I6W B C03  1 
HETATM 258 C C04  . I6W B 1 1  ? 6.34075   -0.70666 -4.93942  1.000 10.11713 ? 1   I6W B C04  1 
HETATM 259 C C06  . I6W B 1 1  ? 4.63862   -1.81521 -6.21162  1.000 9.62642  ? 1   I6W B C06  1 
HETATM 260 C C11  . I6W B 1 1  ? 5.54189   3.88017  -7.58499  1.000 15.91076 ? 1   I6W B C11  1 
HETATM 261 C C12  . I6W B 1 1  ? 4.78643   4.01940  -8.73061  1.000 14.36305 ? 1   I6W B C12  1 
HETATM 262 C C13  . I6W B 1 1  ? 4.71343   5.28343  -9.62228  1.000 15.29933 ? 1   I6W B C13  1 
HETATM 263 C C15  . I6W B 1 1  ? 4.00764   6.12732  -11.78546 1.000 14.05956 ? 1   I6W B C15  1 
HETATM 264 C C16  . I6W B 1 1  ? 5.23262   6.23243  -12.72336 1.000 13.31456 ? 1   I6W B C16  1 
HETATM 265 C C18  . I6W B 1 1  ? 4.07009   2.95876  -9.14883  1.000 12.53725 ? 1   I6W B C18  1 
HETATM 266 C C19  . I6W B 1 1  ? 4.14086   1.82126  -8.38059  1.000 10.66094 ? 1   I6W B C19  1 
HETATM 267 N N07  . I6W B 1 1  ? 4.38515   -0.68400 -6.89955  1.000 11.84758 ? 1   I6W B N07  1 
HETATM 268 O O01  . I6W B 1 1  ? 7.22324   -3.02105 -3.97863  1.000 8.75597  ? 1   I6W B O01  1 
HETATM 269 O O14  . I6W B 1 1  ? 4.20991   5.00109  -10.91419 1.000 14.44554 ? 1   I6W B O14  1 
HETATM 270 O O17  . I6W B 1 1  ? 5.14693   6.33115  -9.32027  1.000 18.12959 ? 1   I6W B O17  1 
HETATM 271 H H051 . I6W B 1 1  ? 6.58090   1.34782  -5.42480  1.000 11.80786 ? 1   I6W B H051 1 
HETATM 272 H H041 . I6W B 1 1  ? 7.13789   -0.72771 -4.15296  1.000 12.16313 ? 1   I6W B H041 1 
HETATM 273 H H061 . I6W B 1 1  ? 4.05739   -2.71245 -6.40275  1.000 11.57428 ? 1   I6W B H061 1 
HETATM 274 H H111 . I6W B 1 1  ? 6.08841   4.72258  -7.23020  1.000 19.11549 ? 1   I6W B H111 1 
HETATM 275 H H152 . I6W B 1 1  ? 3.10881   5.98076  -12.37155 1.000 16.89405 ? 1   I6W B H152 1 
HETATM 276 H H151 . I6W B 1 1  ? 3.91642   7.03307  -11.19879 1.000 16.89405 ? 1   I6W B H151 1 
HETATM 277 H H162 . I6W B 1 1  ? 5.07202   7.05228  -13.44814 1.000 16.00006 ? 1   I6W B H162 1 
HETATM 278 H H163 . I6W B 1 1  ? 5.36235   5.27847  -13.26774 1.000 16.00006 ? 1   I6W B H163 1 
HETATM 279 H H161 . I6W B 1 1  ? 6.13827   6.44163  -12.12396 1.000 16.00006 ? 1   I6W B H161 1 
HETATM 280 H H181 . I6W B 1 1  ? 3.46285   2.99921  -10.05311 1.000 15.06728 ? 1   I6W B H181 1 
HETATM 281 H H191 . I6W B 1 1  ? 3.57723   0.94474  -8.69330  1.000 12.81571 ? 1   I6W B H191 1 
ATOM   282 N N    . LEU B 1 2  ? 5.54933   -4.31731 -4.79390  1.000 7.75629  ? 2   LEU B N    1 
ATOM   283 C CA   . LEU B 1 2  ? 6.19629   -5.46919 -4.18266  1.000 7.49107  ? 2   LEU B CA   1 
ATOM   284 C C    . LEU B 1 2  ? 7.57649   -5.77425 -4.79794  1.000 7.20669  ? 2   LEU B C    1 
ATOM   285 O O    . LEU B 1 2  ? 8.57070   -5.86513 -4.07826  1.000 7.29901  ? 2   LEU B O    1 
ATOM   286 C CB   . LEU B 1 2  ? 5.24210   -6.67401 -4.27140  1.000 7.26911  ? 2   LEU B CB   1 
ATOM   287 C CG   . LEU B 1 2  ? 4.13598   -6.67698 -3.21164  1.000 9.34272  ? 2   LEU B CG   1 
ATOM   288 C CD1  . LEU B 1 2  ? 2.93331   -7.51072 -3.62729  1.000 11.44471 ? 2   LEU B CD1  1 
ATOM   289 C CD2  . LEU B 1 2  ? 4.67397   -7.18962 -1.87350  1.000 13.17666 ? 2   LEU B CD2  1 
ATOM   290 H HA   . LEU B 1 2  ? 6.37860   -5.28709 -3.24751  1.000 9.01186  ? 2   LEU B HA   1 
ATOM   291 H HB2  . LEU B 1 2  ? 4.81594   -6.66792 -5.14275  1.000 8.74552  ? 2   LEU B HB2  1 
ATOM   292 H HB3  . LEU B 1 2  ? 5.75910   -7.48723 -4.16062  1.000 8.74552  ? 2   LEU B HB3  1 
ATOM   293 H HG   . LEU B 1 2  ? 3.83404   -5.76080 -3.10988  1.000 11.23385 ? 2   LEU B HG   1 
ATOM   294 H HD11 . LEU B 1 2  ? 2.26131   -7.46558 -2.92925  1.000 13.75624 ? 2   LEU B HD11 1 
ATOM   295 H HD12 . LEU B 1 2  ? 2.57420   -7.15595 -4.45560  1.000 13.75624 ? 2   LEU B HD12 1 
ATOM   296 H HD13 . LEU B 1 2  ? 3.21546   -8.42981 -3.75590  1.000 13.75624 ? 2   LEU B HD13 1 
ATOM   297 H HD21 . LEU B 1 2  ? 3.95923   -7.17145 -1.21795  1.000 15.83458 ? 2   LEU B HD21 1 
ATOM   298 H HD22 . LEU B 1 2  ? 4.99393   -8.09803 -1.98891  1.000 15.83458 ? 2   LEU B HD22 1 
ATOM   299 H HD23 . LEU B 1 2  ? 5.40173   -6.61669 -1.58536  1.000 15.83458 ? 2   LEU B HD23 1 
HETATM 300 N N    . AIB B 1 3  ? 7.63446   -5.92553 -6.11684  1.000 7.22959  ? 3   AIB B N    1 
HETATM 301 C CA   . AIB B 1 3  ? 8.89558   -6.14176 -6.79860  1.000 7.27973  ? 3   AIB B CA   1 
HETATM 302 C C    . AIB B 1 3  ? 9.91113   -5.02684 -6.48166  1.000 7.48449  ? 3   AIB B C    1 
HETATM 303 O O    . AIB B 1 3  ? 11.09133  -5.22975 -6.16835  1.000 7.52413  ? 3   AIB B O    1 
HETATM 304 C CB1  . AIB B 1 3  ? 9.52829   -7.49146 -6.40041  1.000 8.49710  ? 3   AIB B CB1  1 
HETATM 305 C CB2  . AIB B 1 3  ? 8.64913   -6.12155 -8.31491  1.000 7.70328  ? 3   AIB B CB2  1 
HETATM 306 H HB11 . AIB B 1 3  ? 10.52785  -7.59626 -6.88554  1.000 10.21911 ? 3   AIB B HB11 1 
HETATM 307 H HB12 . AIB B 1 3  ? 9.65099   -7.53723 -5.29213  1.000 10.21911 ? 3   AIB B HB12 1 
HETATM 308 H HB13 . AIB B 1 3  ? 8.86909   -8.32861 -6.73216  1.000 10.21911 ? 3   AIB B HB13 1 
HETATM 309 H HB21 . AIB B 1 3  ? 9.62584   -6.23553 -8.84476  1.000 9.26652  ? 3   AIB B HB21 1 
HETATM 310 H HB22 . AIB B 1 3  ? 7.96955   -6.96580 -8.58529  1.000 9.26652  ? 3   AIB B HB22 1 
HETATM 311 H HB23 . AIB B 1 3  ? 8.17647   -5.14893 -8.59470  1.000 9.26652  ? 3   AIB B HB23 1 
ATOM   312 N N    . MET B 1 4  ? 9.40770   -3.79217 -6.55865  1.000 7.27297  ? 4   MET B N    1 
ATOM   313 C CA   . MET B 1 4  ? 10.26218  -2.63294 -6.35614  1.000 8.72074  ? 4   MET B CA   1 
ATOM   314 C C    . MET B 1 4  ? 10.86656  -2.58233 -4.96137  1.000 7.43623  ? 4   MET B C    1 
ATOM   315 O O    . MET B 1 4  ? 12.04098  -2.23883 -4.78986  1.000 7.93103  ? 4   MET B O    1 
ATOM   316 C CB   . MET B 1 4  ? 9.46301   -1.34934 -6.54272  1.000 10.54921 ? 4   MET B CB   1 
ATOM   317 C CG   . MET B 1 4  ? 10.33951  -0.12382 -6.43691  1.000 15.07331 ? 4   MET B CG   1 
ATOM   318 S SD   . MET B 1 4  ? 9.60894   1.34287  -7.14843  1.000 19.49402 ? 4   MET B SD   1 
ATOM   319 C CE   . MET B 1 4  ? 10.81181  1.61499  -8.31631  1.000 29.13502 ? 4   MET B CE   1 
ATOM   320 H HA   . MET B 1 4  ? 10.97223  -2.69372 -7.01420  1.000 10.48747 ? 4   MET B HA   1 
ATOM   321 H HB2  . MET B 1 4  ? 9.05100   -1.35427 -7.42085  1.000 12.68164 ? 4   MET B HB2  1 
ATOM   322 H HB3  . MET B 1 4  ? 8.77999   -1.29556 -5.85607  1.000 12.68164 ? 4   MET B HB3  1 
ATOM   323 H HG2  . MET B 1 4  ? 10.51309  0.05648  -5.49975  1.000 18.11055 ? 4   MET B HG2  1 
ATOM   324 H HG3  . MET B 1 4  ? 11.17348  -0.29477 -6.90187  1.000 18.11055 ? 4   MET B HG3  1 
ATOM   325 H HE1  . MET B 1 4  ? 10.58031  2.40453  -8.83005  1.000 34.98461 ? 4   MET B HE1  1 
ATOM   326 H HE2  . MET B 1 4  ? 11.66189  1.74904  -7.86879  1.000 34.98461 ? 4   MET B HE2  1 
ATOM   327 H HE3  . MET B 1 4  ? 10.86415  0.84316  -8.90150  1.000 34.98461 ? 4   MET B HE3  1 
HETATM 328 N N    . AIB B 1 5  ? 10.04365  -2.84868 -3.95045  1.000 7.81543  ? 5   AIB B N    1 
HETATM 329 C CA   . AIB B 1 5  ? 10.51276  -2.79133 -2.57285  1.000 8.60643  ? 5   AIB B CA   1 
HETATM 330 C C    . AIB B 1 5  ? 11.76710  -3.66012 -2.39674  1.000 8.49852  ? 5   AIB B C    1 
HETATM 331 O O    . AIB B 1 5  ? 12.79528  -3.29561 -1.81809  1.000 8.37675  ? 5   AIB B O    1 
HETATM 332 C CB1  . AIB B 1 5  ? 10.84721  -1.34570 -2.15370  1.000 9.93033  ? 5   AIB B CB1  1 
HETATM 333 C CB2  . AIB B 1 5  ? 9.43717   -3.32948 -1.61518  1.000 8.77353  ? 5   AIB B CB2  1 
HETATM 334 H HB11 . AIB B 1 5  ? 10.95828  -1.29155 -1.04456  1.000 11.93898 ? 5   AIB B HB11 1 
HETATM 335 H HB12 . AIB B 1 5  ? 11.80197  -1.02565 -2.63481  1.000 11.93898 ? 5   AIB B HB12 1 
HETATM 336 H HB13 . AIB B 1 5  ? 10.02630  -0.66124 -2.47477  1.000 11.93898 ? 5   AIB B HB13 1 
HETATM 337 H HB21 . AIB B 1 5  ? 9.83198   -3.30183 -0.57065  1.000 10.55081 ? 5   AIB B HB21 1 
HETATM 338 H HB22 . AIB B 1 5  ? 8.52542   -2.68898 -1.69370  1.000 10.55081 ? 5   AIB B HB22 1 
HETATM 339 H HB23 . AIB B 1 5  ? 9.18854   -4.38067 -1.89955  1.000 10.55081 ? 5   AIB B HB23 1 
ATOM   340 N N    . LEU B 1 6  ? 11.66524  -4.86286 -2.95526  1.000 8.27398  ? 6   LEU B N    1 
ATOM   341 C CA   . LEU B 1 6  ? 12.73181  -5.84465 -2.82555  1.000 8.41405  ? 6   LEU B CA   1 
ATOM   342 C C    . LEU B 1 6  ? 13.91646  -5.46556 -3.70636  1.000 6.67086  ? 6   LEU B C    1 
ATOM   343 O O    . LEU B 1 6  ? 15.06004  -5.56136 -3.25603  1.000 7.65052  ? 6   LEU B O    1 
ATOM   344 C CB   . LEU B 1 6  ? 12.21383  -7.23888 -3.16353  1.000 9.61085  ? 6   LEU B CB   1 
ATOM   345 C CG   . LEU B 1 6  ? 11.06969  -7.72122 -2.27562  1.000 12.46218 ? 6   LEU B CG   1 
ATOM   346 C CD1  . LEU B 1 6  ? 10.71992  -9.14439 -2.64699  1.000 11.90864 ? 6   LEU B CD1  1 
ATOM   347 C CD2  . LEU B 1 6  ? 11.39827  -7.61552 -0.79668  1.000 14.87128 ? 6   LEU B CD2  1 
ATOM   348 H HA   . LEU B 1 6  ? 13.04621  -5.87094 -1.90829  1.000 10.11944 ? 6   LEU B HA   1 
ATOM   349 H HB2  . LEU B 1 6  ? 11.89355  -7.23522 -4.07912  1.000 11.55560 ? 6   LEU B HB2  1 
ATOM   350 H HB3  . LEU B 1 6  ? 12.94431  -7.87020 -3.07010  1.000 11.55560 ? 6   LEU B HB3  1 
ATOM   351 H HG   . LEU B 1 6  ? 10.30046  -7.14856 -2.42134  1.000 14.97720 ? 6   LEU B HG   1 
ATOM   352 H HD11 . LEU B 1 6  ? 10.09842  -9.49813 -1.99163  1.000 14.31295 ? 6   LEU B HD11 1 
ATOM   353 H HD12 . LEU B 1 6  ? 10.31156  -9.14991 -3.52683  1.000 14.31295 ? 6   LEU B HD12 1 
ATOM   354 H HD13 . LEU B 1 6  ? 11.53061  -9.67695 -2.65523  1.000 14.31295 ? 6   LEU B HD13 1 
ATOM   355 H HD21 . LEU B 1 6  ? 10.68610  -8.02960 -0.28457  1.000 17.86812 ? 6   LEU B HD21 1 
ATOM   356 H HD22 . LEU B 1 6  ? 12.23693  -8.07208 -0.62609  1.000 17.86812 ? 6   LEU B HD22 1 
ATOM   357 H HD23 . LEU B 1 6  ? 11.47676  -6.67894 -0.55677  1.000 17.86812 ? 6   LEU B HD23 1 
HETATM 358 N N    . AIB B 1 7  ? 13.65123  -5.04600 -4.94048  1.000 6.67148  ? 7   AIB B N    1 
HETATM 359 C CA   . AIB B 1 7  ? 14.71110  -4.60067 -5.83319  1.000 7.98160  ? 7   AIB B CA   1 
HETATM 360 C C    . AIB B 1 7  ? 15.56713  -3.49931 -5.18411  1.000 7.61657  ? 7   AIB B C    1 
HETATM 361 O O    . AIB B 1 7  ? 16.79510  -3.47445 -5.21991  1.000 8.72125  ? 7   AIB B O    1 
HETATM 362 C CB1  . AIB B 1 7  ? 15.64015  -5.75476 -6.25364  1.000 8.14725  ? 7   AIB B CB1  1 
HETATM 363 C CB2  . AIB B 1 7  ? 14.10558  -3.95622 -7.09827  1.000 8.37122  ? 7   AIB B CB2  1 
HETATM 364 H HB11 . AIB B 1 7  ? 16.45339  -5.36325 -6.91000  1.000 9.79928  ? 7   AIB B HB11 1 
HETATM 365 H HB12 . AIB B 1 7  ? 16.09263  -6.22299 -5.34728  1.000 9.79928  ? 7   AIB B HB12 1 
HETATM 366 H HB13 . AIB B 1 7  ? 15.05557  -6.52423 -6.81191  1.000 9.79928  ? 7   AIB B HB13 1 
HETATM 367 H HB21 . AIB B 1 7  ? 14.92544  -3.49584 -7.70121  1.000 10.06805 ? 7   AIB B HB21 1 
HETATM 368 H HB22 . AIB B 1 7  ? 13.58975  -4.74476 -7.69811  1.000 10.06805 ? 7   AIB B HB22 1 
HETATM 369 H HB23 . AIB B 1 7  ? 13.37222  -3.17116 -6.79238  1.000 10.06805 ? 7   AIB B HB23 1 
ATOM   370 N N    . GLN B 1 8  ? 14.88407  -2.55108 -4.55295  1.000 7.53045  ? 8   GLN B N    1 
ATOM   371 C CA   . GLN B 1 8  ? 15.57188  -1.42546 -3.91620  1.000 9.61578  ? 8   GLN B CA   1 
ATOM   372 C C    . GLN B 1 8  ? 16.36990  -1.83772 -2.68872  1.000 7.67469  ? 8   GLN B C    1 
ATOM   373 O O    . GLN B 1 8  ? 17.48205  -1.34991 -2.46234  1.000 8.61641  ? 8   GLN B O    1 
ATOM   374 C CB   . GLN B 1 8  ? 14.56678  -0.35004 -3.50575  1.000 11.05860 ? 8   GLN B CB   1 
ATOM   375 C CG   . GLN B 1 8  ? 13.86483  0.35050  -4.65199  1.000 12.49196 ? 8   GLN B CG   1 
ATOM   376 C CD   . GLN B 1 8  ? 14.77902  1.26402  -5.40856  1.000 16.87645 ? 8   GLN B CD   1 
ATOM   377 O OE1  . GLN B 1 8  ? 15.61842  1.94079  -4.81968  1.000 21.35008 ? 8   GLN B OE1  1 
ATOM   378 N NE2  . GLN B 1 8  ? 14.61823  1.30796  -6.71698  1.000 20.95502 ? 8   GLN B NE2  1 
ATOM   379 H HA   . GLN B 1 8  ? 16.19454  -1.06356 -4.56599  1.000 11.56152 ? 8   GLN B HA   1 
ATOM   380 H HB2  . GLN B 1 8  ? 13.88264  -0.76423 -2.95683  1.000 13.29290 ? 8   GLN B HB2  1 
ATOM   381 H HB3  . GLN B 1 8  ? 15.03595  0.32838  -2.99535  1.000 13.29290 ? 8   GLN B HB3  1 
ATOM   382 H HG2  . GLN B 1 8  ? 13.52461  -0.31508 -5.27017  1.000 15.01294 ? 8   GLN B HG2  1 
ATOM   383 H HG3  . GLN B 1 8  ? 13.13301  0.88070  -4.29952  1.000 15.01294 ? 8   GLN B HG3  1 
ATOM   384 H HE21 . GLN B 1 8  ? 14.01215  0.82679  -7.09214  1.000 25.16861 ? 8   GLN B HE21 1 
ATOM   385 H HE22 . GLN B 1 8  ? 15.11947  1.81779  -7.19493  1.000 25.16861 ? 8   GLN B HE22 1 
HETATM 386 N N    . AIB B 1 9  ? 15.77732  -2.71143 -1.88605  1.000 6.98198  ? 9   AIB B N    1 
HETATM 387 C CA   . AIB B 1 9  ? 16.44537  -3.21803 -0.70155  1.000 7.28887  ? 9   AIB B CA   1 
HETATM 388 C C    . AIB B 1 9  ? 17.78603  -3.89341 -1.06190  1.000 6.04073  ? 9   AIB B C    1 
HETATM 389 O O    . AIB B 1 9  ? 18.82798  -3.70694 -0.43302  1.000 7.06743  ? 9   AIB B O    1 
HETATM 390 C CB1  . AIB B 1 9  ? 16.69494  -2.11962 0.35355   1.000 7.83583  ? 9   AIB B CB1  1 
HETATM 391 C CB2  . AIB B 1 9  ? 15.57750  -4.31683 -0.06829  1.000 7.99242  ? 9   AIB B CB2  1 
HETATM 392 H HB11 . AIB B 1 9  ? 17.18946  -2.56408 1.24985   1.000 9.42558  ? 9   AIB B HB11 1 
HETATM 393 H HB12 . AIB B 1 9  ? 17.35454  -1.32833 -0.07568  1.000 9.42558  ? 9   AIB B HB12 1 
HETATM 394 H HB13 . AIB B 1 9  ? 15.72341  -1.66285 0.65840   1.000 9.42558  ? 9   AIB B HB13 1 
HETATM 395 H HB21 . AIB B 1 9  ? 16.14857  -4.79992 0.76129   1.000 9.61349  ? 9   AIB B HB21 1 
HETATM 396 H HB22 . AIB B 1 9  ? 14.64168  -3.85697 0.33230   1.000 9.61349  ? 9   AIB B HB22 1 
HETATM 397 H HB23 . AIB B 1 9  ? 15.32425  -5.07603 -0.84749  1.000 9.61349  ? 9   AIB B HB23 1 
ATOM   398 N N    . LEU B 1 10 ? 17.74038  -4.69591 -2.11719  1.000 6.46844  ? 10  LEU B N    1 
ATOM   399 C CA   . LEU B 1 10 ? 18.93353  -5.37284 -2.62869  1.000 6.62488  ? 10  LEU B CA   1 
ATOM   400 C C    . LEU B 1 10 ? 19.91930  -4.36951 -3.21384  1.000 7.57776  ? 10  LEU B C    1 
ATOM   401 O O    . LEU B 1 10 ? 21.10236  -4.28638 -2.86416  1.000 7.17128  ? 10  LEU B O    1 
ATOM   402 C CB   . LEU B 1 10 ? 18.54186  -6.39883 -3.68898  1.000 7.99469  ? 10  LEU B CB   1 
ATOM   403 C CG   . LEU B 1 10 ? 19.67057  -7.19907 -4.33836  1.000 6.74719  ? 10  LEU B CG   1 
ATOM   404 C CD1  . LEU B 1 10 ? 20.56470  -7.89245 -3.32757  1.000 8.15641  ? 10  LEU B CD1  1 
ATOM   405 C CD2  . LEU B 1 10 ? 19.07456  -8.19551 -5.29789  1.000 8.38836  ? 10  LEU B CD2  1 
ATOM   406 H HA   . LEU B 1 10 ? 19.37431  -5.83846 -1.90081  1.000 7.97244  ? 10  LEU B HA   1 
ATOM   407 H HB2  . LEU B 1 10 ? 17.94323  -7.04036 -3.27547  1.000 9.61621  ? 10  LEU B HB2  1 
ATOM   408 H HB3  . LEU B 1 10 ? 18.08281  -5.92883 -4.40260  1.000 9.61621  ? 10  LEU B HB3  1 
ATOM   409 H HG   . LEU B 1 10 ? 20.24735  -6.58335 -4.81701  1.000 8.11921  ? 10  LEU B HG   1 
ATOM   410 H HD11 . LEU B 1 10 ? 21.21689  -8.43240 -3.80087  1.000 9.81028  ? 10  LEU B HD11 1 
ATOM   411 H HD12 . LEU B 1 10 ? 21.01661  -7.22111 -2.79280  1.000 9.81028  ? 10  LEU B HD12 1 
ATOM   412 H HD13 . LEU B 1 10 ? 20.01892  -8.45679 -2.75789  1.000 9.81028  ? 10  LEU B HD13 1 
ATOM   413 H HD21 . LEU B 1 10 ? 19.79183  -8.67430 -5.74194  1.000 10.08862 ? 10  LEU B HD21 1 
ATOM   414 H HD22 . LEU B 1 10 ? 18.51874  -8.81734 -4.80262  1.000 10.08862 ? 10  LEU B HD22 1 
ATOM   415 H HD23 . LEU B 1 10 ? 18.53824  -7.72160 -5.95263  1.000 10.08862 ? 10  LEU B HD23 1 
HETATM 416 C C11  . I77 B 1 11 ? 21.09453  -0.60173 -6.76139  1.000 7.80074  ? 11  I77 B C11  1 
HETATM 417 C C12  . I77 B 1 11 ? 21.70496  -1.82445 -6.46950  1.000 8.10154  ? 11  I77 B C12  1 
HETATM 418 C C13  . I77 B 1 11 ? 20.99149  -3.01149 -5.85885  1.000 7.49319  ? 11  I77 B C13  1 
HETATM 419 C C17  . I77 B 1 11 ? 23.05586  -1.96827 -6.69492  1.000 9.37576  ? 11  I77 B C17  1 
HETATM 420 C C18  . I77 B 1 11 ? 23.77039  -0.93895 -7.23189  1.000 7.08431  ? 11  I77 B C18  1 
HETATM 421 C C02  . I77 B 1 11 ? 26.27570  4.68529  -9.25122  1.000 7.82005  ? 11  I77 B C02  1 
HETATM 422 C C03  . I77 B 1 11 ? 25.51723  3.42501  -8.84012  1.000 7.57258  ? 11  I77 B C03  1 
HETATM 423 C C04  . I77 B 1 11 ? 24.21675  3.62702  -8.47364  1.000 8.07124  ? 11  I77 B C04  1 
HETATM 424 C C05  . I77 B 1 11 ? 23.46029  2.56354  -8.07307  1.000 6.77160  ? 11  I77 B C05  1 
HETATM 425 C C06  . I77 B 1 11 ? 26.06886  2.15005  -8.78898  1.000 8.52677  ? 11  I77 B C06  1 
HETATM 426 C C08  . I77 B 1 11 ? 24.02589  1.31606  -8.05635  1.000 7.17375  ? 11  I77 B C08  1 
HETATM 427 C C09  . I77 B 1 11 ? 23.12452  0.22341  -7.53058  1.000 8.08212  ? 11  I77 B C09  1 
HETATM 428 N N01  . I77 B 1 11 ? 27.65486  4.58012  -9.57376  1.000 9.26489  ? 11  I77 B N01  1 
HETATM 429 N N07  . I77 B 1 11 ? 25.30307  1.13543  -8.39565  1.000 10.64407 ? 11  I77 B N07  1 
HETATM 430 N N10  . I77 B 1 11 ? 21.82611  0.38357  -7.28034  1.000 9.69609  ? 11  I77 B N10  1 
HETATM 431 N N14  . I77 B 1 11 ? 20.07701  -2.59867 -4.84825  1.000 8.18655  ? 11  I77 B N14  1 
HETATM 432 N N15  . I77 B 1 11 ? 19.29296  -3.53603 -4.17872  1.000 7.83349  ? 11  I77 B N15  1 
HETATM 433 O O16  . I77 B 1 11 ? 21.18564  -4.14949 -6.17072  1.000 8.47916  ? 11  I77 B O16  1 
HETATM 434 O O19  . I77 B 1 11 ? 25.76868  5.75820  -9.22896  1.000 9.15958  ? 11  I77 B O19  1 
HETATM 435 H H111 . I77 B 1 11 ? 20.04277  -0.45711 -6.56874  1.000 9.38347  ? 11  I77 B H111 1 
HETATM 436 H H171 . I77 B 1 11 ? 23.55370  -2.90492 -6.44404  1.000 11.27350 ? 11  I77 B H171 1 
HETATM 437 H H181 . I77 B 1 11 ? 24.83713  -1.04341 -7.41870  1.000 8.52375  ? 11  I77 B H181 1 
HETATM 438 H H041 . I77 B 1 11 ? 23.79337  4.61369  -8.50045  1.000 9.70807  ? 11  I77 B H041 1 
HETATM 439 H H051 . I77 B 1 11 ? 22.42913  2.70377  -7.77317  1.000 8.14850  ? 11  I77 B H051 1 
HETATM 440 H H061 . I77 B 1 11 ? 27.10135  1.98583  -9.06380  1.000 10.25471 ? 11  I77 B H061 1 
HETATM 441 H H011 . I77 B 1 11 ? 28.07365  3.68474  -9.57349  1.000 11.14045 ? 11  I77 B H011 1 
HETATM 442 H H012 . I77 B 1 11 ? 28.18725  5.39294  -9.84141  1.000 11.14045 ? 11  I77 B H012 1 
HETATM 443 H H141 . I77 B 1 11 ? 19.99628  -1.62322 -4.61583  1.000 9.84645  ? 11  I77 B H141 1 
HETATM 444 H H1   . I77 B 1 11 ? 18.57320  -3.04371 -3.67389  1.000 9.42277  ? 11  I77 B H1   1 
HETATM 445 C C05  . I6W C 1 1  ? -18.74333 8.45583  4.57185   1.000 8.24430  ? 1   I6W C C05  1 
HETATM 446 C C08  . I6W C 1 1  ? -19.78774 8.70015  3.75370   1.000 8.95998  ? 1   I6W C C08  1 
HETATM 447 C C09  . I6W C 1 1  ? -20.08249 10.15916 3.63979   1.000 10.19779 ? 1   I6W C C09  1 
HETATM 448 N N10  . I6W C 1 1  ? -19.66058 11.00534 4.55070   1.000 14.37069 ? 1   I6W C N10  1 
HETATM 449 C C02  . I6W C 1 1  ? -18.18054 4.83443  4.08698   1.000 8.43796  ? 1   I6W C C02  1 
HETATM 450 C C03  . I6W C 1 1  ? -18.83407 6.19723  3.88292   1.000 7.86354  ? 1   I6W C C03  1 
HETATM 451 C C04  . I6W C 1 1  ? -18.26291 7.16424  4.65749   1.000 8.70282  ? 1   I6W C C04  1 
HETATM 452 C C06  . I6W C 1 1  ? -19.87331 6.47720  3.02911   1.000 8.46999  ? 1   I6W C C06  1 
HETATM 453 C C11  . I6W C 1 1  ? -19.80663 12.31276 4.39905   1.000 12.81417 ? 1   I6W C C11  1 
HETATM 454 C C12  . I6W C 1 1  ? -20.35875 12.77739 3.23037   1.000 13.27453 ? 1   I6W C C12  1 
HETATM 455 C C13  . I6W C 1 1  ? -20.51963 14.27362 2.93048   1.000 15.59636 ? 1   I6W C C13  1 
HETATM 456 C C15  . I6W C 1 1  ? -20.30645 15.90010 1.16415   1.000 14.34692 ? 1   I6W C C15  1 
HETATM 457 C C16  . I6W C 1 1  ? -20.24604 15.91945 -0.38455  1.000 13.20383 ? 1   I6W C C16  1 
HETATM 458 C C18  . I6W C 1 1  ? -20.73120 11.93143 2.22824   1.000 11.64842 ? 1   I6W C C18  1 
HETATM 459 C C19  . I6W C 1 1  ? -20.56970 10.58069 2.43628   1.000 9.88548  ? 1   I6W C C19  1 
HETATM 460 N N07  . I6W C 1 1  ? -20.30709 7.75187  2.92652   1.000 10.70152 ? 1   I6W C N07  1 
HETATM 461 O O01  . I6W C 1 1  ? -16.99189 4.82258  4.34712   1.000 7.73133  ? 1   I6W C O01  1 
HETATM 462 O O14  . I6W C 1 1  ? -20.35130 14.52168 1.54354   1.000 13.78186 ? 1   I6W C O14  1 
HETATM 463 O O17  . I6W C 1 1  ? -20.68594 15.09953 3.75088   1.000 17.84520 ? 1   I6W C O17  1 
HETATM 464 H H051 . I6W C 1 1  ? -18.29871 9.24336  5.13993   1.000 9.91574  ? 1   I6W C H051 1 
HETATM 465 H H041 . I6W C 1 1  ? -17.41926 6.91412  5.35039   1.000 10.46597 ? 1   I6W C H041 1 
HETATM 466 H H061 . I6W C 1 1  ? -20.33765 5.68673  2.44694   1.000 10.18657 ? 1   I6W C H061 1 
HETATM 467 H H111 . I6W C 1 1  ? -19.50330 12.98791 5.16482   1.000 15.39959 ? 1   I6W C H111 1 
HETATM 468 H H152 . I6W C 1 1  ? -21.19482 16.41338 1.51088   1.000 17.23888 ? 1   I6W C H152 1 
HETATM 469 H H151 . I6W C 1 1  ? -19.42598 16.37468 1.57939   1.000 17.23888 ? 1   I6W C H151 1 
HETATM 470 H H162 . I6W C 1 1  ? -19.19525 15.81452 -0.71328  1.000 15.86718 ? 1   I6W C H162 1 
HETATM 471 H H163 . I6W C 1 1  ? -20.65557 16.87697 -0.75697  1.000 15.86718 ? 1   I6W C H163 1 
HETATM 472 H H161 . I6W C 1 1  ? -20.84426 15.08066 -0.78678  1.000 15.86718 ? 1   I6W C H161 1 
HETATM 473 H H181 . I6W C 1 1  ? -21.14317 12.31109 1.29323   1.000 14.00068 ? 1   I6W C H181 1 
HETATM 474 H H191 . I6W C 1 1  ? -20.82487 9.86425  1.65825   1.000 11.88516 ? 1   I6W C H191 1 
ATOM   475 N N    . LEU C 1 2  ? -18.80388 3.67640  3.54753   1.000 7.46759  ? 2   LEU C N    1 
ATOM   476 C CA   . LEU C 1 2  ? -18.06499 2.45127  3.82692   1.000 7.50815  ? 2   LEU C CA   1 
ATOM   477 C C    . LEU C 1 2  ? -16.78648 2.34560  2.98610   1.000 6.65010  ? 2   LEU C C    1 
ATOM   478 O O    . LEU C 1 2  ? -15.70080 2.11419  3.54313   1.000 6.91938  ? 2   LEU C O    1 
ATOM   479 C CB   . LEU C 1 2  ? -18.96983 1.23451  3.60559   1.000 7.79639  ? 2   LEU C CB   1 
ATOM   480 C CG   . LEU C 1 2  ? -20.28821 1.19936  4.36942   1.000 7.64324  ? 2   LEU C CG   1 
ATOM   481 C CD1  . LEU C 1 2  ? -21.03174 -0.10223 4.08816   1.000 10.85701 ? 2   LEU C CD1  1 
ATOM   482 C CD2  . LEU C 1 2  ? -20.08367 1.35623  5.84236   1.000 9.60713  ? 2   LEU C CD2  1 
ATOM   483 H HA   . LEU C 1 2  ? -17.78411 2.45581  4.75535   1.000 9.03236  ? 2   LEU C HA   1 
ATOM   484 H HB2  . LEU C 1 2  ? -19.18953 1.19460  2.66164   1.000 9.37825  ? 2   LEU C HB2  1 
ATOM   485 H HB3  . LEU C 1 2  ? -18.47271 0.44277  3.86428   1.000 9.37825  ? 2   LEU C HB3  1 
ATOM   486 H HG   . LEU C 1 2  ? -20.82725 1.94660  4.06615   1.000 9.19447  ? 2   LEU C HG   1 
ATOM   487 H HD11 . LEU C 1 2  ? -21.87687 -0.09237 4.56415   1.000 13.05099 ? 2   LEU C HD11 1 
ATOM   488 H HD12 . LEU C 1 2  ? -21.19034 -0.17551 3.13402   1.000 13.05099 ? 2   LEU C HD12 1 
ATOM   489 H HD13 . LEU C 1 2  ? -20.48988 -0.84737 4.39159   1.000 13.05099 ? 2   LEU C HD13 1 
ATOM   490 H HD21 . LEU C 1 2  ? -20.94245 1.29331  6.28893   1.000 11.55114 ? 2   LEU C HD21 1 
ATOM   491 H HD22 . LEU C 1 2  ? -19.49522 0.65188  6.15625   1.000 11.55114 ? 2   LEU C HD22 1 
ATOM   492 H HD23 . LEU C 1 2  ? -19.68372 2.22288  6.01512   1.000 11.55114 ? 2   LEU C HD23 1 
HETATM 493 N N    . AIB C 1 3  ? -16.91532 2.48981  1.66222   1.000 6.42643  ? 3   AIB C N    1 
HETATM 494 C CA   . AIB C 1 3  ? -15.78229 2.43302  0.75822   1.000 7.22493  ? 3   AIB C CA   1 
HETATM 495 C C    . AIB C 1 3  ? -14.67991 3.43565  1.15054   1.000 7.52399  ? 3   AIB C C    1 
HETATM 496 O O    . AIB C 1 3  ? -13.47037 3.16235  1.17107   1.000 8.10079  ? 3   AIB C O    1 
HETATM 497 C CB1  . AIB C 1 3  ? -15.16813 1.02372  0.73555   1.000 8.02877  ? 3   AIB C CB1  1 
HETATM 498 C CB2  . AIB C 1 3  ? -16.23074 2.79537  -0.66650  1.000 7.52696  ? 3   AIB C CB2  1 
HETATM 499 H HB11 . AIB C 1 3  ? -14.23405 1.02999  0.12488   1.000 9.65710  ? 3   AIB C HB11 1 
HETATM 500 H HB12 . AIB C 1 3  ? -14.92479 0.70241  1.77623   1.000 9.65710  ? 3   AIB C HB12 1 
HETATM 501 H HB13 . AIB C 1 3  ? -15.89449 0.30375  0.28891   1.000 9.65710  ? 3   AIB C HB13 1 
HETATM 502 H HB21 . AIB C 1 3  ? -15.36089 2.69326  -1.35977  1.000 9.05493  ? 3   AIB C HB21 1 
HETATM 503 H HB22 . AIB C 1 3  ? -17.04884 2.10195  -0.97885  1.000 9.05493  ? 3   AIB C HB22 1 
HETATM 504 H HB23 . AIB C 1 3  ? -16.60180 3.84891  -0.67526  1.000 9.05493  ? 3   AIB C HB23 1 
ATOM   505 N N    A MET C 1 4  ? -15.12471 4.64764  1.46213   0.588 8.05903  ? 4   MET C N    1 
ATOM   506 N N    B MET C 1 4  ? -15.13065 4.63830  1.48486   0.412 8.35352  ? 4   MET C N    1 
ATOM   507 C CA   A MET C 1 4  ? -14.20123 5.73273  1.77703   0.588 9.21833  ? 4   MET C CA   1 
ATOM   508 C CA   B MET C 1 4  ? -14.21340 5.72673  1.77998   0.412 7.91712  ? 4   MET C CA   1 
ATOM   509 C C    A MET C 1 4  ? -13.45792 5.46823  3.07587   0.588 8.89068  ? 4   MET C C    1 
ATOM   510 C C    B MET C 1 4  ? -13.45923 5.45394  3.07013   0.412 7.39509  ? 4   MET C C    1 
ATOM   511 O O    A MET C 1 4  ? -12.23731 5.64130  3.14532   0.588 9.02513  ? 4   MET C O    1 
ATOM   512 O O    B MET C 1 4  ? -12.23349 5.59536  3.12387   0.412 6.45013  ? 4   MET C O    1 
ATOM   513 C CB   A MET C 1 4  ? -14.95680 7.05999  1.86663   0.588 14.38070 ? 4   MET C CB   1 
ATOM   514 C CB   B MET C 1 4  ? -14.97385 7.04784  1.87364   0.412 8.15599  ? 4   MET C CB   1 
ATOM   515 C CG   A MET C 1 4  ? -15.36361 7.64262  0.50581   0.588 17.52785 ? 4   MET C CG   1 
ATOM   516 C CG   B MET C 1 4  ? -14.07207 8.23185  2.11606   0.412 11.51337 ? 4   MET C CG   1 
ATOM   517 S SD   A MET C 1 4  ? -13.99381 8.06263  -0.59976  0.588 19.08535 ? 4   MET C SD   1 
ATOM   518 S SD   B MET C 1 4  ? -14.92837 9.80159  1.99020   0.412 13.73554 ? 4   MET C SD   1 
ATOM   519 C CE   A MET C 1 4  ? -14.87107 8.42842  -2.08177  0.588 16.90183 ? 4   MET C CE   1 
ATOM   520 C CE   B MET C 1 4  ? -15.80141 9.72896  3.51056   0.412 8.70128  ? 4   MET C CE   1 
ATOM   521 H HA   A MET C 1 4  ? -13.55042 5.80302  1.06119   0.588 11.08458 ? 4   MET C HA   1 
ATOM   522 H HA   B MET C 1 4  ? -13.57145 5.81012  1.05760   0.412 9.52312  ? 4   MET C HA   1 
ATOM   523 H HB2  A MET C 1 4  ? -15.76679 6.92196  2.38214   0.588 17.27943 ? 4   MET C HB2  1 
ATOM   524 H HB2  B MET C 1 4  ? -15.44737 7.19800  1.04049   0.412 9.80978  ? 4   MET C HB2  1 
ATOM   525 H HB3  A MET C 1 4  ? -14.38939 7.71108  2.30824   0.588 17.27943 ? 4   MET C HB3  1 
ATOM   526 H HB3  B MET C 1 4  ? -15.60436 6.99643  2.60898   0.412 9.80978  ? 4   MET C HB3  1 
ATOM   527 H HG2  A MET C 1 4  ? -15.91560 6.99046  0.04658   0.588 21.05600 ? 4   MET C HG2  1 
ATOM   528 H HG2  B MET C 1 4  ? -13.69843 8.16587  3.00877   0.412 13.83862 ? 4   MET C HG2  1 
ATOM   529 H HG3  A MET C 1 4  ? -15.86963 8.45566  0.66017   0.588 21.05600 ? 4   MET C HG3  1 
ATOM   530 H HG3  B MET C 1 4  ? -13.36022 8.22596  1.45718   0.412 13.83862 ? 4   MET C HG3  1 
ATOM   531 H HE1  A MET C 1 4  ? -14.33551 8.15259  -2.84203  0.588 20.30478 ? 4   MET C HE1  1 
ATOM   532 H HE1  B MET C 1 4  ? -16.06905 10.62613 3.76421   0.412 10.46412 ? 4   MET C HE1  1 
ATOM   533 H HE2  A MET C 1 4  ? -15.71274 7.94627  -2.07771  0.588 20.30478 ? 4   MET C HE2  1 
ATOM   534 H HE2  B MET C 1 4  ? -16.58560 9.16923  3.39799   0.412 10.46412 ? 4   MET C HE2  1 
ATOM   535 H HE3  A MET C 1 4  ? -15.03701 9.38322  -2.12304  0.588 20.30478 ? 4   MET C HE3  1 
ATOM   536 H HE3  B MET C 1 4  ? -15.22098 9.35228  4.19034   0.412 10.46412 ? 4   MET C HE3  1 
HETATM 537 N N    . AIB C 1 5  ? -14.19440 5.05037  4.09956   1.000 7.53256  ? 5   AIB C N    1 
HETATM 538 C CA   . AIB C 1 5  ? -13.60798 4.76984  5.38740   1.000 7.72499  ? 5   AIB C CA   1 
HETATM 539 C C    . AIB C 1 5  ? -12.47478 3.74230  5.29229   1.000 7.08726  ? 5   AIB C C    1 
HETATM 540 O O    . AIB C 1 5  ? -11.38677 3.86445  5.85841   1.000 7.14687  ? 5   AIB C O    1 
HETATM 541 C CB1  . AIB C 1 5  ? -13.10490 6.04598  6.07531   1.000 8.46886  ? 5   AIB C CB1  1 
HETATM 542 C CB2  . AIB C 1 5  ? -14.64079 4.12797  6.32245   1.000 8.25992  ? 5   AIB C CB2  1 
HETATM 543 H HB11 . AIB C 1 5  ? -12.53152 5.77718  6.99424   1.000 10.18522 ? 5   AIB C HB11 1 
HETATM 544 H HB12 . AIB C 1 5  ? -12.44033 6.61157  5.37966   1.000 10.18522 ? 5   AIB C HB12 1 
HETATM 545 H HB13 . AIB C 1 5  ? -13.97266 6.68818  6.35817   1.000 10.18522 ? 5   AIB C HB13 1 
HETATM 546 H HB21 . AIB C 1 5  ? -14.14398 3.86168  7.28679   1.000 9.93449  ? 5   AIB C HB21 1 
HETATM 547 H HB22 . AIB C 1 5  ? -15.46646 4.85674  6.50912   1.000 9.93449  ? 5   AIB C HB22 1 
HETATM 548 H HB23 . AIB C 1 5  ? -15.04871 3.20760  5.83850   1.000 9.93449  ? 5   AIB C HB23 1 
ATOM   549 N N    . LEU C 1 6  ? -12.75685 2.69062  4.53907   1.000 6.74134  ? 6   LEU C N    1 
ATOM   550 C CA   . LEU C 1 6  ? -11.80047 1.59634  4.37491   1.000 6.67349  ? 6   LEU C CA   1 
ATOM   551 C C    . LEU C 1 6  ? -10.49819 2.09850  3.76379   1.000 6.44286  ? 6   LEU C C    1 
ATOM   552 O O    . LEU C 1 6  ? -9.41367  1.93295  4.34122   1.000 6.92240  ? 6   LEU C O    1 
ATOM   553 C CB   . LEU C 1 6  ? -12.40481 0.49421  3.51025   1.000 7.11196  ? 6   LEU C CB   1 
ATOM   554 C CG   . LEU C 1 6  ? -11.48259 -0.65546 3.10636   1.000 7.46337  ? 6   LEU C CG   1 
ATOM   555 C CD1  . LEU C 1 6  ? -10.93031 -1.36175 4.33267   1.000 8.81003  ? 6   LEU C CD1  1 
ATOM   556 C CD2  . LEU C 1 6  ? -12.22144 -1.63954 2.21541   1.000 7.84658  ? 6   LEU C CD2  1 
ATOM   557 H HA   . LEU C 1 6  ? -11.59300 1.21689  5.24317   1.000 8.03077  ? 6   LEU C HA   1 
ATOM   558 H HB2  . LEU C 1 6  ? -13.14592 0.10380  3.99937   1.000 8.55693  ? 6   LEU C HB2  1 
ATOM   559 H HB3  . LEU C 1 6  ? -12.72594 0.90064  2.69013   1.000 8.55693  ? 6   LEU C HB3  1 
ATOM   560 H HG   . LEU C 1 6  ? -10.73322 -0.29458 2.60725   1.000 8.97863  ? 6   LEU C HG   1 
ATOM   561 H HD11 . LEU C 1 6  ? -10.38926 -2.11435 4.04675   1.000 10.59462 ? 6   LEU C HD11 1 
ATOM   562 H HD12 . LEU C 1 6  ? -10.38736 -0.73741 4.83893   1.000 10.59462 ? 6   LEU C HD12 1 
ATOM   563 H HD13 . LEU C 1 6  ? -11.66990 -1.67397 4.87713   1.000 10.59462 ? 6   LEU C HD13 1 
ATOM   564 H HD21 . LEU C 1 6  ? -11.60261 -2.32681 1.92283   1.000 9.43848  ? 6   LEU C HD21 1 
ATOM   565 H HD22 . LEU C 1 6  ? -12.94614 -2.04026 2.72051   1.000 9.43848  ? 6   LEU C HD22 1 
ATOM   566 H HD23 . LEU C 1 6  ? -12.57631 -1.16522 1.44731   1.000 9.43848  ? 6   LEU C HD23 1 
HETATM 567 N N    . AIB C 1 7  ? -10.60210 2.70824  2.58981   1.000 6.82202  ? 7   AIB C N    1 
HETATM 568 C CA   . AIB C 1 7  ? -9.43216  3.21151  1.87839   1.000 6.75451  ? 7   AIB C CA   1 
HETATM 569 C C    . AIB C 1 7  ? -8.64747  4.21277  2.72574   1.000 6.30775  ? 7   AIB C C    1 
HETATM 570 O O    . AIB C 1 7  ? -7.43010  4.14684  2.88753   1.000 7.01772  ? 7   AIB C O    1 
HETATM 571 C CB1  . AIB C 1 7  ? -8.47354  2.08393  1.44319   1.000 7.43483  ? 7   AIB C CB1  1 
HETATM 572 C CB2  . AIB C 1 7  ? -9.91197  3.98284  0.63957   1.000 7.11749  ? 7   AIB C CB2  1 
HETATM 573 H HB11 . AIB C 1 7  ? -7.61959  2.51642  0.86946   1.000 8.94438  ? 7   AIB C HB11 1 
HETATM 574 H HB12 . AIB C 1 7  ? -8.08086  1.55513  2.34409   1.000 8.94438  ? 7   AIB C HB12 1 
HETATM 575 H HB13 . AIB C 1 7  ? -9.01854  1.35489  0.79748   1.000 8.94438  ? 7   AIB C HB13 1 
HETATM 576 H HB21 . AIB C 1 7  ? -9.05058  4.54440  0.20326   1.000 8.56357  ? 7   AIB C HB21 1 
HETATM 577 H HB22 . AIB C 1 7  ? -10.31110 3.25720  -0.10998  1.000 8.56357  ? 7   AIB C HB22 1 
HETATM 578 H HB23 . AIB C 1 7  ? -10.71601 4.69639  0.94295   1.000 8.56357  ? 7   AIB C HB23 1 
ATOM   579 N N    . GLN C 1 8  ? -9.37238  5.17014  3.29355   1.000 6.45769  ? 8   GLN C N    1 
ATOM   580 C CA   . GLN C 1 8  ? -8.72411  6.25116  4.01780   1.000 6.30039  ? 8   GLN C CA   1 
ATOM   581 C C    . GLN C 1 8  ? -8.01781  5.76119  5.28104   1.000 6.64456  ? 8   GLN C C    1 
ATOM   582 O O    . GLN C 1 8  ? -6.87064  6.13291  5.54527   1.000 6.92832  ? 8   GLN C O    1 
ATOM   583 C CB   . GLN C 1 8  ? -9.74967  7.33680  4.33292   1.000 8.28361  ? 8   GLN C CB   1 
ATOM   584 C CG   . GLN C 1 8  ? -9.17152  8.61116  4.87443   1.000 8.83036  ? 8   GLN C CG   1 
ATOM   585 C CD   . GLN C 1 8  ? -10.22780 9.70014  4.94602   1.000 8.64520  ? 8   GLN C CD   1 
ATOM   586 O OE1  . GLN C 1 8  ? -10.75836 10.01154 6.02207   1.000 10.89349 ? 8   GLN C OE1  1 
ATOM   587 N NE2  . GLN C 1 8  ? -10.58215 10.24569 3.79854   1.000 8.84372  ? 8   GLN C NE2  1 
ATOM   588 H HA   . GLN C 1 8  ? -8.02984  6.64033  3.46332   1.000 7.58305  ? 8   GLN C HA   1 
ATOM   589 H HB2  . GLN C 1 8  ? -10.22599 7.55628  3.51692   1.000 9.96291  ? 8   GLN C HB2  1 
ATOM   590 H HB3  . GLN C 1 8  ? -10.36842 6.99245  4.99584   1.000 9.96291  ? 8   GLN C HB3  1 
ATOM   591 H HG2  . GLN C 1 8  ? -8.82883  8.45599  5.76852   1.000 10.61901 ? 8   GLN C HG2  1 
ATOM   592 H HG3  . GLN C 1 8  ? -8.45658  8.91407  4.29304   1.000 10.61901 ? 8   GLN C HG3  1 
ATOM   593 H HE21 . GLN C 1 8  ? -10.21878 9.98003  3.06574   1.000 10.63505 ? 8   GLN C HE21 1 
ATOM   594 H HE22 . GLN C 1 8  ? -11.17654 10.86703 3.78320   1.000 10.63505 ? 8   GLN C HE22 1 
HETATM 595 N N    . AIB C 1 9  ? -8.71984  4.95577  6.07245   1.000 6.79498  ? 9   AIB C N    1 
HETATM 596 C CA   . AIB C 1 9  ? -8.15892  4.46744  7.32045   1.000 7.29039  ? 9   AIB C CA   1 
HETATM 597 C C    . AIB C 1 9  ? -6.77820  3.82964  7.14408   1.000 7.61890  ? 9   AIB C C    1 
HETATM 598 O O    . AIB C 1 9  ? -5.86318  4.00085  7.94973   1.000 7.53483  ? 9   AIB C O    1 
HETATM 599 C CB1  . AIB C 1 9  ? -8.08278  5.58984  8.37425   1.000 7.24167  ? 9   AIB C CB1  1 
HETATM 600 C CB2  . AIB C 1 9  ? -9.04664  3.33304  7.86317   1.000 7.68691  ? 9   AIB C CB2  1 
HETATM 601 H HB11 . AIB C 1 9  ? -7.74999  5.16642  9.35171   1.000 8.71258  ? 9   AIB C HB11 1 
HETATM 602 H HB12 . AIB C 1 9  ? -7.35422  6.36783  8.04352   1.000 8.71258  ? 9   AIB C HB12 1 
HETATM 603 H HB13 . AIB C 1 9  ? -9.08834  6.05741  8.49945   1.000 8.71258  ? 9   AIB C HB13 1 
HETATM 604 H HB21 . AIB C 1 9  ? -8.63834  2.98772  8.84385   1.000 9.24688  ? 9   AIB C HB21 1 
HETATM 605 H HB22 . AIB C 1 9  ? -10.08680 3.71693  7.99879   1.000 9.24688  ? 9   AIB C HB22 1 
HETATM 606 H HB23 . AIB C 1 9  ? -9.04588  2.48801  7.13268   1.000 9.24688  ? 9   AIB C HB23 1 
ATOM   607 N N    . LEU C 1 10 ? -6.63892  3.07947  6.05010   1.000 8.11144  ? 10  LEU C N    1 
ATOM   608 C CA   . LEU C 1 10 ? -5.43057  2.27573  5.82050   1.000 7.99056  ? 10  LEU C CA   1 
ATOM   609 C C    . LEU C 1 10 ? -4.30530  3.04191  5.15602   1.000 8.41816  ? 10  LEU C C    1 
ATOM   610 O O    . LEU C 1 10 ? -3.20303  2.55174  4.99157   1.000 8.31675  ? 10  LEU C O    1 
ATOM   611 C CB   . LEU C 1 10 ? -5.74539  1.06765  4.94807   1.000 10.07194 ? 10  LEU C CB   1 
ATOM   612 C CG   . LEU C 1 10 ? -6.77718  0.10821  5.52269   1.000 14.36400 ? 10  LEU C CG   1 
ATOM   613 C CD1  . LEU C 1 10 ? -6.93582  -1.10855 4.62376   1.000 16.86756 ? 10  LEU C CD1  1 
ATOM   614 C CD2  . LEU C 1 10 ? -6.37214  -0.31984 6.91379   1.000 15.15571 ? 10  LEU C CD2  1 
ATOM   615 H HA   . LEU C 1 10 ? -5.12325  1.99404  6.69635   1.000 9.61126  ? 10  LEU C HA   1 
ATOM   616 H HB2  . LEU C 1 10 ? -6.08537  1.38519  4.09690   1.000 12.10892 ? 10  LEU C HB2  1 
ATOM   617 H HB3  . LEU C 1 10 ? -4.92602  0.56667  4.81196   1.000 12.10892 ? 10  LEU C HB3  1 
ATOM   618 H HG   . LEU C 1 10 ? -7.63450  0.55897  5.57489   1.000 17.25939 ? 10  LEU C HG   1 
ATOM   619 H HD11 . LEU C 1 10 ? -7.59226  -1.70636 5.01440   1.000 20.26366 ? 10  LEU C HD11 1 
ATOM   620 H HD12 . LEU C 1 10 ? -7.23356  -0.81731 3.74773   1.000 20.26366 ? 10  LEU C HD12 1 
ATOM   621 H HD13 . LEU C 1 10 ? -6.08042  -1.55982 4.54925   1.000 20.26366 ? 10  LEU C HD13 1 
ATOM   622 H HD21 . LEU C 1 10 ? -6.86626  -1.11902 7.15472   1.000 18.20943 ? 10  LEU C HD21 1 
ATOM   623 H HD22 . LEU C 1 10 ? -5.41991  -0.50443 6.92270   1.000 18.20943 ? 10  LEU C HD22 1 
ATOM   624 H HD23 . LEU C 1 10 ? -6.57624  0.39550  7.53631   1.000 18.20943 ? 10  LEU C HD23 1 
HETATM 625 C C11  A I77 C 1 11 ? -2.34960  7.28364  2.74279   0.805 9.38005  ? 11  I77 C C11  1 
HETATM 626 C C11  B I77 C 1 11 ? -1.49929  7.99834  3.54100   0.195 7.16206  ? 11  I77 C C11  1 
HETATM 627 C C12  A I77 C 1 11 ? -1.71136  6.31162  3.50162   0.805 7.66379  ? 11  I77 C C12  1 
HETATM 628 C C12  B I77 C 1 11 ? -1.48412  6.61670  3.57857   0.195 7.29048  ? 11  I77 C C12  1 
HETATM 629 C C13  A I77 C 1 11 ? -2.50806  5.53511  4.52463   0.805 7.00272  ? 11  I77 C C13  1 
HETATM 630 C C13  B I77 C 1 11 ? -2.27903  5.85691  4.63686   0.195 8.29255  ? 11  I77 C C13  1 
HETATM 631 C C17  A I77 C 1 11 ? -0.38359  6.04218  3.29854   0.805 8.02934  ? 11  I77 C C17  1 
HETATM 632 C C17  B I77 C 1 11 ? -0.76803  5.91204  2.61995   0.195 6.56913  ? 11  I77 C C17  1 
HETATM 633 C C18  A I77 C 1 11 ? 0.30864   6.75735  2.35769   0.805 7.21319  ? 11  I77 C C18  1 
HETATM 634 C C18  B I77 C 1 11 ? -0.06931  6.61996  1.66275   0.195 6.52700  ? 11  I77 C C18  1 
HETATM 635 C C02  A I77 C 1 11 ? 2.41993   10.53275 -2.47961  0.805 7.20491  ? 11  I77 C C02  1 
HETATM 636 C C02  B I77 C 1 11 ? 2.66119   11.16961 -2.31861  0.195 11.06154 ? 11  I77 C C02  1 
HETATM 637 C C03  A I77 C 1 11 ? 1.73686   9.75317  -1.36596  0.805 7.03728  ? 11  I77 C C03  1 
HETATM 638 C C03  B I77 C 1 11 ? 1.90560   10.31476 -1.26353  0.195 9.87908  ? 11  I77 C C03  1 
HETATM 639 C C04  A I77 C 1 11 ? 2.39288   8.70357  -0.76344  0.805 9.26291  ? 11  I77 C C04  1 
HETATM 640 C C04  B I77 C 1 11 ? 1.94112   8.93047  -1.37514  0.195 9.62092  ? 11  I77 C C04  1 
HETATM 641 C C05  A I77 C 1 11 ? 1.71157   8.04363  0.23464   0.805 9.01659  ? 11  I77 C C05  1 
HETATM 642 C C05  B I77 C 1 11 ? 1.28016   8.17854  -0.41341  0.195 9.45419  ? 11  I77 C C05  1 
HETATM 643 C C06  A I77 C 1 11 ? 0.45705   10.11373 -0.97336  0.805 9.94102  ? 11  I77 C C06  1 
HETATM 644 C C06  B I77 C 1 11 ? 1.23992   10.89075 -0.19266  0.195 10.49730 ? 11  I77 C C06  1 
HETATM 645 C C08  A I77 C 1 11 ? 0.43499   8.46073  0.60055   0.805 8.43372  ? 11  I77 C C08  1 
HETATM 646 C C08  B I77 C 1 11 ? 0.63026   8.81582  0.63219   0.195 8.54687  ? 11  I77 C C08  1 
HETATM 647 C C09  A I77 C 1 11 ? -0.35586  7.72974  1.65139   0.805 7.84089  ? 11  I77 C C09  1 
HETATM 648 C C09  B I77 C 1 11 ? -0.11550  8.00825  1.68174   0.195 7.43076  ? 11  I77 C C09  1 
HETATM 649 N N01  A I77 C 1 11 ? 1.72086   11.68515 -2.93960  0.805 5.17795  ? 11  I77 C N01  1 
HETATM 650 N N01  B I77 C 1 11 ? 3.16481   12.50851 -1.98833  0.195 12.49686 ? 11  I77 C N01  1 
HETATM 651 N N07  A I77 C 1 11 ? -0.16827  9.45822  -0.01195  0.805 9.25147  ? 11  I77 C N07  1 
HETATM 652 N N07  B I77 C 1 11 ? 0.62603   10.13158 0.69875   0.195 9.42043  ? 11  I77 C N07  1 
HETATM 653 N N10  A I77 C 1 11 ? -1.65542  7.95786  1.83565   0.805 11.14547 ? 11  I77 C N10  1 
HETATM 654 N N10  B I77 C 1 11 ? -0.82172  8.63535  2.60807   0.195 7.96627  ? 11  I77 C N10  1 
HETATM 655 N N14  A I77 C 1 11 ? -3.73944  5.05747  3.96991   0.805 8.45752  ? 11  I77 C N14  1 
HETATM 656 N N14  B I77 C 1 11 ? -3.49573  5.19103  4.16374   0.195 5.91198  ? 11  I77 C N14  1 
HETATM 657 N N15  A I77 C 1 11 ? -4.63896  4.37071  4.78180   0.805 7.86197  ? 11  I77 C N15  1 
HETATM 658 N N15  B I77 C 1 11 ? -4.33865  4.46493  5.04033   0.195 6.45413  ? 11  I77 C N15  1 
HETATM 659 O O16  A I77 C 1 11 ? -2.14017  5.35790  5.64875   0.805 7.37045  ? 11  I77 C O16  1 
HETATM 660 O O16  B I77 C 1 11 ? -1.92967  5.80686  5.76834   0.195 5.88961  ? 11  I77 C O16  1 
HETATM 661 O O19  A I77 C 1 11 ? 3.45519   10.19772 -2.98900  0.805 8.39512  ? 11  I77 C O19  1 
HETATM 662 O O19  B I77 C 1 11 ? 2.88503   10.71449 -3.38789  0.195 12.64607 ? 11  I77 C O19  1 
HETATM 663 H H111 A I77 C 1 11 ? -3.39881  7.48835  2.88938   0.805 11.27864 ? 11  I77 C H111 1 
HETATM 664 H H111 B I77 C 1 11 ? -2.06440  8.55350  4.27358   0.195 8.61705  ? 11  I77 C H111 1 
HETATM 665 H H171 A I77 C 1 11 ? 0.11645   5.26714  3.87938   0.805 9.65780  ? 11  I77 C H171 1 
HETATM 666 H H171 B I77 C 1 11 ? -0.75787  4.82209  2.62322   0.195 7.90554  ? 11  I77 C H171 1 
HETATM 667 H H181 A I77 C 1 11 ? 1.36254   6.55937  2.17371   0.805 8.67841  ? 11  I77 C H181 1 
HETATM 668 H H181 B I77 C 1 11 ? 0.50964   6.09785  0.90382   0.195 7.85498  ? 11  I77 C H181 1 
HETATM 669 H H041 A I77 C 1 11 ? 3.38478   8.41451  -1.05675  0.805 11.13808 ? 11  I77 C H041 1 
HETATM 670 H H041 B I77 C 1 11 ? 2.46542   8.45529  -2.18310  0.195 11.56768 ? 11  I77 C H041 1 
HETATM 671 H H051 A I77 C 1 11 ? 2.16910   7.19939  0.73545   0.805 10.84250 ? 11  I77 C H051 1 
HETATM 672 H H051 B I77 C 1 11 ? 1.27216   7.09760  -0.47962  0.195 11.36761 ? 11  I77 C H051 1 
HETATM 673 H H061 A I77 C 1 11 ? -0.03610  10.94300 -1.46086  0.805 11.95180 ? 11  I77 C H061 1 
HETATM 674 H H061 B I77 C 1 11 ? 1.22269   11.96634 -0.08591  0.195 12.61934 ? 11  I77 C H061 1 
HETATM 675 H H011 A I77 C 1 11 ? 0.86515   11.96973 -2.52321  0.805 6.23613  ? 11  I77 C H011 1 
HETATM 676 H H011 B I77 C 1 11 ? 2.97763   12.88344 -1.09241  0.195 15.01881 ? 11  I77 C H011 1 
HETATM 677 H H012 A I77 C 1 11 ? 2.12420   12.25089 -3.66924  0.805 6.23613  ? 11  I77 C H012 1 
HETATM 678 H H012 B I77 C 1 11 ? 3.66882   13.00384 -2.69964  0.195 15.01881 ? 11  I77 C H012 1 
HETATM 679 H H141 A I77 C 1 11 ? -3.95339  5.21698  2.99996   0.805 10.17161 ? 11  I77 C H141 1 
HETATM 680 H H141 B I77 C 1 11 ? -3.73921  5.25115  3.18950   0.195 7.11696  ? 11  I77 C H141 1 
HETATM 681 H H1   A I77 C 1 11 ? -5.53379  4.36519  4.31696   0.805 9.45694  ? 11  I77 C H1   1 
HETATM 682 H H1   B I77 C 1 11 ? -5.25932  4.43257  4.63151   0.195 7.76754  ? 11  I77 C H1   1 
HETATM 683 N N    . CCN D 2 .  ? -10.69013 9.95835  -6.39643  1.000 13.60913 ? 201 CCN A N    1 
HETATM 684 C C1   . CCN D 2 .  ? -9.72773  9.40553  -6.56366  1.000 11.31629 ? 201 CCN A C1   1 
HETATM 685 C C2   . CCN D 2 .  ? -8.41820  8.66201  -6.75022  1.000 13.79824 ? 201 CCN A C2   1 
HETATM 686 H H21  . CCN D 2 .  ? -8.39760  7.79788  -6.09773  1.000 16.58047 ? 201 CCN A H21  1 
HETATM 687 H H22  . CCN D 2 .  ? -7.59231  9.31861  -6.50595  1.000 16.58047 ? 201 CCN A H22  1 
HETATM 688 H H23  . CCN D 2 .  ? -8.33012  8.33889  -7.78014  1.000 16.58047 ? 201 CCN A H23  1 
HETATM 689 O O    . HOH E 3 .  ? 17.25959  3.68327  -3.93620  1.000 12.77824 ? 201 HOH B O    1 
HETATM 690 O O    . HOH F 3 .  ? 0.02857   13.86692 -2.87728  1.000 8.25672  ? 201 HOH C O    1 
HETATM 691 O O    . HOH F 3 .  ? -12.59458 4.09250  -1.56589  1.000 11.28415 ? 202 HOH C O    1 
HETATM 692 O O    . HOH F 3 .  ? -13.05556 11.32102 1.90926   1.000 39.56459 ? 203 HOH C O    1 
HETATM 693 O O    . HOH F 3 .  ? -13.41810 13.32222 1.24816   1.000 27.00848 ? 204 HOH C O    1 
# 
loop_
_atom_site_anisotrop.id 
_atom_site_anisotrop.type_symbol 
_atom_site_anisotrop.pdbx_label_atom_id 
_atom_site_anisotrop.pdbx_label_alt_id 
_atom_site_anisotrop.pdbx_label_comp_id 
_atom_site_anisotrop.pdbx_label_asym_id 
_atom_site_anisotrop.pdbx_label_seq_id 
_atom_site_anisotrop.pdbx_PDB_ins_code 
_atom_site_anisotrop.U[1][1] 
_atom_site_anisotrop.U[2][2] 
_atom_site_anisotrop.U[3][3] 
_atom_site_anisotrop.U[1][2] 
_atom_site_anisotrop.U[1][3] 
_atom_site_anisotrop.U[2][3] 
_atom_site_anisotrop.pdbx_auth_seq_id 
_atom_site_anisotrop.pdbx_auth_comp_id 
_atom_site_anisotrop.pdbx_auth_asym_id 
_atom_site_anisotrop.pdbx_auth_atom_id 
1   C C05 . I6W A 1  ? 0.05078 0.11866 0.11306 -0.01120 -0.01418 -0.04485 1   I6W A C05 
2   C C08 . I6W A 1  ? 0.07281 0.12775 0.09052 -0.02462 -0.01385 -0.04523 1   I6W A C08 
3   C C09 . I6W A 1  ? 0.08651 0.12929 0.11811 -0.01382 -0.00594 -0.02656 1   I6W A C09 
4   N N10 . I6W A 1  ? 0.09358 0.15701 0.15682 0.00091  0.00786  -0.01892 1   I6W A N10 
5   C C02 . I6W A 1  ? 0.04610 0.14457 0.08895 0.01711  -0.01301 -0.03811 1   I6W A C02 
6   C C03 . I6W A 1  ? 0.04590 0.15484 0.10457 0.00413  -0.00824 -0.04180 1   I6W A C03 
7   C C04 . I6W A 1  ? 0.05536 0.13782 0.14240 -0.01772 -0.01445 -0.04176 1   I6W A C04 
8   C C06 . I6W A 1  ? 0.05181 0.14617 0.11664 0.00060  -0.00539 -0.03428 1   I6W A C06 
9   C C11 . I6W A 1  ? 0.08982 0.14518 0.09448 0.02001  -0.00075 -0.01838 1   I6W A C11 
10  C C12 . I6W A 1  ? 0.06762 0.19297 0.10878 0.01395  -0.02432 0.01263  1   I6W A C12 
11  C C13 . I6W A 1  ? 0.05620 0.18196 0.14908 0.02567  -0.01847 0.00255  1   I6W A C13 
12  C C15 . I6W A 1  ? 0.12219 0.19914 0.20273 0.06713  0.06019  0.01887  1   I6W A C15 
13  C C16 . I6W A 1  ? 0.10129 0.19556 0.21212 0.04141  0.02414  0.00212  1   I6W A C16 
14  C C18 . I6W A 1  ? 0.06377 0.17184 0.20715 -0.00367 -0.02430 0.04275  1   I6W A C18 
15  C C19 . I6W A 1  ? 0.05505 0.12744 0.14609 -0.01023 -0.03776 0.00893  1   I6W A C19 
16  N N07 . I6W A 1  ? 0.07892 0.18283 0.12335 -0.01404 -0.00527 -0.00969 1   I6W A N07 
17  O O01 . I6W A 1  ? 0.04906 0.15197 0.13910 0.01164  -0.01678 -0.03382 1   I6W A O01 
18  O O14 . I6W A 1  ? 0.10324 0.18508 0.16019 0.02275  0.01573  -0.00586 1   I6W A O14 
19  O O17 . I6W A 1  ? 0.08187 0.19485 0.24915 0.01007  -0.00785 0.04337  1   I6W A O17 
31  N N   . LEU A 2  ? 0.04806 0.17216 0.08405 0.02058  -0.00309 -0.01786 2   LEU A N   
32  C CA  . LEU A 2  ? 0.05041 0.17765 0.08320 0.02384  -0.00533 -0.00834 2   LEU A CA  
33  C C   . LEU A 2  ? 0.04334 0.14810 0.08595 0.00864  -0.00156 -0.04219 2   LEU A C   
34  O O   . LEU A 2  ? 0.04602 0.14677 0.09712 0.00867  -0.00659 -0.02581 2   LEU A O   
35  C CB  . LEU A 2  ? 0.05953 0.20335 0.12281 0.01573  -0.00068 0.00231  2   LEU A CB  
36  C CG  . LEU A 2  ? 0.14169 0.23654 0.27911 -0.00019 0.09394  -0.00217 2   LEU A CG  
37  C CD1 . LEU A 2  ? 0.18939 0.27730 0.28664 0.00909  0.13346  -0.00989 2   LEU A CD1 
38  C CD2 . LEU A 2  ? 0.18710 0.26245 0.36448 -0.03575 0.13314  -0.00177 2   LEU A CD2 
49  N N   . AIB A 3  ? 0.04621 0.15130 0.09962 0.01045  0.00460  -0.04035 3   AIB A N   
50  C CA  . AIB A 3  ? 0.04368 0.15576 0.10172 -0.00071 -0.00437 -0.03498 3   AIB A CA  
51  C C   . AIB A 3  ? 0.04721 0.16638 0.10131 0.00587  0.00312  -0.03819 3   AIB A C   
52  O O   . AIB A 3  ? 0.05402 0.16210 0.08848 0.00527  -0.00482 -0.02876 3   AIB A O   
53  C CB1 . AIB A 3  ? 0.04705 0.14831 0.11515 -0.00169 0.00560  -0.03726 3   AIB A CB1 
54  C CB2 . AIB A 3  ? 0.04597 0.16837 0.08653 -0.00112 -0.00702 -0.02932 3   AIB A CB2 
61  N N   . MET A 4  ? 0.05613 0.16380 0.09143 -0.00777 -0.01438 -0.04251 4   MET A N   
62  C CA  . MET A 4  ? 0.05056 0.17602 0.12291 0.01370  -0.01736 -0.01710 4   MET A CA  
63  C C   . MET A 4  ? 0.04779 0.13625 0.11118 0.01326  -0.01666 -0.04571 4   MET A C   
64  O O   . MET A 4  ? 0.05168 0.13719 0.12543 0.01666  -0.01601 -0.02822 4   MET A O   
65  C CB  . MET A 4  ? 0.08538 0.15875 0.14789 0.01962  -0.00437 -0.02076 4   MET A CB  
66  C CG  . MET A 4  ? 0.09457 0.19592 0.17317 0.02132  -0.02142 0.00010  4   MET A CG  
67  S SD  . MET A 4  ? 0.14133 0.21731 0.22027 0.01461  -0.00622 0.00640  4   MET A SD  
68  C CE  . MET A 4  ? 0.12864 0.24322 0.28245 0.01149  -0.05283 0.09453  4   MET A CE  
77  N N   . AIB A 5  ? 0.04922 0.14375 0.10230 0.01704  -0.01839 -0.04005 5   AIB A N   
78  C CA  . AIB A 5  ? 0.05090 0.17419 0.10668 0.01036  -0.01205 -0.03892 5   AIB A CA  
79  C C   . AIB A 5  ? 0.04740 0.15929 0.10134 0.00306  -0.00366 -0.04582 5   AIB A C   
80  O O   . AIB A 5  ? 0.04980 0.14808 0.10232 0.00651  -0.00476 -0.03924 5   AIB A O   
81  C CB1 . AIB A 5  ? 0.06303 0.18129 0.11500 0.01061  -0.00527 -0.04294 5   AIB A CB1 
82  C CB2 . AIB A 5  ? 0.05819 0.20268 0.11371 0.02465  0.00370  -0.02428 5   AIB A CB2 
89  N N   . LEU A 6  ? 0.04367 0.15377 0.09880 0.00803  0.00226  -0.02776 6   LEU A N   
90  C CA  . LEU A 6  ? 0.04142 0.15743 0.08581 0.00018  -0.00779 -0.01426 6   LEU A CA  
91  C C   . LEU A 6  ? 0.04130 0.14092 0.08045 0.00114  -0.01186 -0.02545 6   LEU A C   
92  O O   . LEU A 6  ? 0.04872 0.12035 0.09047 -0.00330 -0.01286 -0.02249 6   LEU A O   
93  C CB  . LEU A 6  ? 0.04795 0.15107 0.09453 -0.01114 -0.01400 -0.01926 6   LEU A CB  
94  C CG  . LEU A 6  ? 0.07739 0.13518 0.10207 -0.02181 -0.01605 -0.03180 6   LEU A CG  
95  C CD1 . LEU A 6  ? 0.08178 0.13707 0.12409 -0.02223 -0.01379 -0.02414 6   LEU A CD1 
96  C CD2 . LEU A 6  ? 0.08954 0.17232 0.09855 -0.02320 -0.02296 -0.00879 6   LEU A CD2 
107 N N   . AIB A 7  ? 0.03890 0.14478 0.08886 0.00922  -0.00500 -0.01879 7   AIB A N   
108 C CA  . AIB A 7  ? 0.04662 0.14550 0.08582 -0.00736 -0.01355 -0.03040 7   AIB A CA  
109 C C   . AIB A 7  ? 0.05003 0.15531 0.10035 -0.01484 -0.02020 -0.01392 7   AIB A C   
110 O O   . AIB A 7  ? 0.05166 0.16781 0.11224 -0.01886 -0.00621 -0.02184 7   AIB A O   
111 C CB1 . AIB A 7  ? 0.05369 0.16071 0.10923 0.00567  0.00434  -0.03725 7   AIB A CB1 
112 C CB2 . AIB A 7  ? 0.05414 0.16319 0.08970 -0.01215 -0.01949 -0.02088 7   AIB A CB2 
119 N N   . GLN A 8  ? 0.05159 0.15556 0.11785 -0.01455 -0.02838 0.00203  8   GLN A N   
120 C CA  . GLN A 8  ? 0.05865 0.13915 0.10794 -0.00794 -0.04053 -0.00508 8   GLN A CA  
121 C C   . GLN A 8  ? 0.03879 0.11916 0.11426 -0.00521 -0.02438 -0.00548 8   GLN A C   
122 O O   . GLN A 8  ? 0.04694 0.13533 0.11740 -0.00448 -0.01242 0.00898  8   GLN A O   
123 C CB  . GLN A 8  ? 0.08007 0.14884 0.18557 -0.01142 -0.05649 0.02735  8   GLN A CB  
124 C CG  . GLN A 8  ? 0.13277 0.18080 0.18832 -0.00413 -0.04525 0.04466  8   GLN A CG  
125 C CD  . GLN A 8  ? 0.18688 0.18377 0.12815 -0.00335 -0.03370 0.03311  8   GLN A CD  
126 O OE1 . GLN A 8  ? 0.15545 0.15270 0.14191 0.03257  -0.01033 0.00818  8   GLN A OE1 
127 N NE2 . GLN A 8  ? 0.25521 0.22879 0.20570 -0.06980 -0.01777 0.01766  8   GLN A NE2 
135 N N   . AIB A 9  ? 0.03537 0.12504 0.09567 0.00208  -0.01490 -0.00818 9   AIB A N   
136 C CA  . AIB A 9  ? 0.03975 0.12365 0.08559 0.01039  0.00358  -0.03671 9   AIB A CA  
137 C C   . AIB A 9  ? 0.03625 0.11624 0.08681 0.00817  -0.00682 -0.03496 9   AIB A C   
138 O O   . AIB A 9  ? 0.04698 0.10937 0.10269 -0.00047 -0.02190 -0.01328 9   AIB A O   
139 C CB1 . AIB A 9  ? 0.05549 0.14616 0.10229 0.00279  0.00256  -0.02114 9   AIB A CB1 
140 C CB2 . AIB A 9  ? 0.03896 0.14094 0.11017 0.00656  0.00932  -0.01637 9   AIB A CB2 
147 N N   . LEU A 10 ? 0.03948 0.13051 0.09942 0.01478  0.00081  -0.02468 10  LEU A N   
148 C CA  . LEU A 10 ? 0.04701 0.16470 0.07019 0.00971  0.00424  -0.03161 10  LEU A CA  
149 C C   . LEU A 10 ? 0.06348 0.16900 0.10517 -0.01042 0.02689  -0.04540 10  LEU A C   
150 O O   . LEU A 10 ? 0.08224 0.30861 0.11717 -0.02437 -0.00125 0.03628  10  LEU A O   
151 C CB  . LEU A 10 ? 0.06228 0.16357 0.10772 0.01066  -0.00077 -0.01638 10  LEU A CB  
152 C CG  . LEU A 10 ? 0.08072 0.16243 0.12448 0.00503  -0.01086 -0.00686 10  LEU A CG  
153 C CD1 . LEU A 10 ? 0.10021 0.13832 0.17548 -0.01491 -0.01516 -0.00521 10  LEU A CD1 
154 C CD2 . LEU A 10 ? 0.15105 0.22088 0.16144 -0.02297 0.01377  0.03386  10  LEU A CD2 
165 C C11 A I77 A 11 ? 0.06322 0.16729 0.08570 -0.03979 0.00819  -0.02819 11  I77 A C11 
166 C C11 B I77 A 11 ? 0.06155 0.10373 0.08998 0.02324  0.01932  -0.02422 11  I77 A C11 
167 C C11 C I77 A 11 ? 0.08691 0.18638 0.24802 -0.00128 -0.00088 0.09386  11  I77 A C11 
168 C C12 A I77 A 11 ? 0.06363 0.13392 0.09305 -0.01877 0.03082  -0.03270 11  I77 A C12 
169 C C12 B I77 A 11 ? 0.03734 0.10223 0.09099 0.00855  -0.01116 -0.02105 11  I77 A C12 
170 C C12 C I77 A 11 ? 0.08369 0.16127 0.19917 -0.01036 0.00144  0.04398  11  I77 A C12 
171 C C13 A I77 A 11 ? 0.06552 0.12814 0.11691 -0.03113 0.03384  -0.05385 11  I77 A C13 
172 C C13 B I77 A 11 ? 0.05524 0.10717 0.10192 0.01465  0.01168  -0.01155 11  I77 A C13 
173 C C13 C I77 A 11 ? 0.07399 0.13894 0.14569 0.00190  0.01279  0.00439  11  I77 A C13 
174 C C17 A I77 A 11 ? 0.04132 0.11228 0.06396 0.00310  0.01579  -0.02408 11  I77 A C17 
175 C C17 B I77 A 11 ? 0.06801 0.10291 0.13207 0.01797  0.03411  -0.02186 11  I77 A C17 
176 C C17 C I77 A 11 ? 0.09279 0.16756 0.21105 -0.01653 0.00976  0.04071  11  I77 A C17 
177 C C18 A I77 A 11 ? 0.05740 0.10520 0.07588 0.00887  0.03080  -0.02097 11  I77 A C18 
178 C C18 B I77 A 11 ? 0.08279 0.10201 0.08517 0.02792  0.03464  -0.02389 11  I77 A C18 
179 C C18 C I77 A 11 ? 0.10495 0.16420 0.20647 -0.01670 0.01699  0.03589  11  I77 A C18 
180 C C02 A I77 A 11 ? 0.10848 0.17089 0.25032 -0.02682 0.02288  0.08699  11  I77 A C02 
181 C C02 B I77 A 11 ? 0.16177 0.14101 0.04724 -0.01375 0.00544  -0.01134 11  I77 A C02 
182 C C02 C I77 A 11 ? 0.12883 0.21688 0.27135 -0.04853 0.02200  0.05098  11  I77 A C02 
183 C C03 A I77 A 11 ? 0.11751 0.18449 0.24107 -0.04216 0.04477  0.05480  11  I77 A C03 
184 C C03 B I77 A 11 ? 0.11299 0.13141 0.06631 0.01253  -0.00815 0.00569  11  I77 A C03 
185 C C03 C I77 A 11 ? 0.12981 0.22159 0.23002 -0.04780 0.00797  0.05902  11  I77 A C03 
186 C C04 A I77 A 11 ? 0.10182 0.19317 0.18524 -0.05391 0.02557  0.03794  11  I77 A C04 
187 C C04 B I77 A 11 ? 0.10707 0.14406 0.06530 0.02346  0.00014  0.02058  11  I77 A C04 
188 C C04 C I77 A 11 ? 0.13475 0.23725 0.23860 -0.04273 0.00915  0.08379  11  I77 A C04 
189 C C05 A I77 A 11 ? 0.08806 0.16021 0.14813 -0.06346 0.01450  -0.01159 11  I77 A C05 
190 C C05 B I77 A 11 ? 0.09979 0.10485 0.07655 0.02893  0.01758  -0.01575 11  I77 A C05 
191 C C05 C I77 A 11 ? 0.13321 0.22276 0.24507 -0.03544 0.01282  0.08341  11  I77 A C05 
192 C C06 A I77 A 11 ? 0.13511 0.21366 0.21378 -0.05297 0.05202  0.03994  11  I77 A C06 
193 C C06 B I77 A 11 ? 0.09605 0.12542 0.06105 0.01726  -0.00598 -0.00414 11  I77 A C06 
194 C C06 C I77 A 11 ? 0.13140 0.20104 0.18481 -0.05691 -0.00230 0.03721  11  I77 A C06 
195 C C08 A I77 A 11 ? 0.11111 0.13803 0.13560 -0.04339 0.05571  -0.03817 11  I77 A C08 
196 C C08 B I77 A 11 ? 0.07568 0.11899 0.06099 0.03341  0.00361  -0.00346 11  I77 A C08 
197 C C08 C I77 A 11 ? 0.12455 0.19697 0.20817 -0.03467 0.00257  0.06560  11  I77 A C08 
198 C C09 A I77 A 11 ? 0.06672 0.13638 0.11188 -0.02765 0.03548  -0.04185 11  I77 A C09 
199 C C09 B I77 A 11 ? 0.08115 0.09529 0.07946 0.02555  0.03157  -0.02591 11  I77 A C09 
200 C C09 C I77 A 11 ? 0.10645 0.18519 0.20667 -0.01631 0.00215  0.06653  11  I77 A C09 
201 N N01 A I77 A 11 ? 0.13511 0.18920 0.27850 -0.02851 0.03522  0.09985  11  I77 A N01 
202 N N01 B I77 A 11 ? 0.22550 0.14973 0.21489 -0.01573 0.08389  0.02047  11  I77 A N01 
203 N N01 C I77 A 11 ? 0.14092 0.16492 0.23482 -0.04480 0.03674  0.00094  11  I77 A N01 
204 N N07 A I77 A 11 ? 0.14046 0.20228 0.15191 -0.05312 0.05245  0.01175  11  I77 A N07 
205 N N07 B I77 A 11 ? 0.08388 0.10605 0.06021 0.01069  -0.01499 -0.01909 11  I77 A N07 
206 N N07 C I77 A 11 ? 0.13846 0.20845 0.20102 -0.04809 0.01220  0.04392  11  I77 A N07 
207 N N10 A I77 A 11 ? 0.07816 0.18175 0.13947 -0.02562 0.03721  -0.00006 11  I77 A N10 
208 N N10 B I77 A 11 ? 0.09177 0.12726 0.14232 0.02571  0.05489  -0.00179 11  I77 A N10 
209 N N10 C I77 A 11 ? 0.10097 0.19577 0.26311 -0.00238 0.00980  0.10397  11  I77 A N10 
210 N N14 A I77 A 11 ? 0.07895 0.10034 0.14543 -0.03396 0.04759  -0.06509 11  I77 A N14 
211 N N14 B I77 A 11 ? 0.06607 0.11156 0.15295 0.01202  0.04315  -0.01852 11  I77 A N14 
212 N N14 C I77 A 11 ? 0.06668 0.17124 0.12105 -0.01227 0.00659  0.00368  11  I77 A N14 
213 N N15 A I77 A 11 ? 0.06980 0.11358 0.10746 -0.01948 0.03377  -0.05630 11  I77 A N15 
214 N N15 B I77 A 11 ? 0.06237 0.13480 0.13479 0.01721  0.03943  -0.01834 11  I77 A N15 
215 N N15 C I77 A 11 ? 0.05882 0.18725 0.10043 -0.00711 0.01613  -0.00334 11  I77 A N15 
216 O O16 A I77 A 11 ? 0.06809 0.17420 0.06931 -0.04436 0.01680  -0.04568 11  I77 A O16 
217 O O16 B I77 A 11 ? 0.08345 0.09090 0.09319 0.01628  0.02121  -0.00743 11  I77 A O16 
218 O O16 C I77 A 11 ? 0.04701 0.07615 0.03469 0.01231  -0.01263 -0.02199 11  I77 A O16 
219 O O19 A I77 A 11 ? 0.08577 0.09367 0.19104 -0.01407 0.00517  0.05579  11  I77 A O19 
220 O O19 B I77 A 11 ? 0.15738 0.09605 0.06015 -0.00444 0.01505  -0.03214 11  I77 A O19 
221 O O19 C I77 A 11 ? 0.12501 0.25192 0.31055 -0.05705 0.02021  0.07733  11  I77 A O19 
252 C C05 . I6W B 1  ? 0.11297 0.13303 0.12715 -0.01407 -0.00395 -0.05123 1   I6W B C05 
253 C C08 . I6W B 1  ? 0.11751 0.14069 0.14451 -0.00694 0.00223  -0.04788 1   I6W B C08 
254 C C09 . I6W B 1  ? 0.15691 0.12076 0.19181 -0.01524 0.01512  -0.04422 1   I6W B C09 
255 N N10 . I6W B 1  ? 0.24424 0.17598 0.23795 -0.04304 0.02157  0.02599  1   I6W B N10 
256 C C02 . I6W B 1  ? 0.04498 0.15895 0.12233 -0.00720 -0.00684 -0.02783 1   I6W B C02 
257 C C03 . I6W B 1  ? 0.04775 0.14121 0.10598 0.01287  -0.00075 -0.03996 1   I6W B C03 
258 C C04 . I6W B 1  ? 0.10254 0.15073 0.13115 -0.02777 0.00309  -0.05503 1   I6W B C04 
259 C C06 . I6W B 1  ? 0.09491 0.13966 0.13118 0.00187  0.01421  -0.01582 1   I6W B C06 
260 C C11 . I6W B 1  ? 0.24550 0.16387 0.19518 -0.06565 -0.00499 -0.00186 1   I6W B C11 
261 C C12 . I6W B 1  ? 0.20408 0.15357 0.18808 -0.03094 -0.00599 -0.00292 1   I6W B C12 
262 C C13 . I6W B 1  ? 0.21398 0.16253 0.20481 -0.02658 -0.01119 0.00967  1   I6W B C13 
263 C C15 . I6W B 1  ? 0.17818 0.15643 0.19959 0.03358  0.00744  0.03277  1   I6W B C15 
264 C C16 . I6W B 1  ? 0.18362 0.17699 0.14529 0.01671  0.00271  -0.00676 1   I6W B C16 
265 C C18 . I6W B 1  ? 0.15238 0.13942 0.18456 -0.00422 0.00436  -0.02810 1   I6W B C18 
266 C C19 . I6W B 1  ? 0.09006 0.12822 0.18678 -0.00135 -0.01984 -0.05253 1   I6W B C19 
267 N N07 . I6W B 1  ? 0.12378 0.16339 0.16298 -0.00039 0.02780  -0.02029 1   I6W B N07 
268 O O01 . I6W B 1  ? 0.04666 0.15268 0.13336 -0.00607 0.00332  -0.03281 1   I6W B O01 
269 O O14 . I6W B 1  ? 0.18434 0.15232 0.21219 0.01347  0.00476  0.00853  1   I6W B O14 
270 O O17 . I6W B 1  ? 0.23665 0.20543 0.24677 -0.06600 -0.02486 0.02643  1   I6W B O17 
282 N N   . LEU B 2  ? 0.05655 0.15531 0.08284 -0.00655 0.00424  -0.03168 2   LEU B N   
283 C CA  . LEU B 2  ? 0.04622 0.15550 0.08290 0.01679  -0.00142 -0.00584 2   LEU B CA  
284 C C   . LEU B 2  ? 0.04231 0.15386 0.07764 0.00891  -0.00665 -0.02769 2   LEU B C   
285 O O   . LEU B 2  ? 0.05378 0.12660 0.09695 0.01612  0.00221  -0.03347 2   LEU B O   
286 C CB  . LEU B 2  ? 0.07014 0.11789 0.08816 0.00869  0.01749  -0.03416 2   LEU B CB  
287 C CG  . LEU B 2  ? 0.07663 0.14548 0.13287 0.00399  0.01384  -0.02286 2   LEU B CG  
288 C CD1 . LEU B 2  ? 0.09110 0.16438 0.17936 0.00643  0.03344  -0.00829 2   LEU B CD1 
289 C CD2 . LEU B 2  ? 0.11146 0.24742 0.14177 -0.01567 0.01301  0.02688  2   LEU B CD2 
300 N N   . AIB B 3  ? 0.04760 0.15328 0.07382 0.01635  0.00446  -0.03210 3   AIB B N   
301 C CA  . AIB B 3  ? 0.04374 0.15604 0.07682 0.01672  -0.00365 -0.02413 3   AIB B CA  
302 C C   . AIB B 3  ? 0.04624 0.16059 0.07754 0.01215  -0.01207 -0.02167 3   AIB B C   
303 O O   . AIB B 3  ? 0.05017 0.14392 0.09179 0.00814  -0.00519 -0.03340 3   AIB B O   
304 C CB1 . AIB B 3  ? 0.06127 0.14224 0.11934 0.01391  0.01665  -0.02370 3   AIB B CB1 
305 C CB2 . AIB B 3  ? 0.05440 0.14872 0.08958 -0.00772 0.00890  -0.05273 3   AIB B CB2 
312 N N   . MET B 4  ? 0.04728 0.14047 0.08858 0.00723  -0.01643 -0.03990 4   MET B N   
313 C CA  . MET B 4  ? 0.06075 0.15918 0.11142 0.00484  -0.03137 -0.03309 4   MET B CA  
314 C C   . MET B 4  ? 0.05339 0.13540 0.09375 0.01535  -0.02687 -0.03240 4   MET B C   
315 O O   . MET B 4  ? 0.05656 0.13209 0.11268 0.00492  -0.02190 -0.03647 4   MET B O   
316 C CB  . MET B 4  ? 0.08660 0.16719 0.14704 -0.00304 -0.05854 -0.00237 4   MET B CB  
317 C CG  . MET B 4  ? 0.13490 0.20892 0.22891 0.01390  -0.04948 0.07354  4   MET B CG  
318 S SD  . MET B 4  ? 0.18384 0.22791 0.32892 0.00028  -0.04056 0.10179  4   MET B SD  
319 C CE  . MET B 4  ? 0.23472 0.28836 0.58392 0.02822  0.05874  0.17722  4   MET B CE  
328 N N   . AIB B 5  ? 0.05502 0.15059 0.09135 0.01345  -0.02600 -0.02735 5   AIB B N   
329 C CA  . AIB B 5  ? 0.06310 0.15799 0.10590 0.01736  -0.01794 -0.02145 5   AIB B CA  
330 C C   . AIB B 5  ? 0.05281 0.17047 0.09962 0.01005  -0.01493 -0.02090 5   AIB B C   
331 O O   . AIB B 5  ? 0.06238 0.16034 0.09556 0.00438  -0.01052 -0.03656 5   AIB B O   
332 C CB1 . AIB B 5  ? 0.09434 0.16313 0.11984 -0.01031 -0.02019 -0.03110 5   AIB B CB1 
333 C CB2 . AIB B 5  ? 0.06494 0.17232 0.09609 0.02492  -0.00612 -0.01785 5   AIB B CB2 
340 N N   . LEU B 6  ? 0.05473 0.17003 0.08961 0.00039  0.00494  -0.02849 6   LEU B N   
341 C CA  . LEU B 6  ? 0.04079 0.14889 0.13001 -0.00568 -0.01663 -0.00401 6   LEU B CA  
342 C C   . LEU B 6  ? 0.04095 0.12876 0.08377 -0.00358 -0.01688 -0.01947 6   LEU B C   
343 O O   . LEU B 6  ? 0.04546 0.15063 0.09459 -0.00992 -0.00899 -0.00694 6   LEU B O   
344 C CB  . LEU B 6  ? 0.04696 0.15807 0.16015 -0.01984 -0.01540 0.00236  6   LEU B CB  
345 C CG  . LEU B 6  ? 0.06811 0.19154 0.21385 -0.00763 0.01609  0.04184  6   LEU B CG  
346 C CD1 . LEU B 6  ? 0.07313 0.18789 0.19145 -0.03389 -0.02153 0.03300  6   LEU B CD1 
347 C CD2 . LEU B 6  ? 0.09826 0.19756 0.26922 -0.00297 0.04423  0.08073  6   LEU B CD2 
358 N N   . AIB B 7  ? 0.03676 0.13575 0.08098 0.00298  -0.00570 -0.02272 7   AIB B N   
359 C CA  . AIB B 7  ? 0.04190 0.16084 0.10053 0.00505  -0.00298 -0.00696 7   AIB B CA  
360 C C   . AIB B 7  ? 0.04928 0.14910 0.09102 -0.01325 -0.01801 -0.02035 7   AIB B C   
361 O O   . AIB B 7  ? 0.04747 0.16897 0.11491 -0.01822 -0.01057 -0.00614 7   AIB B O   
362 C CB1 . AIB B 7  ? 0.04812 0.16425 0.09719 -0.00973 0.00319  -0.03237 7   AIB B CB1 
363 C CB2 . AIB B 7  ? 0.05893 0.15954 0.09960 -0.00335 -0.00725 -0.00797 7   AIB B CB2 
370 N N   . GLN B 8  ? 0.04136 0.14154 0.10323 0.00332  -0.01449 -0.02217 8   GLN B N   
371 C CA  . GLN B 8  ? 0.05627 0.16655 0.14253 -0.00978 -0.02759 -0.00944 8   GLN B CA  
372 C C   . GLN B 8  ? 0.04644 0.12297 0.12219 -0.01301 -0.02117 -0.02389 8   GLN B C   
373 O O   . GLN B 8  ? 0.05768 0.14886 0.12085 -0.01245 -0.02868 0.00227  8   GLN B O   
374 C CB  . GLN B 8  ? 0.07211 0.15896 0.18910 -0.01138 -0.04973 -0.00973 8   GLN B CB  
375 C CG  . GLN B 8  ? 0.10049 0.14750 0.22664 -0.01507 -0.05929 0.00316  8   GLN B CG  
376 C CD  . GLN B 8  ? 0.12782 0.18699 0.32643 -0.04474 -0.06689 0.04521  8   GLN B CD  
377 O OE1 . GLN B 8  ? 0.16279 0.21574 0.43268 -0.06025 -0.05448 0.07250  8   GLN B OE1 
378 N NE2 . GLN B 8  ? 0.17135 0.22367 0.40119 -0.04350 -0.02042 0.09584  8   GLN B NE2 
386 N N   . AIB B 9  ? 0.04183 0.13526 0.08819 -0.00907 -0.01664 -0.01376 9   AIB B N   
387 C CA  . AIB B 9  ? 0.03936 0.14376 0.09383 -0.00234 -0.00265 -0.02797 9   AIB B CA  
388 C C   . AIB B 9  ? 0.04953 0.11354 0.06645 0.00443  -0.00626 -0.01815 9   AIB B C   
389 O O   . AIB B 9  ? 0.04110 0.12794 0.09950 -0.00409 -0.01836 -0.01596 9   AIB B O   
390 C CB1 . AIB B 9  ? 0.04020 0.14883 0.10869 0.00494  -0.00501 -0.01769 9   AIB B CB1 
391 C CB2 . AIB B 9  ? 0.04488 0.16168 0.09711 -0.01317 0.00718  -0.02531 9   AIB B CB2 
398 N N   . LEU B 10 ? 0.03551 0.12860 0.08166 -0.00306 0.00238  -0.02271 10  LEU B N   
399 C CA  . LEU B 10 ? 0.04054 0.13481 0.07637 0.00373  0.01067  -0.02347 10  LEU B CA  
400 C C   . LEU B 10 ? 0.04455 0.12785 0.11553 -0.00166 0.02047  -0.03010 10  LEU B C   
401 O O   . LEU B 10 ? 0.05089 0.12848 0.09311 -0.00204 -0.00122 -0.00835 10  LEU B O   
402 C CB  . LEU B 10 ? 0.06029 0.16545 0.07802 -0.00612 0.00652  -0.00650 10  LEU B CB  
403 C CG  . LEU B 10 ? 0.06241 0.13023 0.06373 -0.00172 0.00619  -0.04301 10  LEU B CG  
404 C CD1 . LEU B 10 ? 0.07283 0.14872 0.08837 0.00847  0.02271  -0.01729 10  LEU B CD1 
405 C CD2 . LEU B 10 ? 0.07354 0.13925 0.10594 -0.01038 0.00107  -0.01828 10  LEU B CD2 
416 C C11 . I77 B 11 ? 0.03934 0.14232 0.11473 -0.00544 -0.00082 -0.02357 11  I77 B C11 
417 C C12 . I77 B 11 ? 0.04704 0.13638 0.12440 -0.00036 0.00817  -0.00956 11  I77 B C12 
418 C C13 . I77 B 11 ? 0.04511 0.15423 0.08535 -0.00476 -0.01510 -0.01481 11  I77 B C13 
419 C C17 . I77 B 11 ? 0.05095 0.16558 0.13971 0.00559  0.01493  0.01246  11  I77 B C17 
420 C C18 . I77 B 11 ? 0.03403 0.12236 0.11278 0.01045  0.00333  -0.00156 11  I77 B C18 
421 C C02 . I77 B 11 ? 0.04263 0.15924 0.09525 0.00635  0.00128  -0.02571 11  I77 B C02 
422 C C03 . I77 B 11 ? 0.05965 0.13559 0.09248 -0.00292 0.00419  -0.02898 11  I77 B C03 
423 C C04 . I77 B 11 ? 0.04872 0.12688 0.13108 -0.00062 -0.00595 -0.01095 11  I77 B C04 
424 C C05 . I77 B 11 ? 0.04245 0.11806 0.09678 0.01212  0.01184  -0.03158 11  I77 B C05 
425 C C06 . I77 B 11 ? 0.05236 0.15028 0.12135 0.00728  0.01762  -0.01374 11  I77 B C06 
426 C C08 . I77 B 11 ? 0.04250 0.13360 0.09648 0.00222  0.01118  -0.03676 11  I77 B C08 
427 C C09 . I77 B 11 ? 0.03890 0.14737 0.12081 0.00040  0.00644  -0.01416 11  I77 B C09 
428 N N01 . I77 B 11 ? 0.07874 0.14286 0.13043 0.00689  0.02762  -0.02530 11  I77 B N01 
429 N N07 . I77 B 11 ? 0.08542 0.15118 0.16783 -0.01409 0.03920  -0.01692 11  I77 B N07 
430 N N10 . I77 B 11 ? 0.05762 0.18598 0.12481 -0.01814 0.00434  -0.01175 11  I77 B N10 
431 N N14 . I77 B 11 ? 0.05030 0.13098 0.12976 0.00502  0.01259  -0.01577 11  I77 B N14 
432 N N15 . I77 B 11 ? 0.04145 0.14576 0.11043 -0.00128 0.01469  -0.01780 11  I77 B N15 
433 O O16 . I77 B 11 ? 0.07262 0.13346 0.11610 0.00163  0.00882  -0.01770 11  I77 B O16 
434 O O19 . I77 B 11 ? 0.06668 0.12794 0.15339 -0.00237 0.02719  -0.02334 11  I77 B O19 
445 C C05 . I6W C 1  ? 0.07062 0.12687 0.11575 -0.00560 0.00850  -0.05894 1   I6W C C05 
446 C C08 . I6W C 1  ? 0.06455 0.15567 0.12022 -0.01086 -0.01537 -0.05512 1   I6W C C08 
447 C C09 . I6W C 1  ? 0.09811 0.14428 0.14508 -0.00755 -0.01347 -0.06984 1   I6W C C09 
448 N N10 . I6W C 1  ? 0.13819 0.14362 0.26421 -0.01169 0.00325  -0.03092 1   I6W C N10 
449 C C02 . I6W C 1  ? 0.04149 0.15801 0.12110 0.00209  -0.00685 -0.01517 1   I6W C C02 
450 C C03 . I6W C 1  ? 0.04428 0.16786 0.08664 0.00230  -0.00565 -0.02319 1   I6W C C03 
451 C C04 . I6W C 1  ? 0.06137 0.16543 0.10386 -0.00880 -0.00400 -0.03064 1   I6W C C04 
452 C C06 . I6W C 1  ? 0.07452 0.13395 0.11336 0.02205  0.02831  -0.02908 1   I6W C C06 
453 C C11 . I6W C 1  ? 0.13170 0.16918 0.18599 -0.01513 -0.05079 -0.01845 1   I6W C C11 
454 C C12 . I6W C 1  ? 0.14705 0.15510 0.20222 0.00252  -0.03068 -0.01370 1   I6W C C12 
455 C C13 . I6W C 1  ? 0.17426 0.13739 0.28094 0.01175  -0.00243 -0.00981 1   I6W C C13 
456 C C15 . I6W C 1  ? 0.16629 0.15469 0.22414 0.01098  -0.03894 0.02042  1   I6W C C15 
457 C C16 . I6W C 1  ? 0.18355 0.16242 0.15572 0.01574  -0.03884 0.00749  1   I6W C C16 
458 C C18 . I6W C 1  ? 0.13497 0.14541 0.16221 0.01398  -0.01607 -0.02829 1   I6W C C18 
459 C C19 . I6W C 1  ? 0.11472 0.14323 0.11765 0.00448  -0.02259 -0.05201 1   I6W C C19 
460 N N07 . I6W C 1  ? 0.08200 0.19152 0.13309 -0.00118 0.02439  -0.04577 1   I6W C N07 
461 O O01 . I6W C 1  ? 0.04351 0.13487 0.11537 -0.00183 -0.00409 -0.04572 1   I6W C O01 
462 O O14 . I6W C 1  ? 0.17719 0.11293 0.23352 0.01386  0.00159  -0.02373 1   I6W C O14 
463 O O17 . I6W C 1  ? 0.19945 0.14978 0.32881 0.01428  0.01892  -0.01446 1   I6W C O17 
475 N N   . LEU C 2  ? 0.04676 0.13002 0.10695 0.00657  0.01592  -0.03779 2   LEU C N   
476 C CA  . LEU C 2  ? 0.04247 0.14967 0.09313 0.01501  0.00733  -0.01526 2   LEU C CA  
477 C C   . LEU C 2  ? 0.04851 0.12152 0.08265 -0.00829 -0.00557 -0.05024 2   LEU C C   
478 O O   . LEU C 2  ? 0.04115 0.12988 0.09188 0.00793  -0.00429 -0.04652 2   LEU C O   
479 C CB  . LEU C 2  ? 0.04826 0.15379 0.09417 -0.01313 -0.00397 -0.03108 2   LEU C CB  
480 C CG  . LEU C 2  ? 0.05412 0.15370 0.08260 -0.02093 -0.01398 -0.02421 2   LEU C CG  
481 C CD1 . LEU C 2  ? 0.10481 0.20483 0.10289 -0.06793 0.00217  -0.02548 2   LEU C CD1 
482 C CD2 . LEU C 2  ? 0.08124 0.14271 0.14108 -0.02544 0.01952  -0.04106 2   LEU C CD2 
493 N N   . AIB C 3  ? 0.04078 0.12363 0.07976 0.01097  -0.00726 -0.04932 3   AIB C N   
494 C CA  . AIB C 3  ? 0.04457 0.15034 0.07960 0.00848  -0.00131 -0.04015 3   AIB C CA  
495 C C   . AIB C 3  ? 0.04278 0.14868 0.09443 0.00624  -0.01368 -0.02206 3   AIB C C   
496 O O   . AIB C 3  ? 0.04591 0.15694 0.10494 -0.00025 -0.01277 -0.03068 3   AIB C O   
497 C CB1 . AIB C 3  ? 0.05222 0.13766 0.11519 0.01375  0.01755  -0.03701 3   AIB C CB1 
498 C CB2 . AIB C 3  ? 0.05770 0.15598 0.07231 -0.01648 -0.00481 -0.04368 3   AIB C CB2 
505 N N   A MET C 4  ? 0.04439 0.14001 0.12180 -0.00672 -0.02621 -0.00720 4   MET C N   
506 N N   B MET C 4  ? 0.04773 0.13597 0.13369 0.01156  0.00157  -0.02432 4   MET C N   
507 C CA  A MET C 4  ? 0.05070 0.15630 0.14326 -0.01198 -0.03196 -0.00261 4   MET C CA  
508 C CA  B MET C 4  ? 0.04625 0.12879 0.12578 0.00852  -0.00335 -0.04148 4   MET C CA  
509 C C   A MET C 4  ? 0.04373 0.14788 0.14618 -0.00568 0.00249  -0.02634 4   MET C C   
510 C C   B MET C 4  ? 0.05252 0.11382 0.11465 0.00563  0.01188  -0.05598 4   MET C C   
511 O O   A MET C 4  ? 0.04121 0.14980 0.15190 -0.01733 -0.00737 -0.00081 4   MET C O   
512 O O   B MET C 4  ? 0.04053 0.10488 0.09965 -0.00041 0.00064  -0.05975 4   MET C O   
513 C CB  A MET C 4  ? 0.09275 0.22083 0.23282 -0.01474 -0.00398 0.06445  4   MET C CB  
514 C CB  B MET C 4  ? 0.08170 0.09956 0.12863 -0.00347 -0.01120 -0.04803 4   MET C CB  
515 C CG  A MET C 4  ? 0.12327 0.25790 0.28480 -0.02716 0.00208  0.09771  4   MET C CG  
516 C CG  B MET C 4  ? 0.10104 0.12168 0.21473 0.00263  -0.01014 0.01642  4   MET C CG  
517 S SD  A MET C 4  ? 0.15222 0.26706 0.30589 -0.03222 0.01964  0.09840  4   MET C SD  
518 S SD  B MET C 4  ? 0.13354 0.13745 0.25090 -0.00471 0.00545  0.02640  4   MET C SD  
519 C CE  A MET C 4  ? 0.13183 0.26156 0.24880 -0.02741 0.00036  0.06888  4   MET C CE  
520 C CE  B MET C 4  ? 0.09878 0.09756 0.13427 -0.02029 -0.06497 0.01040  4   MET C CE  
537 N N   . AIB C 5  ? 0.04403 0.13076 0.11142 -0.00156 -0.00203 -0.05301 5   AIB C N   
538 C CA  . AIB C 5  ? 0.04331 0.14700 0.10320 -0.00243 -0.00001 -0.04249 5   AIB C CA  
539 C C   . AIB C 5  ? 0.05847 0.14216 0.06866 -0.01018 0.01200  -0.04839 5   AIB C C   
540 O O   . AIB C 5  ? 0.04682 0.14710 0.07761 -0.00454 -0.00076 -0.02955 5   AIB C O   
541 C CB1 . AIB C 5  ? 0.04892 0.14705 0.12582 -0.00718 -0.01373 -0.03937 5   AIB C CB1 
542 C CB2 . AIB C 5  ? 0.05154 0.16932 0.09298 0.00288  0.01376  -0.03512 5   AIB C CB2 
549 N N   . LEU C 6  ? 0.05302 0.12949 0.07364 -0.00205 0.01898  -0.03743 6   LEU C N   
550 C CA  . LEU C 6  ? 0.04607 0.12000 0.08749 -0.00340 0.01508  -0.04598 6   LEU C CA  
551 C C   . LEU C 6  ? 0.04200 0.12137 0.08143 -0.01815 -0.00609 -0.02808 6   LEU C C   
552 O O   . LEU C 6  ? 0.04046 0.14280 0.07976 -0.01058 0.00339  -0.01816 6   LEU C O   
553 C CB  . LEU C 6  ? 0.04289 0.14260 0.08473 -0.00798 -0.00611 -0.02928 6   LEU C CB  
554 C CG  . LEU C 6  ? 0.06021 0.12752 0.09584 -0.00311 0.00038  -0.04789 6   LEU C CG  
555 C CD1 . LEU C 6  ? 0.06698 0.14911 0.11866 -0.00841 0.01100  -0.03359 6   LEU C CD1 
556 C CD2 . LEU C 6  ? 0.07306 0.14425 0.08082 0.00006  -0.00641 -0.02284 6   LEU C CD2 
567 N N   . AIB C 7  ? 0.05198 0.13833 0.06890 0.00063  0.00850  -0.02982 7   AIB C N   
568 C CA  . AIB C 7  ? 0.04196 0.13853 0.07615 0.00075  0.00081  -0.03108 7   AIB C CA  
569 C C   . AIB C 7  ? 0.04940 0.12827 0.06200 -0.00181 0.00901  -0.03742 7   AIB C C   
570 O O   . AIB C 7  ? 0.03697 0.12745 0.10223 -0.00705 0.00816  -0.02416 7   AIB C O   
571 C CB1 . AIB C 7  ? 0.05215 0.13294 0.09739 0.00916  0.02218  -0.02796 7   AIB C CB1 
572 C CB2 . AIB C 7  ? 0.06693 0.12658 0.07693 0.00118  0.02034  -0.03333 7   AIB C CB2 
579 N N   . GLN C 8  ? 0.04776 0.12403 0.07358 -0.00874 -0.00363 -0.02129 8   GLN C N   
580 C CA  . GLN C 8  ? 0.03748 0.12747 0.07444 -0.00013 -0.00713 -0.03186 8   GLN C CA  
581 C C   . GLN C 8  ? 0.03434 0.11960 0.09852 -0.00235 -0.00206 -0.02540 8   GLN C C   
582 O O   . GLN C 8  ? 0.03953 0.12896 0.09476 -0.00142 -0.00728 -0.01353 8   GLN C O   
583 C CB  . GLN C 8  ? 0.04611 0.14689 0.12175 0.00027  0.00723  -0.04447 8   GLN C CB  
584 C CG  . GLN C 8  ? 0.06277 0.15817 0.11457 0.00310  0.00050  -0.03760 8   GLN C CG  
585 C CD  . GLN C 8  ? 0.07825 0.15087 0.09936 0.01516  0.00435  -0.04179 8   GLN C CD  
586 O OE1 . GLN C 8  ? 0.08249 0.16769 0.16372 0.01987  0.01301  -0.02555 8   GLN C OE1 
587 N NE2 . GLN C 8  ? 0.08708 0.15070 0.09824 0.02016  0.00912  -0.03052 8   GLN C NE2 
595 N N   . AIB C 9  ? 0.03566 0.12015 0.10237 -0.01130 -0.00424 -0.02014 9   AIB C N   
596 C CA  . AIB C 9  ? 0.03846 0.14775 0.09080 -0.00372 -0.00214 -0.01572 9   AIB C CA  
597 C C   . AIB C 9  ? 0.04638 0.13824 0.10487 0.00600  0.01131  -0.01440 9   AIB C C   
598 O O   . AIB C 9  ? 0.04198 0.13370 0.11061 -0.00956 -0.01805 0.00866  9   AIB C O   
599 C CB1 . AIB C 9  ? 0.05345 0.15190 0.06980 -0.00334 0.00544  -0.02505 9   AIB C CB1 
600 C CB2 . AIB C 9  ? 0.04027 0.16001 0.09179 0.00462  0.00136  0.00118  9   AIB C CB2 
607 N N   . LEU C 10 ? 0.04554 0.14339 0.11926 0.01141  0.00969  -0.00843 10  LEU C N   
608 C CA  . LEU C 10 ? 0.04426 0.16046 0.09889 0.01020  -0.01340 -0.00508 10  LEU C CA  
609 C C   . LEU C 10 ? 0.04342 0.16089 0.11555 0.00996  0.00656  -0.01667 10  LEU C C   
610 O O   . LEU C 10 ? 0.04922 0.15363 0.11316 0.00901  -0.00158 -0.01198 10  LEU C O   
611 C CB  . LEU C 10 ? 0.06638 0.16370 0.15261 0.00361  -0.00629 -0.00527 10  LEU C CB  
612 C CG  . LEU C 10 ? 0.11653 0.16948 0.25975 0.00452  0.02479  0.03537  10  LEU C CG  
613 C CD1 . LEU C 10 ? 0.12755 0.19188 0.32146 -0.02358 -0.00190 0.06714  10  LEU C CD1 
614 C CD2 . LEU C 10 ? 0.17767 0.15137 0.24681 0.00896  0.08965  0.01678  10  LEU C CD2 
625 C C11 A I77 C 11 ? 0.06100 0.14715 0.14826 0.00731  0.02608  -0.00844 11  I77 C C11 
626 C C11 B I77 C 11 ? 0.08372 0.09007 0.09835 0.00645  -0.01014 -0.00658 11  I77 C C11 
627 C C12 A I77 C 11 ? 0.04465 0.14458 0.10196 -0.00273 0.00230  -0.01723 11  I77 C C12 
628 C C12 B I77 C 11 ? 0.07299 0.11899 0.08503 0.01200  -0.01958 0.01624  11  I77 C C12 
629 C C13 A I77 C 11 ? 0.04056 0.12166 0.10386 0.00171  0.00828  -0.01905 11  I77 C C13 
630 C C13 B I77 C 11 ? 0.07440 0.12396 0.11671 0.02031  0.00781  0.01079  11  I77 C C13 
631 C C17 A I77 C 11 ? 0.04324 0.16896 0.09288 0.00742  0.00368  -0.00665 11  I77 C C17 
632 C C17 B I77 C 11 ? 0.08194 0.10892 0.05874 0.02794  -0.01335 0.02900  11  I77 C C17 
633 C C18 A I77 C 11 ? 0.03987 0.15377 0.08043 0.01082  0.00163  -0.00436 11  I77 C C18 
634 C C18 B I77 C 11 ? 0.08917 0.10991 0.04892 0.01996  -0.01687 0.02463  11  I77 C C18 
635 C C02 A I77 C 11 ? 0.07050 0.11912 0.08413 0.00085  0.04024  -0.02157 11  I77 C C02 
636 C C02 B I77 C 11 ? 0.22901 0.07366 0.11762 -0.04317 0.01851  0.00328  11  I77 C C02 
637 C C03 A I77 C 11 ? 0.07496 0.11313 0.07930 0.00440  0.03644  -0.02890 11  I77 C C03 
638 C C03 B I77 C 11 ? 0.17835 0.08534 0.11166 -0.02136 -0.00427 0.02333  11  I77 C C03 
639 C C04 A I77 C 11 ? 0.08369 0.17121 0.09704 0.03087  0.04010  0.02924  11  I77 C C04 
640 C C04 B I77 C 11 ? 0.15931 0.11104 0.09520 -0.00554 -0.01510 0.05355  11  I77 C C04 
641 C C05 A I77 C 11 ? 0.07973 0.16615 0.09671 0.02761  0.03938  0.02863  11  I77 C C05 
642 C C05 B I77 C 11 ? 0.13748 0.11678 0.10496 0.00087  -0.02135 0.06190  11  I77 C C05 
643 C C06 A I77 C 11 ? 0.09406 0.14527 0.13838 0.00932  0.06337  0.00875  11  I77 C C06 
644 C C06 B I77 C 11 ? 0.15478 0.11294 0.13113 -0.01661 -0.00789 0.03245  11  I77 C C06 
645 C C08 A I77 C 11 ? 0.05508 0.15997 0.10539 0.01233  0.02949  0.00753  11  I77 C C08 
646 C C08 B I77 C 11 ? 0.11607 0.11023 0.09845 -0.00561 -0.02383 0.02447  11  I77 C C08 
647 C C09 A I77 C 11 ? 0.04396 0.15075 0.10320 0.00295  0.01707  -0.01617 11  I77 C C09 
648 C C09 B I77 C 11 ? 0.09491 0.09622 0.09120 0.00331  -0.01607 0.00426  11  I77 C C09 
649 N N01 A I77 C 11 ? 0.04527 0.09207 0.05941 0.00818  0.02718  -0.00086 11  I77 C N01 
650 N N01 B I77 C 11 ? 0.23778 0.08081 0.15623 -0.03536 0.02851  0.02441  11  I77 C N01 
651 N N07 A I77 C 11 ? 0.07900 0.12774 0.14477 0.00052  0.04908  -0.00678 11  I77 C N07 
652 N N07 B I77 C 11 ? 0.13311 0.10190 0.12292 -0.00623 -0.01173 0.02060  11  I77 C N07 
653 N N10 A I77 C 11 ? 0.08278 0.15938 0.18132 -0.00235 0.05227  -0.00177 11  I77 C N10 
654 N N10 B I77 C 11 ? 0.09595 0.08747 0.11927 0.00190  0.00104  -0.00979 11  I77 C N10 
655 N N14 A I77 C 11 ? 0.04001 0.15655 0.12478 -0.00320 -0.00652 0.00607  11  I77 C N14 
656 N N14 B I77 C 11 ? 0.05029 0.11726 0.05708 0.02698  -0.00109 -0.02148 11  I77 C N14 
657 N N15 A I77 C 11 ? 0.04626 0.16698 0.08548 -0.00848 -0.01219 -0.00647 11  I77 C N15 
658 N N15 B I77 C 11 ? 0.03815 0.12820 0.07887 0.01761  -0.00681 -0.01912 11  I77 C N15 
659 O O16 A I77 C 11 ? 0.05354 0.11325 0.11324 -0.02903 -0.00328 -0.01973 11  I77 C O16 
660 O O16 B I77 C 11 ? 0.07233 0.07852 0.07293 -0.00563 -0.00730 -0.04375 11  I77 C O16 
661 O O19 A I77 C 11 ? 0.07321 0.13116 0.11461 0.01520  0.03833  -0.00771 11  I77 C O19 
662 O O19 B I77 C 11 ? 0.23557 0.11676 0.12816 -0.06054 -0.00365 0.04377  11  I77 C O19 
683 N N   . CCN D .  ? 0.11278 0.14802 0.25630 0.03128  0.01388  -0.01930 201 CCN A N   
684 C C1  . CCN D .  ? 0.09444 0.14092 0.19462 0.02919  -0.00003 -0.06057 201 CCN A C1  
685 C C2  . CCN D .  ? 0.11401 0.17705 0.23320 0.02563  0.01342  -0.04158 201 CCN A C2  
689 O O   . HOH E .  ? 0.09207 0.17586 0.21758 0.02583  -0.00493 0.02279  201 HOH B O   
690 O O   . HOH F .  ? 0.08366 0.13156 0.09849 0.01114  0.03481  -0.03271 201 HOH C O   
691 O O   . HOH F .  ? 0.06814 0.21184 0.14877 -0.02256 -0.00950 0.01667  202 HOH C O   
692 O O   . HOH F .  ? 0.46010 0.54218 0.50099 0.10323  -0.12138 -0.13829 203 HOH C O   
693 O O   . HOH F .  ? 0.23559 0.43359 0.35703 -0.05166 0.02574  -0.09692 204 HOH C O   
# 
